data_7W9T
#
_entry.id   7W9T
#
loop_
_entity.id
_entity.type
_entity.pdbx_description
1 polymer 'Sodium channel protein type 9 subunit alpha'
2 polymer 'Sodium channel subunit beta-1'
3 polymer 'Sodium channel subunit beta-2'
4 branched 2-acetamido-2-deoxy-beta-D-glucopyranose-(1-4)-2-acetamido-2-deoxy-beta-D-glucopyranose
5 non-polymer '[(3aS,4R,10aS)-2,6-diamino-10,10-dihydroxy-3a,4,9,10-tetrahydro-3H,8H-pyrrolo[1,2-c]purin-4-yl]methyl carbamate'
6 non-polymer 2-acetamido-2-deoxy-beta-D-glucopyranose
7 non-polymer O-[(R)-{[(2R)-2,3-bis(octadecanoyloxy)propyl]oxy}(hydroxy)phosphoryl]-L-serine
8 non-polymer 'CHOLESTEROL HEMISUCCINATE'
9 non-polymer (3beta,14beta,17beta,25R)-3-[4-methoxy-3-(methoxymethyl)butoxy]spirost-5-en
10 non-polymer 1-O-OCTADECYL-SN-GLYCERO-3-PHOSPHOCHOLINE
11 non-polymer 1,2-DIOLEOYL-SN-GLYCERO-3-PHOSPHOCHOLINE
#
loop_
_entity_poly.entity_id
_entity_poly.type
_entity_poly.pdbx_seq_one_letter_code
_entity_poly.pdbx_strand_id
1 'polypeptide(L)'
;MASWSHPQFEKGGGARGGSGGGSWSHPQFEKGFDYKDDDDKGTMAMLPPPGPQSFVHFTKQSLALIEQRIAERKSKEPKE
EKKDDDEEAPKPSSDLEAGKQLPFIYGDIPPGMVSEPLEDLDPYYADKKTFIVLNKGKTIFRFNATPALYMLSPFSPLRR
ISIKILVHSLFSMLIMCTILTNCIFMTMNNPPDWTKNVEYTFTGIYTFESLVKILARGFCVGEFTFLRDPWNWLDFVVIV
FAYLTEFVNLGNVSALRTFRVLRALKTISVIPGLKTIVGALIQSVKKLSDVMILTVFCLSVFALIGLQLFMGNLKHKCFR
NSLENNETLESIMNTLESEEDFRKYFYYLEGSKDALLCGFSTDSGQCPEGYTCVKIGRNPDYGYTSFDTFSWAFLALFRL
MTQDYWENLYQQTLRAAGKTYMIFFVVVIFLGSFYLINLILAVVAMAYKEQNQANIEEAKQKELEFQQMLDRLKKEQEEA
EAIAAAAAEYTSIRRSRIMGLSESSSETSKLSSKSAKERRNRRKKKNQKKLSSGEEKGDAEKLSKSESEDSIRRKSFHLG
VEGHRRAHEKRLSTPNQSPLSIRGSLFSARRSSRTSLFSFKGRGRDIGSETEFADDEHSIFGDNESRRGSLFVPHRPQER
RSSNISQASRSPPMLPVNGKMHSAVDCNGVVSLVDGRSALMLPNGQLLPEVIIDKATSDDSGTTNQIHKKRRCSSYLLSE
DMLNDPNLRQRAMSRASILTNTVEELEESRQKCPPWWYRFAHKFLIWNCSPYWIKFKKCIYFIVMDPFVDLAITICIVLN
TLFMAMEHHPMTEEFKNVLAIGNLVFTGIFAAEMVLKLIAMDPYEYFQVGWNIFDSLIVTLSLVELFLADVEGLSVLRSF
RLLRVFKLAKSWPTLNMLIKIIGNSVGALGNLTLVLAIIVFIFAVVGMQLFGKSYKECVCKINDDCTLPRWHMNDFFHSF
LIVFRVLCGEWIETMWDCMEVAGQAMCLIVYMMVMVIGNLVVLNLFLALLLSSFSSDNLTAIEEDPDANNLQIAVTRIKK
GINYVKQTLREFILKAFSKKPKISREIRQAEDLNTKKENYISNHTLAEMSKGHNFLKEKDKISGFGSSVDKHLMEDSDGQ
SFIHNPSLTVTVPIAPGESDLENMNAEELSSDSDSEYSKVRLNRSSSSECSTVDNPLPGEGEEAEAEPMNSDEPEACFTD
GCVWRFSCCQVNIESGKGKIWWNIRKTCYKIVEHSWFESFIVLMILLSSGALAFEDIYIERKKTIKIILEYADKIFTYIF
ILEMLLKWIAYGYKTYFTNAWCWLDFLIVDVSLVTLVANTLGYSDLGPIKSLRTLRALRPLRALSRFEGMRVVVNALIGA
IPSIMNVLLVCLIFWLIFSIMGVNLFAGKFYECINTTDGSRFPASQVPNRSECFALMNVSQNVRWKNLKVNFDNVGLGYL
SLLQVATFKGWTIIMYAAVDSVNVDKQPKYEYSLYMYIYFVVFIIFGSFFTLNLFIGVIIDNFNQQKKKLGGQDIFMTEE
QKKYYNAMKKLGSKKPQKPIPRPGNKIQGCIFDLVTNQAFDISIMVLICLNMVTMMVEKEGQSQHMTEVLYWINVVFIIL
FTGECVLKLISLRHYYFTVGWNIFDFVVVIISIVGMFLADLIETYFVSPTLFRVIRLARIGRILRLVKGAKGIRTLLFAL
MMSLPALFNIGLLLFLVMFIYAIFGMSNFAYVKKEDGINDMFNFETFGNSMICLFQITTSAGWDGLLAPILNSKPPDCDP
KKVHPGSSVEGDCGNPSVGIFYFVSYIIISFLVVVNMYIAVILENFSVATEESTEPLSEDDFEMFYEVWEKFDPDATQFI
EFSKLSDFAAALDPPLLIAKPNKVQLIAMDLPMVSGDRIHCLDILFAFTKRVLGESGEMDSLRSQMEERFMSANPSKVSY
EPITTTLKRKQEDVSATVIQRAYRRYRLRQNVKNISSIYIKDGDRDDDLLNKKDMAFDNVNENSSPEKTDATSSTTSPPS
YDSVTKPDKEKYEQDRTEKEDKGKDSKESKK
;
A
2 'polypeptide(L)'
;MGRLLALVVGAALVSSACGGCVEVDSETEAVYGMTFKILCISCKRRSETNAETFTEWTFRQKGTEEFVKILRYENEVLQL
EEDERFEGRVVWNGSRGTKDLQDLSIFITNVTYNHSGDYECHVYRLLFFENYEHNTSVVKKIHIEVVDKANRDMASIVSE
IMMYVLIVVLTIWLVAEMIYCYKKIAAATETAAQENASEYLAITSESKENCTGVQVAE
;
B
3 'polypeptide(L)'
;MHRDAWLPRPAFSLTGLSLFFSLVPPGRSMEVTVPATLNVLNGSDARLPCTFNSCYTVNHKQFSLNWTYQECNNCSEEMF
LQFRMKIINLKLERFQDRVEFSGNPSKYDVSVMLRNVQPEDEGIYNCYIMNPPDRHRGHGKIHLQVLMEEPPERDSTVAV
IVGASVGGFLAVVILVLMVVKCVRRKKEQKLSTDDLKTEEEGKTDGEGNPDDGAK
;
C
#
# COMPACT_ATOMS: atom_id res chain seq x y z
N GLY A 51 -0.07 -22.03 53.55
CA GLY A 51 -0.57 -21.68 54.87
C GLY A 51 -1.96 -21.09 54.84
N PRO A 52 -2.97 -21.96 54.73
CA PRO A 52 -4.36 -21.48 54.63
C PRO A 52 -4.77 -20.60 55.79
N GLN A 53 -4.19 -20.78 56.97
CA GLN A 53 -4.49 -19.97 58.14
C GLN A 53 -3.28 -19.12 58.53
N SER A 54 -2.61 -18.56 57.54
CA SER A 54 -1.48 -17.66 57.76
C SER A 54 -1.96 -16.26 57.44
N PHE A 55 -2.60 -15.65 58.43
CA PHE A 55 -3.06 -14.26 58.36
C PHE A 55 -2.71 -13.64 59.70
N VAL A 56 -1.93 -12.56 59.67
CA VAL A 56 -1.34 -11.98 60.87
C VAL A 56 -1.28 -10.47 60.69
N HIS A 57 -1.98 -9.73 61.54
CA HIS A 57 -1.92 -8.27 61.52
C HIS A 57 -0.49 -7.81 61.71
N PHE A 58 0.01 -7.03 60.76
CA PHE A 58 1.35 -6.45 60.88
C PHE A 58 1.41 -5.59 62.13
N THR A 59 2.22 -6.00 63.11
CA THR A 59 2.28 -5.32 64.40
C THR A 59 3.71 -4.93 64.73
N LYS A 60 3.83 -4.04 65.72
CA LYS A 60 5.14 -3.56 66.16
C LYS A 60 6.05 -4.70 66.56
N GLN A 61 5.50 -5.75 67.15
CA GLN A 61 6.32 -6.92 67.49
C GLN A 61 6.83 -7.60 66.23
N SER A 62 5.99 -7.71 65.21
CA SER A 62 6.45 -8.26 63.95
C SER A 62 7.56 -7.42 63.34
N LEU A 63 7.42 -6.10 63.42
CA LEU A 63 8.47 -5.21 62.90
C LEU A 63 9.76 -5.38 63.69
N ALA A 64 9.64 -5.53 65.01
CA ALA A 64 10.82 -5.75 65.83
C ALA A 64 11.51 -7.05 65.46
N LEU A 65 10.73 -8.11 65.21
CA LEU A 65 11.32 -9.38 64.78
C LEU A 65 12.01 -9.22 63.43
N ILE A 66 11.39 -8.47 62.51
CA ILE A 66 12.00 -8.22 61.21
C ILE A 66 13.37 -7.57 61.40
N GLU A 67 13.41 -6.47 62.15
CA GLU A 67 14.65 -5.73 62.32
C GLU A 67 15.69 -6.57 63.07
N GLN A 68 15.24 -7.38 64.03
CA GLN A 68 16.14 -8.26 64.76
C GLN A 68 16.79 -9.26 63.81
N ARG A 69 15.98 -9.93 62.99
CA ARG A 69 16.53 -10.90 62.05
C ARG A 69 17.43 -10.22 61.03
N ILE A 70 17.10 -9.00 60.64
CA ILE A 70 17.93 -8.28 59.69
C ILE A 70 19.29 -7.96 60.30
N ALA A 71 19.30 -7.51 61.56
CA ALA A 71 20.55 -7.31 62.26
C ALA A 71 21.33 -8.60 62.37
N GLU A 72 20.62 -9.73 62.55
CA GLU A 72 21.28 -11.03 62.55
C GLU A 72 21.95 -11.31 61.21
N ARG A 73 21.27 -11.00 60.11
CA ARG A 73 21.82 -11.26 58.78
C ARG A 73 23.04 -10.39 58.53
N LYS A 74 22.93 -9.09 58.78
CA LYS A 74 24.04 -8.17 58.54
C LYS A 74 25.25 -8.50 59.39
N SER A 75 25.05 -9.18 60.52
CA SER A 75 26.17 -9.58 61.38
C SER A 75 26.86 -10.85 60.92
N LYS A 76 26.34 -11.51 59.87
CA LYS A 76 26.94 -12.73 59.34
C LYS A 76 27.59 -12.51 57.99
N GLU A 77 27.70 -11.27 57.53
CA GLU A 77 28.20 -10.98 56.19
C GLU A 77 29.50 -10.20 56.27
N PRO A 90 17.83 -16.54 45.89
CA PRO A 90 16.39 -16.80 45.99
C PRO A 90 15.54 -15.70 45.34
N LYS A 91 14.36 -16.07 44.86
CA LYS A 91 13.50 -15.15 44.14
C LYS A 91 12.11 -15.12 44.76
N PRO A 92 11.36 -14.03 44.56
CA PRO A 92 10.00 -13.98 45.09
C PRO A 92 9.07 -14.95 44.37
N SER A 93 8.19 -15.57 45.16
CA SER A 93 7.13 -16.39 44.57
C SER A 93 6.21 -15.51 43.74
N SER A 94 6.22 -15.69 42.43
CA SER A 94 5.45 -14.82 41.54
C SER A 94 3.95 -14.93 41.75
N ASP A 95 3.48 -15.94 42.48
CA ASP A 95 2.06 -16.04 42.76
C ASP A 95 1.62 -15.15 43.90
N LEU A 96 2.49 -14.88 44.87
CA LEU A 96 2.22 -13.92 45.92
C LEU A 96 2.67 -12.52 45.54
N GLU A 97 3.28 -12.36 44.38
CA GLU A 97 3.72 -11.05 43.93
C GLU A 97 2.55 -10.11 43.80
N ALA A 98 2.79 -8.84 44.13
CA ALA A 98 1.73 -7.85 44.13
C ALA A 98 1.15 -7.69 42.72
N GLY A 99 -0.07 -7.17 42.66
CA GLY A 99 -0.79 -7.06 41.42
C GLY A 99 -1.52 -8.31 40.99
N LYS A 100 -1.15 -9.47 41.54
CA LYS A 100 -1.78 -10.72 41.20
C LYS A 100 -2.92 -11.01 42.17
N GLN A 101 -3.50 -12.19 42.07
CA GLN A 101 -4.61 -12.60 42.92
C GLN A 101 -4.14 -13.64 43.93
N LEU A 102 -4.71 -13.58 45.11
CA LEU A 102 -4.32 -14.49 46.17
C LEU A 102 -4.71 -15.91 45.80
N PRO A 103 -3.82 -16.89 45.96
CA PRO A 103 -4.19 -18.28 45.70
C PRO A 103 -5.30 -18.73 46.64
N PHE A 104 -6.21 -19.54 46.11
CA PHE A 104 -7.33 -20.03 46.91
C PHE A 104 -6.88 -20.91 48.07
N ILE A 105 -5.63 -21.37 48.07
CA ILE A 105 -5.14 -22.24 49.13
C ILE A 105 -5.21 -21.59 50.49
N TYR A 106 -5.49 -20.28 50.54
CA TYR A 106 -5.68 -19.57 51.79
C TYR A 106 -7.13 -19.31 52.11
N GLY A 107 -8.05 -19.74 51.25
CA GLY A 107 -9.47 -19.63 51.48
C GLY A 107 -9.93 -18.19 51.66
N ASP A 108 -11.04 -18.06 52.38
CA ASP A 108 -11.61 -16.75 52.65
C ASP A 108 -10.73 -15.99 53.65
N ILE A 109 -10.92 -14.67 53.67
CA ILE A 109 -10.15 -13.79 54.53
C ILE A 109 -10.94 -13.52 55.82
N PRO A 110 -10.30 -13.58 56.98
CA PRO A 110 -10.97 -13.18 58.22
C PRO A 110 -11.50 -11.76 58.11
N PRO A 111 -12.74 -11.52 58.54
CA PRO A 111 -13.35 -10.20 58.33
C PRO A 111 -12.58 -9.06 58.95
N GLY A 112 -11.77 -9.30 59.97
CA GLY A 112 -11.01 -8.24 60.58
C GLY A 112 -9.63 -8.09 59.97
N MET A 113 -9.27 -9.03 59.12
CA MET A 113 -7.94 -9.05 58.53
C MET A 113 -7.87 -8.35 57.18
N VAL A 114 -8.96 -8.38 56.41
CA VAL A 114 -8.94 -7.77 55.10
C VAL A 114 -8.78 -6.26 55.23
N SER A 115 -8.09 -5.66 54.27
CA SER A 115 -7.86 -4.22 54.22
C SER A 115 -7.22 -3.74 55.53
N GLU A 116 -6.01 -4.25 55.78
CA GLU A 116 -5.30 -3.97 57.02
C GLU A 116 -3.86 -4.42 56.83
N PRO A 117 -2.88 -3.70 57.38
CA PRO A 117 -1.48 -4.12 57.20
C PRO A 117 -1.23 -5.53 57.69
N LEU A 118 -0.89 -6.42 56.76
CA LEU A 118 -0.62 -7.80 57.07
C LEU A 118 0.85 -8.11 56.85
N GLU A 119 1.36 -9.05 57.63
CA GLU A 119 2.76 -9.44 57.50
C GLU A 119 2.97 -10.20 56.21
N ASP A 120 4.19 -10.10 55.68
CA ASP A 120 4.47 -10.62 54.35
C ASP A 120 4.38 -12.13 54.32
N LEU A 121 3.75 -12.65 53.27
CA LEU A 121 3.56 -14.09 53.13
C LEU A 121 4.77 -14.74 52.48
N ASP A 122 5.21 -14.21 51.35
CA ASP A 122 6.36 -14.77 50.65
C ASP A 122 7.58 -14.78 51.58
N PRO A 123 8.20 -15.93 51.81
CA PRO A 123 9.41 -15.96 52.64
C PRO A 123 10.53 -15.13 52.06
N TYR A 124 10.57 -14.98 50.74
CA TYR A 124 11.64 -14.21 50.10
C TYR A 124 11.72 -12.79 50.68
N TYR A 125 10.57 -12.16 50.90
CA TYR A 125 10.55 -10.85 51.54
C TYR A 125 10.37 -10.93 53.04
N ALA A 126 10.06 -12.11 53.59
CA ALA A 126 9.87 -12.23 55.03
C ALA A 126 11.09 -11.77 55.81
N ASP A 127 12.23 -11.68 55.15
CA ASP A 127 13.46 -11.17 55.75
C ASP A 127 13.48 -9.64 55.77
N LYS A 128 13.24 -9.02 54.62
CA LYS A 128 13.32 -7.58 54.49
C LYS A 128 12.07 -6.93 55.10
N LYS A 129 12.19 -5.64 55.39
CA LYS A 129 11.13 -4.90 56.07
C LYS A 129 10.00 -4.68 55.08
N THR A 130 8.91 -5.42 55.24
CA THR A 130 7.83 -5.43 54.27
C THR A 130 6.54 -5.80 54.98
N PHE A 131 5.43 -5.43 54.36
CA PHE A 131 4.11 -5.80 54.84
C PHE A 131 3.14 -5.65 53.68
N ILE A 132 2.16 -6.55 53.59
CA ILE A 132 1.22 -6.54 52.50
C ILE A 132 -0.18 -6.27 53.04
N VAL A 133 -1.08 -5.94 52.11
CA VAL A 133 -2.49 -5.81 52.42
C VAL A 133 -3.27 -6.46 51.29
N LEU A 134 -4.39 -7.08 51.65
CA LEU A 134 -5.29 -7.71 50.68
C LEU A 134 -6.64 -7.02 50.72
N ASN A 135 -7.17 -6.72 49.54
CA ASN A 135 -8.46 -6.06 49.44
C ASN A 135 -9.58 -7.10 49.50
N LYS A 136 -10.81 -6.64 49.39
CA LYS A 136 -11.96 -7.53 49.37
C LYS A 136 -12.12 -8.25 48.04
N GLY A 137 -11.10 -8.17 47.19
CA GLY A 137 -11.11 -8.88 45.93
C GLY A 137 -9.89 -9.78 45.78
N LYS A 138 -9.27 -10.11 46.91
CA LYS A 138 -8.12 -11.03 46.96
C LYS A 138 -6.95 -10.48 46.16
N THR A 139 -6.78 -9.17 46.17
CA THR A 139 -5.70 -8.52 45.44
C THR A 139 -4.51 -8.28 46.38
N ILE A 140 -3.32 -8.58 45.88
CA ILE A 140 -2.11 -8.53 46.70
C ILE A 140 -1.42 -7.19 46.50
N PHE A 141 -1.09 -6.51 47.59
CA PHE A 141 -0.51 -5.18 47.57
C PHE A 141 0.66 -5.13 48.54
N ARG A 142 1.86 -4.92 48.01
CA ARG A 142 3.07 -4.84 48.82
C ARG A 142 3.42 -3.39 49.12
N PHE A 143 4.00 -3.17 50.30
CA PHE A 143 4.53 -1.85 50.67
C PHE A 143 5.81 -2.06 51.45
N ASN A 144 6.27 -1.02 52.12
CA ASN A 144 7.48 -1.06 52.93
C ASN A 144 7.19 -0.60 54.34
N ALA A 145 7.82 -1.26 55.30
CA ALA A 145 7.61 -0.95 56.72
C ALA A 145 8.43 0.23 57.19
N THR A 146 9.32 0.76 56.35
CA THR A 146 10.08 1.93 56.72
C THR A 146 9.17 3.15 56.76
N PRO A 147 9.28 4.01 57.77
CA PRO A 147 8.45 5.22 57.81
C PRO A 147 8.59 6.06 56.55
N ALA A 148 7.45 6.50 56.01
CA ALA A 148 7.45 7.27 54.77
C ALA A 148 8.02 8.67 55.03
N LEU A 149 9.10 8.99 54.33
CA LEU A 149 9.84 10.23 54.55
C LEU A 149 10.21 10.38 56.02
N TYR A 150 10.46 9.24 56.67
CA TYR A 150 10.83 9.17 58.08
C TYR A 150 9.86 9.97 58.94
N MET A 151 8.58 9.84 58.63
CA MET A 151 7.55 10.53 59.40
C MET A 151 6.35 9.69 59.77
N LEU A 152 6.02 8.64 59.03
CA LEU A 152 4.78 7.89 59.25
C LEU A 152 5.10 6.42 59.47
N SER A 153 4.84 5.94 60.68
CA SER A 153 5.01 4.51 60.94
C SER A 153 3.82 3.77 60.36
N PRO A 154 4.00 2.50 59.99
CA PRO A 154 2.90 1.77 59.36
C PRO A 154 1.69 1.71 60.29
N PHE A 155 1.94 1.62 61.60
CA PHE A 155 0.85 1.58 62.57
C PHE A 155 0.02 2.85 62.65
N SER A 156 0.62 4.01 62.35
CA SER A 156 -0.10 5.29 62.51
C SER A 156 -1.49 5.32 61.84
N PRO A 157 -2.50 5.85 62.53
CA PRO A 157 -3.88 5.87 61.99
C PRO A 157 -4.01 6.61 60.66
N LEU A 158 -3.29 7.72 60.49
CA LEU A 158 -3.35 8.44 59.22
C LEU A 158 -2.88 7.54 58.09
N ARG A 159 -1.75 6.88 58.28
CA ARG A 159 -1.24 5.98 57.25
C ARG A 159 -2.20 4.80 57.06
N ARG A 160 -2.86 4.37 58.13
CA ARG A 160 -3.83 3.29 57.96
C ARG A 160 -5.01 3.75 57.12
N ILE A 161 -5.54 4.93 57.39
CA ILE A 161 -6.71 5.38 56.64
C ILE A 161 -6.35 5.61 55.17
N SER A 162 -5.15 6.13 54.91
CA SER A 162 -4.72 6.30 53.53
C SER A 162 -4.61 4.96 52.82
N ILE A 163 -4.10 3.95 53.53
CA ILE A 163 -4.11 2.59 52.98
C ILE A 163 -5.53 2.15 52.68
N LYS A 164 -6.43 2.34 53.65
CA LYS A 164 -7.82 1.93 53.48
C LYS A 164 -8.43 2.56 52.23
N ILE A 165 -8.11 3.83 51.99
CA ILE A 165 -8.64 4.52 50.82
C ILE A 165 -8.01 3.99 49.56
N LEU A 166 -6.70 3.76 49.58
CA LEU A 166 -5.95 3.48 48.37
C LEU A 166 -6.45 2.22 47.66
N VAL A 167 -6.29 1.07 48.29
CA VAL A 167 -6.74 -0.19 47.69
C VAL A 167 -8.22 -0.34 48.01
N HIS A 168 -9.04 0.07 47.07
CA HIS A 168 -10.49 0.01 47.27
C HIS A 168 -11.07 0.04 45.86
N SER A 169 -12.15 -0.67 45.63
CA SER A 169 -12.76 -0.74 44.31
C SER A 169 -13.47 0.55 43.90
N LEU A 170 -13.74 1.40 44.87
CA LEU A 170 -14.18 2.75 44.48
C LEU A 170 -12.90 3.55 44.19
N PHE A 171 -11.71 2.97 44.40
CA PHE A 171 -10.50 3.81 44.19
C PHE A 171 -10.06 3.78 42.74
N SER A 172 -10.65 2.91 41.93
CA SER A 172 -10.28 2.97 40.51
C SER A 172 -11.45 3.63 39.76
N MET A 173 -12.66 3.32 40.19
CA MET A 173 -13.78 3.75 39.36
C MET A 173 -13.92 5.27 39.38
N LEU A 174 -13.63 5.82 40.56
CA LEU A 174 -13.63 7.27 40.83
C LEU A 174 -12.77 7.92 39.76
N ILE A 175 -11.49 7.56 39.84
CA ILE A 175 -10.45 8.19 39.05
C ILE A 175 -10.66 7.92 37.56
N MET A 176 -11.21 6.75 37.22
CA MET A 176 -11.47 6.45 35.81
C MET A 176 -12.57 7.35 35.25
N CYS A 177 -13.65 7.53 36.02
CA CYS A 177 -14.69 8.45 35.58
C CYS A 177 -14.15 9.86 35.41
N THR A 178 -13.31 10.30 36.34
CA THR A 178 -12.71 11.62 36.22
C THR A 178 -11.87 11.73 34.97
N ILE A 179 -11.07 10.70 34.68
CA ILE A 179 -10.23 10.74 33.49
C ILE A 179 -11.08 10.79 32.23
N LEU A 180 -12.16 10.01 32.20
CA LEU A 180 -13.00 10.00 31.00
C LEU A 180 -13.66 11.36 30.79
N THR A 181 -14.14 11.97 31.88
CA THR A 181 -14.71 13.31 31.74
C THR A 181 -13.65 14.30 31.29
N ASN A 182 -12.43 14.16 31.79
CA ASN A 182 -11.35 15.04 31.35
C ASN A 182 -11.10 14.87 29.87
N CYS A 183 -11.12 13.63 29.38
CA CYS A 183 -10.95 13.38 27.96
C CYS A 183 -12.05 14.08 27.16
N ILE A 184 -13.31 13.82 27.51
CA ILE A 184 -14.41 14.45 26.82
C ILE A 184 -14.38 15.97 26.93
N PHE A 185 -13.65 16.50 27.91
CA PHE A 185 -13.45 17.93 27.99
C PHE A 185 -12.23 18.40 27.23
N MET A 186 -11.36 17.50 26.81
CA MET A 186 -10.22 17.93 26.00
C MET A 186 -10.62 18.17 24.56
N THR A 187 -11.64 17.49 24.06
CA THR A 187 -12.07 17.67 22.70
C THR A 187 -13.00 18.87 22.58
N MET A 188 -12.53 20.02 23.05
CA MET A 188 -13.31 21.25 23.00
C MET A 188 -12.49 22.29 22.27
N ASN A 189 -13.04 22.84 21.19
CA ASN A 189 -12.27 23.76 20.36
C ASN A 189 -12.08 25.10 21.08
N ASN A 190 -13.18 25.77 21.41
CA ASN A 190 -13.13 27.00 22.18
C ASN A 190 -14.00 26.82 23.42
N PRO A 191 -13.41 26.45 24.56
CA PRO A 191 -14.24 26.07 25.71
C PRO A 191 -14.85 27.30 26.36
N PRO A 192 -16.05 27.16 26.93
CA PRO A 192 -16.61 28.23 27.74
C PRO A 192 -15.93 28.34 29.09
N ASP A 193 -16.44 29.18 29.99
CA ASP A 193 -15.74 29.47 31.23
C ASP A 193 -16.11 28.52 32.37
N TRP A 194 -17.09 27.64 32.19
CA TRP A 194 -17.24 26.54 33.13
C TRP A 194 -15.97 25.71 33.18
N THR A 195 -15.36 25.52 32.02
CA THR A 195 -14.20 24.65 31.91
C THR A 195 -13.03 25.12 32.76
N LYS A 196 -12.98 26.39 33.14
CA LYS A 196 -11.92 26.82 34.04
C LYS A 196 -12.06 26.15 35.40
N ASN A 197 -13.25 26.27 36.00
CA ASN A 197 -13.51 25.58 37.25
C ASN A 197 -13.34 24.07 37.09
N VAL A 198 -13.73 23.54 35.94
CA VAL A 198 -13.59 22.09 35.75
C VAL A 198 -12.13 21.69 35.71
N GLU A 199 -11.29 22.49 35.06
CA GLU A 199 -9.86 22.22 35.05
C GLU A 199 -9.30 22.27 36.47
N TYR A 200 -9.70 23.27 37.23
CA TYR A 200 -9.26 23.35 38.62
C TYR A 200 -9.65 22.10 39.40
N THR A 201 -10.90 21.66 39.25
CA THR A 201 -11.36 20.48 39.99
C THR A 201 -10.63 19.23 39.55
N PHE A 202 -10.37 19.09 38.24
CA PHE A 202 -9.61 17.94 37.77
C PHE A 202 -8.23 17.91 38.39
N THR A 203 -7.54 19.05 38.36
CA THR A 203 -6.23 19.12 38.99
C THR A 203 -6.32 18.78 40.47
N GLY A 204 -7.39 19.22 41.13
CA GLY A 204 -7.55 18.90 42.54
C GLY A 204 -7.69 17.41 42.77
N ILE A 205 -8.50 16.74 41.94
CA ILE A 205 -8.68 15.31 42.11
C ILE A 205 -7.38 14.57 41.88
N TYR A 206 -6.62 14.97 40.85
CA TYR A 206 -5.36 14.31 40.58
C TYR A 206 -4.37 14.51 41.72
N THR A 207 -4.32 15.73 42.26
CA THR A 207 -3.45 16.00 43.40
C THR A 207 -3.87 15.16 44.59
N PHE A 208 -5.17 15.07 44.84
CA PHE A 208 -5.66 14.26 45.95
C PHE A 208 -5.22 12.82 45.81
N GLU A 209 -5.40 12.26 44.61
CA GLU A 209 -4.98 10.87 44.38
C GLU A 209 -3.49 10.70 44.61
N SER A 210 -2.69 11.60 44.04
CA SER A 210 -1.25 11.49 44.20
C SER A 210 -0.85 11.60 45.66
N LEU A 211 -1.55 12.44 46.42
CA LEU A 211 -1.26 12.56 47.84
C LEU A 211 -1.56 11.26 48.57
N VAL A 212 -2.74 10.70 48.32
CA VAL A 212 -3.08 9.42 48.95
C VAL A 212 -2.03 8.37 48.62
N LYS A 213 -1.53 8.37 47.38
CA LYS A 213 -0.55 7.37 47.00
C LYS A 213 0.78 7.58 47.71
N ILE A 214 1.24 8.82 47.81
CA ILE A 214 2.54 9.07 48.43
C ILE A 214 2.36 9.16 49.94
N LEU A 215 1.14 8.89 50.41
CA LEU A 215 0.87 8.86 51.84
C LEU A 215 0.67 7.45 52.36
N ALA A 216 0.85 6.45 51.50
CA ALA A 216 0.84 5.07 51.94
C ALA A 216 1.91 4.25 51.25
N ARG A 217 2.80 4.87 50.48
CA ARG A 217 3.87 4.17 49.82
C ARG A 217 5.22 4.83 50.00
N GLY A 218 5.29 6.09 50.41
CA GLY A 218 6.55 6.79 50.50
C GLY A 218 7.03 7.27 49.15
N PHE A 219 7.82 8.34 49.18
CA PHE A 219 8.23 9.00 47.94
C PHE A 219 9.30 8.19 47.21
N CYS A 220 10.47 8.05 47.83
CA CYS A 220 11.50 7.18 47.26
C CYS A 220 12.38 6.55 48.33
N VAL A 221 11.92 6.52 49.60
CA VAL A 221 12.80 6.16 50.70
C VAL A 221 13.19 4.69 50.62
N GLY A 222 12.32 3.85 50.07
CA GLY A 222 12.54 2.42 50.10
C GLY A 222 12.17 1.81 48.77
N GLU A 223 11.88 0.50 48.78
CA GLU A 223 11.75 -0.29 47.56
C GLU A 223 10.33 -0.42 47.00
N PHE A 224 9.31 -0.19 47.81
CA PHE A 224 7.93 -0.15 47.32
C PHE A 224 7.45 1.27 47.62
N THR A 225 7.79 2.18 46.71
CA THR A 225 7.54 3.60 46.89
C THR A 225 6.86 4.15 45.65
N PHE A 226 6.37 5.39 45.77
CA PHE A 226 5.65 6.01 44.68
C PHE A 226 6.51 6.08 43.43
N LEU A 227 7.66 6.75 43.52
CA LEU A 227 8.46 7.06 42.34
C LEU A 227 9.03 5.82 41.65
N ARG A 228 8.83 4.63 42.20
CA ARG A 228 9.40 3.44 41.56
C ARG A 228 8.70 3.12 40.26
N ASP A 229 7.38 3.01 40.29
CA ASP A 229 6.63 2.61 39.10
C ASP A 229 6.68 3.72 38.06
N PRO A 230 7.07 3.41 36.81
CA PRO A 230 7.11 4.45 35.79
C PRO A 230 5.77 5.13 35.56
N TRP A 231 4.67 4.42 35.71
CA TRP A 231 3.37 5.08 35.58
C TRP A 231 3.21 6.15 36.65
N ASN A 232 3.78 5.94 37.82
CA ASN A 232 3.81 7.00 38.81
C ASN A 232 4.67 8.15 38.34
N TRP A 233 5.78 7.87 37.64
CA TRP A 233 6.52 8.95 37.01
C TRP A 233 5.63 9.77 36.10
N LEU A 234 4.80 9.09 35.33
CA LEU A 234 3.92 9.78 34.38
C LEU A 234 2.94 10.69 35.10
N ASP A 235 2.18 10.13 36.04
CA ASP A 235 1.19 10.97 36.73
C ASP A 235 1.88 12.07 37.53
N PHE A 236 3.09 11.79 38.03
CA PHE A 236 3.87 12.79 38.73
C PHE A 236 4.17 13.99 37.84
N VAL A 237 4.78 13.73 36.69
CA VAL A 237 5.13 14.85 35.82
C VAL A 237 3.86 15.53 35.31
N VAL A 238 2.77 14.78 35.18
CA VAL A 238 1.49 15.39 34.82
C VAL A 238 1.11 16.45 35.84
N ILE A 239 1.09 16.08 37.12
CA ILE A 239 0.64 17.02 38.13
C ILE A 239 1.65 18.15 38.30
N VAL A 240 2.93 17.87 38.10
CA VAL A 240 3.94 18.93 38.18
C VAL A 240 3.68 19.98 37.12
N PHE A 241 3.54 19.55 35.87
CA PHE A 241 3.28 20.49 34.79
C PHE A 241 1.96 21.22 35.01
N ALA A 242 0.96 20.51 35.53
CA ALA A 242 -0.31 21.16 35.83
C ALA A 242 -0.12 22.33 36.77
N TYR A 243 0.53 22.07 37.92
CA TYR A 243 0.69 23.12 38.92
C TYR A 243 1.56 24.25 38.38
N LEU A 244 2.62 23.90 37.66
CA LEU A 244 3.48 24.93 37.06
C LEU A 244 2.67 25.87 36.18
N THR A 245 1.96 25.29 35.21
CA THR A 245 1.16 26.09 34.28
C THR A 245 0.14 26.95 35.03
N GLU A 246 -0.53 26.36 36.02
CA GLU A 246 -1.65 27.06 36.65
C GLU A 246 -1.22 28.10 37.67
N PHE A 247 -0.02 28.01 38.24
CA PHE A 247 0.38 28.96 39.26
C PHE A 247 1.64 29.75 38.91
N VAL A 248 2.14 29.63 37.69
CA VAL A 248 3.18 30.52 37.18
C VAL A 248 2.69 31.30 35.97
N ASN A 249 2.03 30.63 35.01
CA ASN A 249 1.32 31.27 33.91
C ASN A 249 2.27 32.16 33.10
N LEU A 250 3.22 31.50 32.44
CA LEU A 250 4.29 32.21 31.72
C LEU A 250 3.83 32.60 30.31
N GLY A 251 3.51 31.61 29.49
CA GLY A 251 3.11 31.91 28.12
C GLY A 251 3.37 30.73 27.21
N ASN A 252 3.11 30.97 25.92
CA ASN A 252 3.15 29.93 24.90
C ASN A 252 2.27 28.75 25.31
N VAL A 253 1.05 29.07 25.74
CA VAL A 253 0.16 28.09 26.35
C VAL A 253 -0.27 26.99 25.38
N SER A 254 0.03 27.11 24.10
CA SER A 254 -0.28 26.04 23.16
C SER A 254 0.41 24.74 23.58
N ALA A 255 1.74 24.75 23.60
CA ALA A 255 2.49 23.56 23.99
C ALA A 255 2.19 23.16 25.42
N LEU A 256 1.99 24.15 26.30
CA LEU A 256 1.66 23.84 27.68
C LEU A 256 0.37 23.05 27.77
N ARG A 257 -0.64 23.44 26.99
CA ARG A 257 -1.90 22.71 27.02
C ARG A 257 -1.78 21.36 26.32
N THR A 258 -0.94 21.26 25.28
CA THR A 258 -0.66 19.96 24.71
C THR A 258 -0.08 19.03 25.75
N PHE A 259 0.74 19.56 26.66
CA PHE A 259 1.27 18.74 27.74
C PHE A 259 0.17 18.10 28.56
N ARG A 260 -1.04 18.67 28.55
CA ARG A 260 -2.14 18.16 29.35
C ARG A 260 -2.92 17.07 28.63
N VAL A 261 -2.45 16.60 27.48
CA VAL A 261 -3.06 15.43 26.89
C VAL A 261 -2.51 14.16 27.51
N LEU A 262 -1.35 14.24 28.15
CA LEU A 262 -0.79 13.08 28.82
C LEU A 262 -1.71 12.57 29.92
N ARG A 263 -2.67 13.39 30.36
CA ARG A 263 -3.69 12.89 31.28
C ARG A 263 -4.44 11.72 30.66
N ALA A 264 -4.70 11.79 29.35
CA ALA A 264 -5.37 10.69 28.67
C ALA A 264 -4.59 9.39 28.83
N LEU A 265 -3.26 9.47 28.90
CA LEU A 265 -2.46 8.27 29.10
C LEU A 265 -2.76 7.60 30.42
N LYS A 266 -3.30 8.33 31.39
CA LYS A 266 -3.59 7.72 32.68
C LYS A 266 -4.65 6.65 32.59
N THR A 267 -5.41 6.60 31.50
CA THR A 267 -6.33 5.50 31.28
C THR A 267 -5.58 4.17 31.25
N ILE A 268 -4.39 4.15 30.64
CA ILE A 268 -3.61 2.93 30.55
C ILE A 268 -3.16 2.45 31.91
N SER A 269 -3.28 3.28 32.94
CA SER A 269 -2.82 2.93 34.27
C SER A 269 -3.97 2.67 35.24
N VAL A 270 -5.21 2.80 34.76
CA VAL A 270 -6.43 2.62 35.61
C VAL A 270 -7.27 1.46 35.07
N ILE A 271 -6.82 0.80 34.01
CA ILE A 271 -7.54 -0.37 33.44
C ILE A 271 -6.62 -1.59 33.62
N PRO A 272 -7.13 -2.74 34.10
CA PRO A 272 -6.29 -3.91 34.40
C PRO A 272 -5.51 -4.55 33.24
N GLY A 273 -6.13 -4.65 32.05
CA GLY A 273 -5.49 -5.32 30.91
C GLY A 273 -4.73 -4.41 29.97
N LEU A 274 -4.57 -3.13 30.31
CA LEU A 274 -3.88 -2.20 29.36
C LEU A 274 -2.38 -2.05 29.64
N LYS A 275 -1.81 -2.74 30.64
CA LYS A 275 -0.35 -2.60 30.86
C LYS A 275 0.36 -3.74 30.13
N THR A 276 -0.23 -4.94 30.18
CA THR A 276 0.28 -6.11 29.47
C THR A 276 0.30 -5.87 27.98
N ILE A 277 -0.72 -5.18 27.46
CA ILE A 277 -0.80 -4.94 26.02
C ILE A 277 0.36 -4.09 25.56
N VAL A 278 0.63 -2.99 26.26
CA VAL A 278 1.71 -2.11 25.82
C VAL A 278 3.06 -2.80 26.01
N GLY A 279 3.18 -3.63 27.04
CA GLY A 279 4.40 -4.42 27.16
C GLY A 279 4.62 -5.33 25.97
N ALA A 280 3.58 -6.03 25.55
CA ALA A 280 3.71 -6.88 24.37
C ALA A 280 4.08 -6.07 23.14
N LEU A 281 3.46 -4.90 22.96
CA LEU A 281 3.79 -4.05 21.83
C LEU A 281 5.26 -3.65 21.86
N ILE A 282 5.76 -3.30 23.04
CA ILE A 282 7.17 -2.92 23.15
C ILE A 282 8.08 -4.08 22.78
N GLN A 283 7.71 -5.30 23.19
CA GLN A 283 8.54 -6.45 22.83
C GLN A 283 8.57 -6.66 21.32
N SER A 284 7.39 -6.62 20.70
CA SER A 284 7.32 -6.78 19.25
C SER A 284 8.14 -5.72 18.54
N VAL A 285 8.16 -4.49 19.06
CA VAL A 285 8.99 -3.45 18.47
C VAL A 285 10.46 -3.80 18.64
N LYS A 286 10.86 -4.17 19.86
CA LYS A 286 12.26 -4.49 20.12
C LYS A 286 12.78 -5.55 19.16
N LYS A 287 11.92 -6.43 18.69
CA LYS A 287 12.40 -7.44 17.75
C LYS A 287 12.54 -6.93 16.32
N LEU A 288 12.53 -5.62 16.07
CA LEU A 288 12.54 -5.10 14.71
C LEU A 288 13.84 -4.38 14.34
N SER A 289 14.91 -4.61 15.10
CA SER A 289 16.13 -3.81 14.91
C SER A 289 16.71 -4.02 13.52
N ASP A 290 16.90 -5.29 13.14
CA ASP A 290 17.55 -5.57 11.86
C ASP A 290 16.74 -5.06 10.70
N VAL A 291 15.41 -5.20 10.76
CA VAL A 291 14.60 -4.75 9.65
C VAL A 291 14.60 -3.23 9.56
N MET A 292 14.57 -2.54 10.71
CA MET A 292 14.72 -1.09 10.67
C MET A 292 16.04 -0.70 10.03
N ILE A 293 17.13 -1.38 10.39
CA ILE A 293 18.43 -1.05 9.84
C ILE A 293 18.45 -1.25 8.34
N LEU A 294 17.99 -2.41 7.88
CA LEU A 294 17.98 -2.69 6.46
C LEU A 294 17.08 -1.73 5.71
N THR A 295 15.96 -1.33 6.30
CA THR A 295 15.09 -0.37 5.65
C THR A 295 15.78 0.96 5.46
N VAL A 296 16.41 1.47 6.52
CA VAL A 296 17.13 2.73 6.41
C VAL A 296 18.23 2.62 5.37
N PHE A 297 18.96 1.51 5.36
CA PHE A 297 20.07 1.36 4.43
C PHE A 297 19.60 1.31 2.99
N CYS A 298 18.57 0.50 2.72
CA CYS A 298 18.06 0.37 1.37
C CYS A 298 17.47 1.69 0.89
N LEU A 299 16.71 2.37 1.76
CA LEU A 299 16.19 3.67 1.38
C LEU A 299 17.31 4.65 1.07
N SER A 300 18.39 4.62 1.85
CA SER A 300 19.47 5.57 1.61
C SER A 300 20.19 5.25 0.31
N VAL A 301 20.40 3.98 0.02
CA VAL A 301 21.07 3.61 -1.23
C VAL A 301 20.23 4.04 -2.43
N PHE A 302 18.95 3.69 -2.40
CA PHE A 302 18.09 4.08 -3.51
C PHE A 302 17.96 5.60 -3.59
N ALA A 303 18.07 6.29 -2.46
CA ALA A 303 17.98 7.74 -2.50
C ALA A 303 19.23 8.35 -3.11
N LEU A 304 20.39 7.76 -2.84
CA LEU A 304 21.60 8.17 -3.54
C LEU A 304 21.46 7.97 -5.03
N ILE A 305 20.91 6.82 -5.42
CA ILE A 305 20.69 6.54 -6.84
C ILE A 305 19.79 7.60 -7.45
N GLY A 306 18.67 7.87 -6.81
CA GLY A 306 17.72 8.84 -7.35
C GLY A 306 18.28 10.24 -7.37
N LEU A 307 19.09 10.59 -6.37
CA LEU A 307 19.74 11.89 -6.35
C LEU A 307 20.70 12.03 -7.51
N GLN A 308 21.46 10.96 -7.79
CA GLN A 308 22.37 10.98 -8.91
C GLN A 308 21.63 11.16 -10.22
N LEU A 309 20.58 10.37 -10.43
CA LEU A 309 19.90 10.36 -11.73
C LEU A 309 18.95 11.52 -11.93
N PHE A 310 18.46 12.14 -10.86
CA PHE A 310 17.35 13.09 -11.02
C PHE A 310 17.63 14.43 -10.37
N MET A 311 18.88 14.75 -10.05
CA MET A 311 19.19 15.98 -9.35
C MET A 311 18.78 17.17 -10.21
N GLY A 312 17.73 17.85 -9.80
CA GLY A 312 17.31 19.06 -10.46
C GLY A 312 16.37 18.87 -11.62
N ASN A 313 16.03 17.63 -11.97
CA ASN A 313 15.14 17.42 -13.09
C ASN A 313 13.77 18.05 -12.86
N LEU A 314 13.28 18.03 -11.64
CA LEU A 314 11.94 18.53 -11.38
C LEU A 314 11.88 20.03 -11.34
N LYS A 315 12.92 20.69 -11.79
CA LYS A 315 12.90 22.12 -11.85
C LYS A 315 12.68 22.54 -13.29
N HIS A 316 12.37 21.58 -14.17
CA HIS A 316 12.18 21.86 -15.60
C HIS A 316 10.80 22.39 -15.90
N LYS A 317 10.71 23.65 -16.26
CA LYS A 317 9.45 24.21 -16.67
C LYS A 317 9.70 24.72 -18.06
N CYS A 318 8.67 24.95 -18.86
CA CYS A 318 8.98 25.52 -20.16
C CYS A 318 8.67 26.99 -20.27
N PHE A 319 9.70 27.77 -20.50
CA PHE A 319 9.58 29.21 -20.54
C PHE A 319 9.33 29.76 -21.93
N ARG A 320 8.50 30.79 -22.04
CA ARG A 320 8.26 31.43 -23.33
C ARG A 320 9.51 31.87 -24.07
N ASN A 321 9.63 31.46 -25.33
CA ASN A 321 10.79 31.81 -26.15
C ASN A 321 10.95 33.27 -26.41
N SER A 322 9.85 33.93 -26.74
CA SER A 322 9.95 35.33 -27.12
C SER A 322 9.69 36.23 -25.96
N LEU A 323 10.73 36.87 -25.46
CA LEU A 323 10.51 37.87 -24.42
C LEU A 323 10.52 39.27 -25.02
N GLU A 324 9.93 40.20 -24.29
CA GLU A 324 9.81 41.58 -24.73
C GLU A 324 10.67 42.50 -23.87
N ASN A 325 11.07 43.61 -24.46
CA ASN A 325 11.69 44.73 -23.73
C ASN A 325 12.95 44.29 -22.98
N ASN A 326 13.85 43.62 -23.71
CA ASN A 326 15.18 43.30 -23.22
C ASN A 326 15.14 42.63 -21.85
N GLU A 327 14.56 41.43 -21.81
CA GLU A 327 14.45 40.68 -20.58
C GLU A 327 15.07 39.30 -20.76
N THR A 328 15.42 38.68 -19.64
CA THR A 328 16.06 37.38 -19.64
C THR A 328 15.49 36.55 -18.48
N LEU A 329 15.94 35.30 -18.42
CA LEU A 329 15.44 34.39 -17.41
C LEU A 329 15.83 34.83 -16.00
N GLU A 330 17.03 35.36 -15.84
CA GLU A 330 17.49 35.74 -14.50
C GLU A 330 16.70 36.91 -13.95
N SER A 331 16.63 38.00 -14.71
CA SER A 331 15.86 39.16 -14.28
C SER A 331 14.42 38.76 -13.97
N ILE A 332 13.83 37.93 -14.82
CA ILE A 332 12.43 37.55 -14.63
C ILE A 332 12.27 36.76 -13.34
N MET A 333 13.04 35.70 -13.18
CA MET A 333 12.96 34.92 -11.95
C MET A 333 13.30 35.74 -10.73
N ASN A 334 13.97 36.88 -10.90
CA ASN A 334 14.23 37.75 -9.78
C ASN A 334 13.04 38.65 -9.47
N THR A 335 12.28 39.05 -10.49
CA THR A 335 11.26 40.09 -10.29
C THR A 335 9.86 39.54 -10.08
N LEU A 336 9.60 38.27 -10.37
CA LEU A 336 8.25 37.72 -10.30
C LEU A 336 8.02 37.05 -8.96
N GLU A 337 6.87 37.32 -8.36
CA GLU A 337 6.42 36.53 -7.22
C GLU A 337 4.89 36.62 -7.16
N SER A 338 4.23 35.61 -7.71
CA SER A 338 2.78 35.50 -7.69
C SER A 338 2.41 34.11 -8.17
N GLU A 339 1.15 33.89 -8.47
CA GLU A 339 0.76 32.76 -9.30
C GLU A 339 0.32 33.17 -10.68
N GLU A 340 -0.25 34.37 -10.83
CA GLU A 340 -0.56 34.86 -12.16
C GLU A 340 0.71 35.25 -12.90
N ASP A 341 1.62 35.95 -12.24
CA ASP A 341 2.85 36.38 -12.90
C ASP A 341 3.66 35.19 -13.36
N PHE A 342 3.67 34.10 -12.60
CA PHE A 342 4.31 32.90 -13.09
C PHE A 342 3.58 32.35 -14.30
N ARG A 343 2.25 32.44 -14.30
CA ARG A 343 1.48 31.92 -15.42
C ARG A 343 1.71 32.73 -16.69
N LYS A 344 2.17 33.97 -16.59
CA LYS A 344 2.40 34.75 -17.79
C LYS A 344 3.62 34.26 -18.56
N TYR A 345 4.65 33.77 -17.86
CA TYR A 345 5.89 33.42 -18.51
C TYR A 345 6.09 31.92 -18.67
N PHE A 346 5.54 31.11 -17.79
CA PHE A 346 5.67 29.68 -17.89
C PHE A 346 4.35 29.06 -18.30
N TYR A 347 4.42 28.00 -19.09
CA TYR A 347 3.19 27.31 -19.52
C TYR A 347 2.62 26.48 -18.37
N TYR A 348 1.43 26.86 -17.89
CA TYR A 348 0.73 26.16 -16.79
C TYR A 348 -0.54 25.51 -17.36
N LEU A 349 -0.72 24.22 -17.08
CA LEU A 349 -1.94 23.49 -17.51
C LEU A 349 -3.11 24.13 -16.74
N GLU A 350 -4.25 24.31 -17.39
CA GLU A 350 -5.40 24.98 -16.71
C GLU A 350 -5.82 24.18 -15.48
N GLY A 351 -5.96 24.84 -14.35
CA GLY A 351 -6.36 24.17 -13.12
C GLY A 351 -5.22 23.62 -12.29
N SER A 352 -3.98 23.99 -12.61
CA SER A 352 -2.84 23.42 -11.89
C SER A 352 -1.95 24.44 -11.20
N LYS A 353 -1.66 24.21 -9.92
CA LYS A 353 -0.75 25.08 -9.19
C LYS A 353 0.69 24.97 -9.67
N ASP A 354 1.09 23.81 -10.19
CA ASP A 354 2.48 23.57 -10.59
C ASP A 354 2.67 23.59 -12.10
N ALA A 355 3.77 24.15 -12.58
CA ALA A 355 4.01 24.29 -14.03
C ALA A 355 4.30 23.00 -14.76
N LEU A 356 4.03 23.00 -16.06
CA LEU A 356 4.21 21.78 -16.84
C LEU A 356 5.67 21.40 -16.94
N LEU A 357 5.98 20.19 -16.57
CA LEU A 357 7.35 19.66 -16.63
C LEU A 357 7.66 19.29 -18.08
N CYS A 358 8.51 20.08 -18.71
CA CYS A 358 9.00 19.75 -20.05
C CYS A 358 10.11 18.72 -19.91
N GLY A 359 10.87 18.50 -20.98
CA GLY A 359 12.00 17.60 -20.93
C GLY A 359 12.91 17.79 -22.12
N PHE A 360 14.16 17.40 -21.95
CA PHE A 360 15.16 17.61 -22.98
C PHE A 360 15.29 16.44 -23.94
N SER A 361 14.88 15.25 -23.54
CA SER A 361 15.01 14.09 -24.39
C SER A 361 13.87 14.06 -25.40
N THR A 362 13.73 12.94 -26.11
CA THR A 362 12.64 12.78 -27.05
C THR A 362 11.52 11.90 -26.52
N ASP A 363 11.78 11.15 -25.45
CA ASP A 363 10.73 10.37 -24.81
C ASP A 363 10.35 11.05 -23.50
N SER A 364 10.39 12.37 -23.50
CA SER A 364 10.01 13.13 -22.32
C SER A 364 8.87 14.04 -22.70
N GLY A 365 8.23 14.67 -21.72
CA GLY A 365 7.06 15.47 -22.04
C GLY A 365 7.41 16.62 -22.93
N GLN A 366 6.63 16.78 -24.00
CA GLN A 366 6.87 17.86 -24.92
C GLN A 366 6.21 19.13 -24.44
N CYS A 367 6.65 20.25 -24.98
CA CYS A 367 6.11 21.53 -24.56
C CYS A 367 5.55 22.29 -25.76
N PRO A 368 4.50 23.10 -25.57
CA PRO A 368 3.91 23.75 -26.74
C PRO A 368 4.84 24.65 -27.49
N GLU A 369 4.65 24.75 -28.80
CA GLU A 369 5.46 25.64 -29.62
C GLU A 369 5.46 27.04 -29.06
N GLY A 370 6.63 27.63 -28.88
CA GLY A 370 6.74 28.95 -28.27
C GLY A 370 7.29 28.85 -26.88
N TYR A 371 7.69 27.65 -26.45
CA TYR A 371 8.22 27.43 -25.13
C TYR A 371 9.41 26.46 -25.18
N THR A 372 10.50 26.78 -24.50
CA THR A 372 11.67 25.91 -24.47
C THR A 372 11.91 25.40 -23.06
N CYS A 373 12.31 24.14 -22.97
CA CYS A 373 12.57 23.52 -21.70
C CYS A 373 13.80 24.14 -21.05
N VAL A 374 13.63 24.64 -19.84
CA VAL A 374 14.74 25.23 -19.10
C VAL A 374 14.61 24.81 -17.63
N LYS A 375 15.75 24.68 -16.97
CA LYS A 375 15.80 24.22 -15.59
C LYS A 375 15.92 25.43 -14.66
N ILE A 376 14.76 25.94 -14.25
CA ILE A 376 14.70 27.14 -13.42
C ILE A 376 13.49 27.06 -12.51
N GLY A 377 13.60 27.67 -11.34
CA GLY A 377 12.47 27.84 -10.46
C GLY A 377 12.43 26.78 -9.37
N ARG A 378 11.31 26.77 -8.66
CA ARG A 378 11.11 25.87 -7.53
C ARG A 378 10.48 24.58 -7.97
N ASN A 379 10.52 23.59 -7.10
CA ASN A 379 9.94 22.29 -7.38
C ASN A 379 8.44 22.34 -7.16
N PRO A 380 7.71 21.33 -7.65
CA PRO A 380 6.26 21.31 -7.46
C PRO A 380 5.88 20.92 -6.03
N ASP A 381 4.57 20.89 -5.79
CA ASP A 381 4.02 20.58 -4.48
C ASP A 381 4.58 21.50 -3.40
N TYR A 382 4.51 22.81 -3.68
CA TYR A 382 5.02 23.85 -2.80
C TYR A 382 6.54 23.78 -2.71
N GLY A 383 7.14 22.79 -3.35
CA GLY A 383 8.57 22.63 -3.30
C GLY A 383 9.00 21.41 -2.52
N TYR A 384 8.05 20.58 -2.11
CA TYR A 384 8.33 19.48 -1.20
C TYR A 384 8.59 18.17 -1.93
N THR A 385 8.70 18.18 -3.25
CA THR A 385 8.99 16.97 -4.00
C THR A 385 10.12 17.26 -4.97
N SER A 386 11.26 16.60 -4.73
CA SER A 386 12.43 16.77 -5.57
C SER A 386 13.48 15.77 -5.12
N PHE A 387 14.43 15.48 -5.99
CA PHE A 387 15.54 14.61 -5.62
C PHE A 387 16.77 15.48 -5.52
N ASP A 388 16.58 16.77 -5.28
CA ASP A 388 17.70 17.72 -5.23
C ASP A 388 18.68 17.47 -4.11
N THR A 389 18.20 17.13 -2.93
CA THR A 389 19.06 16.90 -1.79
C THR A 389 18.75 15.55 -1.21
N PHE A 390 19.68 15.00 -0.44
CA PHE A 390 19.48 13.67 0.11
C PHE A 390 18.27 13.65 1.01
N SER A 391 18.06 14.71 1.79
CA SER A 391 16.92 14.76 2.69
C SER A 391 15.58 14.72 1.97
N TRP A 392 15.43 15.46 0.87
CA TRP A 392 14.19 15.39 0.11
C TRP A 392 14.13 14.14 -0.73
N ALA A 393 15.26 13.62 -1.19
CA ALA A 393 15.23 12.35 -1.89
C ALA A 393 14.85 11.21 -0.96
N PHE A 394 15.34 11.25 0.28
CA PHE A 394 14.95 10.23 1.24
C PHE A 394 13.47 10.30 1.54
N LEU A 395 12.93 11.52 1.63
CA LEU A 395 11.49 11.64 1.86
C LEU A 395 10.71 11.05 0.69
N ALA A 396 11.09 11.41 -0.52
CA ALA A 396 10.38 10.91 -1.69
C ALA A 396 10.44 9.40 -1.77
N LEU A 397 11.57 8.82 -1.41
CA LEU A 397 11.67 7.37 -1.50
C LEU A 397 10.94 6.68 -0.36
N PHE A 398 10.87 7.29 0.81
CA PHE A 398 10.02 6.73 1.84
C PHE A 398 8.56 6.76 1.39
N ARG A 399 8.17 7.83 0.72
CA ARG A 399 6.82 7.88 0.18
C ARG A 399 6.60 6.83 -0.89
N LEU A 400 7.62 6.53 -1.67
CA LEU A 400 7.53 5.45 -2.65
C LEU A 400 7.47 4.08 -2.00
N MET A 401 8.08 3.90 -0.84
CA MET A 401 8.04 2.60 -0.20
C MET A 401 6.64 2.27 0.29
N THR A 402 5.94 3.25 0.84
CA THR A 402 4.59 3.04 1.31
C THR A 402 3.55 3.20 0.22
N GLN A 403 3.97 3.49 -1.01
CA GLN A 403 3.07 3.59 -2.15
C GLN A 403 1.98 4.64 -1.92
N ASP A 404 2.32 5.70 -1.20
CA ASP A 404 1.39 6.79 -0.96
C ASP A 404 1.45 7.75 -2.13
N TYR A 405 0.40 7.76 -2.94
CA TYR A 405 0.27 8.71 -4.04
C TYR A 405 1.52 8.72 -4.91
N TRP A 406 2.07 7.53 -5.12
CA TRP A 406 3.32 7.45 -5.84
C TRP A 406 3.16 7.55 -7.34
N GLU A 407 1.95 7.39 -7.86
CA GLU A 407 1.75 7.55 -9.29
C GLU A 407 2.05 8.97 -9.73
N ASN A 408 1.84 9.95 -8.86
CA ASN A 408 2.11 11.32 -9.24
C ASN A 408 3.61 11.56 -9.36
N LEU A 409 4.38 11.09 -8.38
CA LEU A 409 5.83 11.19 -8.49
C LEU A 409 6.33 10.43 -9.71
N TYR A 410 5.76 9.26 -9.96
CA TYR A 410 6.08 8.47 -11.14
C TYR A 410 5.92 9.30 -12.41
N GLN A 411 4.72 9.83 -12.62
CA GLN A 411 4.44 10.56 -13.85
C GLN A 411 5.25 11.85 -13.92
N GLN A 412 5.57 12.45 -12.78
CA GLN A 412 6.34 13.68 -12.83
C GLN A 412 7.79 13.41 -13.16
N THR A 413 8.34 12.30 -12.70
CA THR A 413 9.70 11.95 -13.07
C THR A 413 9.79 11.45 -14.50
N LEU A 414 8.76 10.81 -15.02
CA LEU A 414 8.78 10.33 -16.38
C LEU A 414 8.50 11.42 -17.39
N ARG A 415 8.09 12.59 -16.93
CA ARG A 415 7.82 13.69 -17.83
C ARG A 415 8.99 14.63 -17.99
N ALA A 416 9.77 14.80 -16.93
CA ALA A 416 10.97 15.69 -16.93
C ALA A 416 12.12 14.87 -17.51
N ALA A 417 12.41 13.72 -16.88
CA ALA A 417 13.40 12.76 -17.39
C ALA A 417 12.73 11.88 -18.46
N GLY A 418 13.50 11.10 -19.21
CA GLY A 418 12.88 10.24 -20.23
C GLY A 418 12.08 9.09 -19.65
N LYS A 419 11.14 8.57 -20.45
CA LYS A 419 10.25 7.43 -20.09
C LYS A 419 11.07 6.17 -19.91
N THR A 420 12.34 6.16 -20.34
CA THR A 420 13.19 4.95 -20.16
C THR A 420 13.56 4.80 -18.68
N TYR A 421 13.35 5.89 -17.92
CA TYR A 421 13.67 6.00 -16.47
C TYR A 421 12.68 5.23 -15.59
N MET A 422 11.61 4.69 -16.16
CA MET A 422 10.62 3.81 -15.50
C MET A 422 11.35 2.56 -15.00
N ILE A 423 12.33 2.03 -15.76
CA ILE A 423 13.09 0.82 -15.31
C ILE A 423 13.57 1.01 -13.86
N PHE A 424 13.83 2.26 -13.45
CA PHE A 424 14.25 2.61 -12.06
C PHE A 424 13.07 2.42 -11.11
N PHE A 425 11.88 2.86 -11.52
CA PHE A 425 10.65 2.74 -10.70
C PHE A 425 10.28 1.26 -10.53
N VAL A 426 10.39 0.45 -11.60
CA VAL A 426 10.10 -0.97 -11.47
C VAL A 426 10.94 -1.57 -10.36
N VAL A 427 12.25 -1.38 -10.44
CA VAL A 427 13.12 -2.03 -9.47
C VAL A 427 12.90 -1.45 -8.09
N VAL A 428 12.65 -0.14 -7.98
CA VAL A 428 12.41 0.46 -6.68
C VAL A 428 11.13 -0.09 -6.07
N ILE A 429 10.02 -0.02 -6.81
CA ILE A 429 8.76 -0.56 -6.32
C ILE A 429 8.97 -1.99 -5.83
N PHE A 430 9.45 -2.87 -6.71
CA PHE A 430 9.54 -4.28 -6.33
C PHE A 430 10.44 -4.48 -5.13
N LEU A 431 11.68 -3.98 -5.19
CA LEU A 431 12.61 -4.24 -4.11
C LEU A 431 12.18 -3.56 -2.82
N GLY A 432 11.96 -2.24 -2.85
CA GLY A 432 11.58 -1.56 -1.65
C GLY A 432 10.19 -1.91 -1.17
N SER A 433 9.15 -1.46 -1.86
CA SER A 433 7.81 -1.54 -1.27
C SER A 433 7.44 -2.97 -0.96
N PHE A 434 7.29 -3.76 -2.02
CA PHE A 434 6.88 -5.15 -1.89
C PHE A 434 7.75 -5.89 -0.89
N TYR A 435 9.05 -5.95 -1.14
CA TYR A 435 9.90 -6.84 -0.38
C TYR A 435 10.09 -6.37 1.05
N LEU A 436 10.40 -5.09 1.25
CA LEU A 436 10.60 -4.58 2.61
C LEU A 436 9.34 -4.73 3.43
N ILE A 437 8.19 -4.37 2.87
CA ILE A 437 6.95 -4.49 3.63
C ILE A 437 6.69 -5.95 3.98
N ASN A 438 7.00 -6.85 3.05
CA ASN A 438 6.82 -8.27 3.36
C ASN A 438 7.76 -8.70 4.48
N LEU A 439 8.98 -8.17 4.49
CA LEU A 439 9.91 -8.49 5.56
C LEU A 439 9.37 -8.00 6.89
N ILE A 440 8.83 -6.79 6.92
CA ILE A 440 8.28 -6.24 8.15
C ILE A 440 7.14 -7.13 8.64
N LEU A 441 6.22 -7.47 7.76
CA LEU A 441 5.11 -8.33 8.15
C LEU A 441 5.61 -9.66 8.67
N ALA A 442 6.60 -10.25 8.01
CA ALA A 442 7.08 -11.55 8.42
C ALA A 442 7.69 -11.50 9.81
N VAL A 443 8.52 -10.49 10.08
CA VAL A 443 9.18 -10.44 11.37
C VAL A 443 8.18 -10.17 12.48
N VAL A 444 7.22 -9.28 12.24
CA VAL A 444 6.20 -9.01 13.25
C VAL A 444 5.36 -10.26 13.50
N ALA A 445 5.05 -11.01 12.44
CA ALA A 445 4.24 -12.21 12.63
C ALA A 445 4.99 -13.26 13.40
N MET A 446 6.28 -13.44 13.11
CA MET A 446 7.06 -14.38 13.90
C MET A 446 7.09 -13.97 15.36
N ALA A 447 7.33 -12.69 15.63
CA ALA A 447 7.35 -12.20 17.00
C ALA A 447 6.03 -12.50 17.70
N TYR A 448 4.92 -12.14 17.07
CA TYR A 448 3.63 -12.31 17.72
C TYR A 448 3.29 -13.78 17.91
N LYS A 449 3.55 -14.57 16.88
CA LYS A 449 3.22 -15.99 16.95
C LYS A 449 3.88 -16.59 18.13
N GLU A 450 5.20 -16.44 18.24
CA GLU A 450 5.94 -17.08 19.32
C GLU A 450 5.48 -16.60 20.69
N GLN A 451 5.25 -15.30 20.84
CA GLN A 451 4.83 -14.76 22.12
C GLN A 451 3.48 -15.34 22.52
N ASN A 452 2.57 -15.43 21.57
CA ASN A 452 1.24 -15.97 21.86
C ASN A 452 1.39 -17.42 22.25
N GLN A 453 2.23 -18.15 21.52
CA GLN A 453 2.40 -19.56 21.78
C GLN A 453 2.97 -19.78 23.18
N ALA A 454 3.92 -18.95 23.55
CA ALA A 454 4.53 -19.09 24.86
C ALA A 454 3.52 -18.75 25.92
N ASN A 455 2.75 -17.69 25.71
CA ASN A 455 1.77 -17.29 26.69
C ASN A 455 0.75 -18.39 26.89
N ILE A 456 0.25 -18.98 25.80
CA ILE A 456 -0.79 -20.00 25.97
C ILE A 456 -0.18 -21.19 26.71
N GLU A 457 1.06 -21.54 26.38
CA GLU A 457 1.70 -22.69 27.01
C GLU A 457 1.83 -22.44 28.51
N GLU A 458 2.24 -21.24 28.90
CA GLU A 458 2.39 -20.91 30.31
C GLU A 458 1.05 -20.96 31.02
N ALA A 459 0.01 -20.46 30.37
CA ALA A 459 -1.31 -20.48 30.98
C ALA A 459 -1.72 -21.92 31.21
N LYS A 460 -1.46 -22.78 30.23
CA LYS A 460 -1.82 -24.18 30.36
C LYS A 460 -1.07 -24.82 31.51
N GLN A 461 0.22 -24.50 31.65
CA GLN A 461 0.99 -25.06 32.74
C GLN A 461 0.44 -24.61 34.08
N LYS A 462 0.07 -23.34 34.19
CA LYS A 462 -0.50 -22.85 35.44
C LYS A 462 -1.81 -23.54 35.75
N GLU A 463 -2.64 -23.77 34.73
CA GLU A 463 -3.92 -24.45 34.93
C GLU A 463 -3.65 -25.86 35.42
N LEU A 464 -2.65 -26.51 34.85
CA LEU A 464 -2.30 -27.87 35.25
C LEU A 464 -1.87 -27.88 36.70
N GLU A 465 -1.06 -26.90 37.10
CA GLU A 465 -0.61 -26.83 38.48
C GLU A 465 -1.79 -26.64 39.40
N PHE A 466 -2.73 -25.79 39.01
CA PHE A 466 -3.90 -25.52 39.81
C PHE A 466 -4.72 -26.80 39.99
N GLN A 467 -4.90 -27.55 38.90
CA GLN A 467 -5.64 -28.80 38.98
C GLN A 467 -4.94 -29.79 39.90
N GLN A 468 -3.62 -29.86 39.81
CA GLN A 468 -2.88 -30.78 40.65
C GLN A 468 -3.04 -30.41 42.11
N MET A 469 -3.00 -29.12 42.40
CA MET A 469 -3.12 -28.69 43.79
C MET A 469 -4.55 -28.98 44.29
N LEU A 470 -5.55 -28.83 43.42
CA LEU A 470 -6.92 -29.18 43.80
C LEU A 470 -7.00 -30.64 44.14
N ASP A 471 -6.35 -31.48 43.34
CA ASP A 471 -6.34 -32.91 43.59
C ASP A 471 -5.68 -33.20 44.93
N ARG A 472 -4.58 -32.50 45.23
CA ARG A 472 -3.92 -32.69 46.52
C ARG A 472 -4.84 -32.32 47.67
N LEU A 473 -5.57 -31.23 47.52
CA LEU A 473 -6.50 -30.79 48.55
C LEU A 473 -7.56 -31.86 48.74
N LYS A 474 -8.05 -32.42 47.64
CA LYS A 474 -9.08 -33.46 47.72
C LYS A 474 -8.56 -34.71 48.43
N LYS A 475 -7.32 -35.11 48.17
CA LYS A 475 -6.82 -36.35 48.76
C LYS A 475 -6.38 -36.13 50.21
N PRO A 771 -55.04 -22.81 32.01
CA PRO A 771 -56.12 -23.62 31.42
C PRO A 771 -55.98 -23.77 29.91
N TYR A 772 -56.79 -23.02 29.16
CA TYR A 772 -56.67 -23.04 27.70
C TYR A 772 -55.31 -22.58 27.25
N TRP A 773 -54.63 -21.76 28.06
CA TRP A 773 -53.32 -21.25 27.70
C TRP A 773 -52.34 -22.38 27.46
N ILE A 774 -52.25 -23.32 28.40
CA ILE A 774 -51.36 -24.47 28.23
C ILE A 774 -51.76 -25.28 27.01
N LYS A 775 -53.06 -25.39 26.76
CA LYS A 775 -53.55 -26.19 25.63
C LYS A 775 -53.04 -25.62 24.31
N PHE A 776 -53.39 -24.37 24.01
CA PHE A 776 -52.93 -23.83 22.73
C PHE A 776 -51.42 -23.58 22.75
N LYS A 777 -50.80 -23.51 23.93
CA LYS A 777 -49.34 -23.41 24.00
C LYS A 777 -48.68 -24.67 23.47
N LYS A 778 -49.04 -25.83 24.02
CA LYS A 778 -48.50 -27.07 23.50
C LYS A 778 -48.91 -27.28 22.04
N CYS A 779 -50.11 -26.86 21.67
CA CYS A 779 -50.53 -26.92 20.28
C CYS A 779 -49.56 -26.18 19.37
N ILE A 780 -49.39 -24.87 19.59
CA ILE A 780 -48.54 -24.07 18.73
C ILE A 780 -47.07 -24.49 18.82
N TYR A 781 -46.63 -25.05 19.95
CA TYR A 781 -45.25 -25.51 20.04
C TYR A 781 -45.05 -26.77 19.22
N PHE A 782 -46.08 -27.61 19.11
CA PHE A 782 -46.05 -28.64 18.07
C PHE A 782 -46.16 -28.02 16.68
N ILE A 783 -46.78 -26.84 16.59
CA ILE A 783 -46.95 -26.14 15.31
C ILE A 783 -45.72 -25.33 14.93
N VAL A 784 -44.84 -25.00 15.88
CA VAL A 784 -43.64 -24.25 15.55
C VAL A 784 -42.88 -24.95 14.43
N MET A 785 -42.92 -26.28 14.39
CA MET A 785 -42.53 -27.09 13.23
C MET A 785 -41.19 -26.63 12.65
N ASP A 786 -40.15 -26.74 13.49
CA ASP A 786 -38.82 -26.28 13.09
C ASP A 786 -38.30 -26.88 11.78
N PRO A 787 -38.54 -28.14 11.42
CA PRO A 787 -37.93 -28.66 10.18
C PRO A 787 -38.35 -27.93 8.92
N PHE A 788 -39.46 -27.19 8.93
CA PHE A 788 -39.92 -26.52 7.72
C PHE A 788 -40.07 -25.02 7.86
N VAL A 789 -40.51 -24.53 9.02
CA VAL A 789 -40.71 -23.10 9.17
C VAL A 789 -39.38 -22.36 9.09
N ASP A 790 -38.28 -23.01 9.48
CA ASP A 790 -36.99 -22.35 9.33
C ASP A 790 -36.72 -22.04 7.86
N LEU A 791 -36.95 -23.03 6.99
CA LEU A 791 -36.79 -22.79 5.56
C LEU A 791 -37.75 -21.72 5.08
N ALA A 792 -39.00 -21.77 5.54
CA ALA A 792 -39.98 -20.77 5.15
C ALA A 792 -39.48 -19.37 5.46
N ILE A 793 -39.07 -19.14 6.71
CA ILE A 793 -38.70 -17.80 7.12
C ILE A 793 -37.38 -17.37 6.52
N THR A 794 -36.43 -18.30 6.32
CA THR A 794 -35.17 -17.87 5.72
C THR A 794 -35.35 -17.53 4.25
N ILE A 795 -36.20 -18.28 3.54
CA ILE A 795 -36.53 -17.90 2.18
C ILE A 795 -37.23 -16.55 2.18
N CYS A 796 -38.07 -16.32 3.19
CA CYS A 796 -38.71 -15.01 3.30
C CYS A 796 -37.67 -13.92 3.50
N ILE A 797 -36.64 -14.20 4.29
CA ILE A 797 -35.61 -13.21 4.57
C ILE A 797 -34.84 -12.88 3.29
N VAL A 798 -34.42 -13.91 2.57
CA VAL A 798 -33.69 -13.68 1.33
C VAL A 798 -34.57 -12.95 0.32
N LEU A 799 -35.86 -13.28 0.28
CA LEU A 799 -36.77 -12.57 -0.60
C LEU A 799 -36.85 -11.10 -0.22
N ASN A 800 -36.95 -10.82 1.07
CA ASN A 800 -37.01 -9.43 1.54
C ASN A 800 -35.76 -8.69 1.15
N THR A 801 -34.59 -9.32 1.30
CA THR A 801 -33.34 -8.67 0.96
C THR A 801 -33.27 -8.37 -0.53
N LEU A 802 -33.60 -9.36 -1.36
CA LEU A 802 -33.64 -9.11 -2.80
C LEU A 802 -34.68 -8.07 -3.16
N PHE A 803 -35.71 -7.93 -2.34
CA PHE A 803 -36.78 -7.01 -2.64
C PHE A 803 -36.39 -5.57 -2.35
N MET A 804 -35.64 -5.34 -1.27
CA MET A 804 -35.21 -3.99 -0.98
C MET A 804 -34.10 -3.52 -1.91
N ALA A 805 -33.45 -4.43 -2.61
CA ALA A 805 -32.35 -4.11 -3.51
C ALA A 805 -32.83 -3.67 -4.89
N MET A 806 -34.09 -3.26 -5.01
CA MET A 806 -34.64 -2.91 -6.30
C MET A 806 -34.84 -1.41 -6.46
N GLU A 807 -34.43 -0.61 -5.49
CA GLU A 807 -34.59 0.82 -5.63
C GLU A 807 -33.55 1.38 -6.59
N HIS A 808 -33.90 2.48 -7.22
CA HIS A 808 -32.98 3.25 -8.04
C HIS A 808 -33.43 4.69 -7.99
N HIS A 809 -32.68 5.58 -8.64
CA HIS A 809 -33.04 6.99 -8.55
C HIS A 809 -34.31 7.33 -9.32
N PRO A 810 -34.37 7.14 -10.64
CA PRO A 810 -35.51 7.64 -11.41
C PRO A 810 -36.70 6.69 -11.42
N MET A 811 -37.16 6.31 -10.23
CA MET A 811 -38.27 5.38 -10.12
C MET A 811 -39.59 6.04 -10.49
N THR A 812 -40.59 5.20 -10.70
CA THR A 812 -41.96 5.64 -10.95
C THR A 812 -42.84 5.29 -9.76
N GLU A 813 -44.00 5.96 -9.69
CA GLU A 813 -44.84 5.87 -8.51
C GLU A 813 -45.36 4.44 -8.29
N GLU A 814 -45.72 3.76 -9.37
CA GLU A 814 -46.17 2.37 -9.26
C GLU A 814 -45.13 1.52 -8.56
N PHE A 815 -43.87 1.65 -8.97
CA PHE A 815 -42.80 0.91 -8.32
C PHE A 815 -42.72 1.29 -6.84
N LYS A 816 -42.94 2.57 -6.55
CA LYS A 816 -42.88 3.03 -5.16
C LYS A 816 -43.90 2.29 -4.30
N ASN A 817 -45.17 2.31 -4.72
CA ASN A 817 -46.19 1.67 -3.89
C ASN A 817 -46.01 0.16 -3.87
N VAL A 818 -45.47 -0.42 -4.95
CA VAL A 818 -45.16 -1.85 -4.93
C VAL A 818 -44.17 -2.15 -3.82
N LEU A 819 -43.10 -1.37 -3.75
CA LEU A 819 -42.14 -1.53 -2.67
C LEU A 819 -42.80 -1.35 -1.31
N ALA A 820 -43.73 -0.40 -1.22
CA ALA A 820 -44.41 -0.15 0.04
C ALA A 820 -45.16 -1.40 0.51
N ILE A 821 -45.99 -1.97 -0.37
CA ILE A 821 -46.76 -3.14 0.03
C ILE A 821 -45.84 -4.32 0.32
N GLY A 822 -44.74 -4.44 -0.42
CA GLY A 822 -43.81 -5.52 -0.15
C GLY A 822 -43.19 -5.42 1.22
N ASN A 823 -42.73 -4.22 1.59
CA ASN A 823 -42.17 -4.03 2.91
C ASN A 823 -43.19 -4.31 3.99
N LEU A 824 -44.43 -3.89 3.77
CA LEU A 824 -45.47 -4.13 4.77
C LEU A 824 -45.73 -5.61 4.95
N VAL A 825 -45.80 -6.36 3.84
CA VAL A 825 -46.07 -7.79 3.92
C VAL A 825 -44.94 -8.50 4.66
N PHE A 826 -43.71 -8.18 4.32
CA PHE A 826 -42.59 -8.81 5.00
C PHE A 826 -42.58 -8.46 6.47
N THR A 827 -42.89 -7.20 6.81
CA THR A 827 -42.92 -6.81 8.21
C THR A 827 -43.98 -7.56 8.96
N GLY A 828 -45.16 -7.73 8.35
CA GLY A 828 -46.22 -8.49 9.00
C GLY A 828 -45.81 -9.93 9.24
N ILE A 829 -45.21 -10.57 8.23
CA ILE A 829 -44.76 -11.95 8.40
C ILE A 829 -43.75 -12.04 9.54
N PHE A 830 -42.84 -11.08 9.60
CA PHE A 830 -41.80 -11.12 10.63
C PHE A 830 -42.41 -10.97 12.02
N ALA A 831 -43.33 -10.00 12.18
CA ALA A 831 -43.97 -9.82 13.47
C ALA A 831 -44.82 -11.03 13.84
N ALA A 832 -45.42 -11.69 12.85
CA ALA A 832 -46.23 -12.86 13.13
C ALA A 832 -45.38 -14.01 13.64
N GLU A 833 -44.25 -14.27 12.98
CA GLU A 833 -43.37 -15.31 13.48
C GLU A 833 -42.84 -14.94 14.87
N MET A 834 -42.59 -13.65 15.10
CA MET A 834 -42.11 -13.21 16.40
C MET A 834 -43.12 -13.53 17.49
N VAL A 835 -44.37 -13.11 17.29
CA VAL A 835 -45.38 -13.31 18.33
C VAL A 835 -45.72 -14.78 18.49
N LEU A 836 -45.65 -15.56 17.41
CA LEU A 836 -45.87 -16.99 17.53
C LEU A 836 -44.83 -17.61 18.45
N LYS A 837 -43.55 -17.42 18.12
CA LYS A 837 -42.51 -17.99 18.98
C LYS A 837 -42.55 -17.37 20.37
N LEU A 838 -43.06 -16.15 20.49
CA LEU A 838 -43.12 -15.50 21.78
C LEU A 838 -44.07 -16.28 22.67
N ILE A 839 -45.30 -16.45 22.24
CA ILE A 839 -46.27 -17.24 23.00
C ILE A 839 -45.95 -18.75 23.08
N ALA A 840 -45.46 -19.34 21.99
CA ALA A 840 -45.22 -20.79 21.99
C ALA A 840 -44.19 -21.20 22.98
N MET A 841 -43.10 -20.48 23.04
CA MET A 841 -42.08 -20.75 24.02
C MET A 841 -42.46 -19.90 25.21
N ASP A 842 -41.92 -20.17 26.38
CA ASP A 842 -42.19 -19.29 27.50
C ASP A 842 -41.67 -17.94 27.05
N PRO A 843 -42.40 -16.84 27.33
CA PRO A 843 -41.81 -15.56 26.94
C PRO A 843 -40.45 -15.38 27.58
N TYR A 844 -40.27 -15.82 28.83
CA TYR A 844 -38.95 -15.77 29.44
C TYR A 844 -37.96 -16.64 28.68
N GLU A 845 -38.36 -17.84 28.28
CA GLU A 845 -37.49 -18.70 27.47
C GLU A 845 -37.20 -18.12 26.09
N TYR A 846 -38.20 -17.54 25.43
CA TYR A 846 -38.00 -16.89 24.14
C TYR A 846 -36.93 -15.86 24.33
N PHE A 847 -37.19 -14.95 25.24
CA PHE A 847 -36.21 -13.86 25.52
C PHE A 847 -34.84 -14.40 25.96
N GLN A 848 -34.76 -15.59 26.53
CA GLN A 848 -33.42 -16.09 26.88
C GLN A 848 -32.48 -16.08 25.65
N VAL A 849 -32.93 -16.51 24.46
CA VAL A 849 -32.04 -16.82 23.35
C VAL A 849 -31.60 -15.53 22.66
N GLY A 850 -30.29 -15.35 22.53
CA GLY A 850 -29.73 -14.17 21.92
C GLY A 850 -30.30 -13.84 20.55
N TRP A 851 -30.32 -14.83 19.66
CA TRP A 851 -30.89 -14.61 18.34
C TRP A 851 -32.30 -14.06 18.44
N ASN A 852 -33.09 -14.56 19.37
CA ASN A 852 -34.45 -14.05 19.54
C ASN A 852 -34.45 -12.63 20.06
N ILE A 853 -33.49 -12.27 20.92
CA ILE A 853 -33.35 -10.87 21.31
C ILE A 853 -33.11 -10.02 20.07
N PHE A 854 -32.23 -10.47 19.19
CA PHE A 854 -31.94 -9.73 17.97
C PHE A 854 -33.19 -9.56 17.13
N ASP A 855 -33.90 -10.67 16.89
CA ASP A 855 -35.10 -10.63 16.06
C ASP A 855 -36.14 -9.68 16.67
N SER A 856 -36.38 -9.81 17.97
CA SER A 856 -37.35 -8.97 18.64
C SER A 856 -36.98 -7.50 18.54
N LEU A 857 -35.70 -7.20 18.72
CA LEU A 857 -35.23 -5.83 18.54
C LEU A 857 -35.60 -5.31 17.16
N ILE A 858 -35.26 -6.07 16.13
CA ILE A 858 -35.50 -5.62 14.76
C ILE A 858 -36.98 -5.41 14.52
N VAL A 859 -37.80 -6.39 14.90
CA VAL A 859 -39.23 -6.30 14.63
C VAL A 859 -39.84 -5.13 15.38
N THR A 860 -39.45 -4.95 16.64
CA THR A 860 -39.99 -3.84 17.41
C THR A 860 -39.62 -2.52 16.78
N LEU A 861 -38.39 -2.38 16.31
CA LEU A 861 -38.00 -1.15 15.64
C LEU A 861 -38.84 -0.92 14.39
N SER A 862 -39.08 -1.99 13.62
CA SER A 862 -39.92 -1.87 12.44
C SER A 862 -41.32 -1.38 12.80
N LEU A 863 -41.90 -1.94 13.86
CA LEU A 863 -43.25 -1.55 14.24
C LEU A 863 -43.30 -0.10 14.71
N VAL A 864 -42.31 0.31 15.50
CA VAL A 864 -42.21 1.72 15.87
C VAL A 864 -42.16 2.59 14.64
N GLU A 865 -41.42 2.16 13.62
CA GLU A 865 -41.40 2.90 12.36
C GLU A 865 -42.79 2.98 11.75
N LEU A 866 -43.53 1.87 11.80
CA LEU A 866 -44.87 1.85 11.20
C LEU A 866 -45.80 2.84 11.89
N PHE A 867 -45.87 2.79 13.21
CA PHE A 867 -46.98 3.41 13.94
C PHE A 867 -47.07 4.93 13.74
N LEU A 868 -46.08 5.66 14.24
CA LEU A 868 -46.14 7.11 14.24
C LEU A 868 -45.41 7.67 13.02
N ALA A 869 -45.25 8.99 12.99
CA ALA A 869 -44.53 9.66 11.92
C ALA A 869 -43.03 9.60 12.23
N ASP A 870 -42.42 8.46 11.91
CA ASP A 870 -40.99 8.27 12.07
C ASP A 870 -40.29 8.09 10.72
N VAL A 871 -40.97 8.42 9.63
CA VAL A 871 -40.43 8.25 8.28
C VAL A 871 -39.12 9.02 8.11
N GLU A 872 -38.87 10.00 8.97
CA GLU A 872 -37.68 10.84 8.85
C GLU A 872 -36.40 10.00 8.85
N GLY A 873 -36.22 9.18 9.87
CA GLY A 873 -35.02 8.37 9.97
C GLY A 873 -35.15 6.99 9.34
N LEU A 874 -35.45 6.94 8.04
CA LEU A 874 -35.57 5.65 7.36
C LEU A 874 -34.26 4.88 7.34
N SER A 875 -33.14 5.57 7.58
CA SER A 875 -31.85 4.91 7.68
C SER A 875 -31.90 3.76 8.66
N VAL A 876 -32.41 4.02 9.87
CA VAL A 876 -32.41 3.00 10.91
C VAL A 876 -33.32 1.85 10.52
N LEU A 877 -34.47 2.14 9.92
CA LEU A 877 -35.38 1.09 9.49
C LEU A 877 -34.70 0.16 8.51
N ARG A 878 -34.19 0.74 7.42
CA ARG A 878 -33.48 -0.06 6.43
C ARG A 878 -32.37 -0.87 7.06
N SER A 879 -31.49 -0.20 7.80
CA SER A 879 -30.34 -0.86 8.39
C SER A 879 -30.76 -2.05 9.24
N PHE A 880 -31.76 -1.87 10.09
CA PHE A 880 -32.10 -2.94 11.01
C PHE A 880 -32.74 -4.11 10.29
N ARG A 881 -33.68 -3.86 9.37
CA ARG A 881 -34.23 -5.01 8.67
C ARG A 881 -33.21 -5.66 7.76
N LEU A 882 -32.16 -4.94 7.37
CA LEU A 882 -31.10 -5.53 6.57
C LEU A 882 -30.22 -6.44 7.39
N LEU A 883 -29.85 -6.02 8.60
CA LEU A 883 -28.99 -6.85 9.43
C LEU A 883 -29.55 -8.24 9.67
N ARG A 884 -30.82 -8.47 9.31
CA ARG A 884 -31.46 -9.75 9.54
C ARG A 884 -30.78 -10.88 8.77
N VAL A 885 -30.08 -10.56 7.69
CA VAL A 885 -29.46 -11.58 6.86
C VAL A 885 -28.53 -12.48 7.65
N PHE A 886 -27.93 -11.98 8.71
CA PHE A 886 -26.99 -12.79 9.47
C PHE A 886 -27.62 -14.02 10.09
N LYS A 887 -28.96 -14.15 10.06
CA LYS A 887 -29.56 -15.34 10.59
C LYS A 887 -29.18 -16.59 9.82
N LEU A 888 -28.60 -16.43 8.62
CA LEU A 888 -28.14 -17.54 7.83
C LEU A 888 -26.83 -18.13 8.34
N ALA A 889 -26.24 -17.53 9.36
CA ALA A 889 -24.93 -17.98 9.82
C ALA A 889 -24.99 -19.36 10.45
N LYS A 890 -26.17 -19.87 10.77
CA LYS A 890 -26.26 -21.19 11.37
C LYS A 890 -25.94 -22.29 10.37
N SER A 891 -26.27 -22.08 9.09
CA SER A 891 -26.08 -23.10 8.08
C SER A 891 -25.00 -22.73 7.08
N TRP A 892 -24.29 -21.63 7.29
CA TRP A 892 -23.23 -21.22 6.38
C TRP A 892 -21.92 -21.09 7.16
N PRO A 893 -20.94 -22.02 6.91
CA PRO A 893 -19.73 -21.90 7.74
C PRO A 893 -18.93 -20.59 7.66
N THR A 894 -18.66 -20.07 6.46
CA THR A 894 -17.85 -18.84 6.31
C THR A 894 -18.49 -17.57 6.90
N LEU A 895 -19.80 -17.42 6.79
CA LEU A 895 -20.43 -16.27 7.42
C LEU A 895 -20.25 -16.39 8.91
N ASN A 896 -20.37 -17.60 9.43
CA ASN A 896 -20.21 -17.84 10.86
C ASN A 896 -18.78 -17.47 11.23
N MET A 897 -17.82 -17.82 10.39
CA MET A 897 -16.42 -17.47 10.64
C MET A 897 -16.20 -15.97 10.67
N LEU A 898 -16.82 -15.21 9.77
CA LEU A 898 -16.72 -13.74 9.84
C LEU A 898 -17.34 -13.20 11.11
N ILE A 899 -18.48 -13.77 11.53
CA ILE A 899 -19.08 -13.33 12.78
C ILE A 899 -18.12 -13.61 13.94
N LYS A 900 -17.45 -14.76 13.93
CA LYS A 900 -16.47 -15.08 14.97
C LYS A 900 -15.29 -14.12 14.97
N ILE A 901 -14.82 -13.74 13.78
CA ILE A 901 -13.74 -12.76 13.69
C ILE A 901 -14.19 -11.46 14.31
N ILE A 902 -15.42 -11.05 14.07
CA ILE A 902 -15.90 -9.84 14.76
C ILE A 902 -15.99 -10.07 16.28
N GLY A 903 -16.58 -11.17 16.74
CA GLY A 903 -16.71 -11.47 18.15
C GLY A 903 -15.36 -11.51 18.85
N ASN A 904 -14.37 -12.13 18.22
CA ASN A 904 -13.03 -12.13 18.78
C ASN A 904 -12.51 -10.71 18.92
N SER A 905 -12.66 -9.89 17.90
CA SER A 905 -12.10 -8.52 18.00
C SER A 905 -12.81 -7.67 19.07
N VAL A 906 -14.03 -7.99 19.48
CA VAL A 906 -14.66 -7.14 20.48
C VAL A 906 -14.77 -7.82 21.83
N GLY A 907 -14.40 -9.09 21.94
CA GLY A 907 -14.65 -9.76 23.20
C GLY A 907 -13.57 -10.72 23.69
N ALA A 908 -12.49 -10.87 22.94
CA ALA A 908 -11.37 -11.67 23.40
C ALA A 908 -10.10 -10.85 23.27
N LEU A 909 -10.09 -9.97 22.28
CA LEU A 909 -9.03 -9.00 22.08
C LEU A 909 -9.56 -7.58 22.27
N GLY A 910 -10.58 -7.44 23.11
CA GLY A 910 -11.17 -6.12 23.33
C GLY A 910 -10.18 -5.13 23.88
N ASN A 911 -9.19 -5.59 24.63
CA ASN A 911 -8.21 -4.68 25.18
C ASN A 911 -7.33 -4.09 24.10
N LEU A 912 -6.97 -4.89 23.10
CA LEU A 912 -6.15 -4.37 22.01
C LEU A 912 -6.91 -3.34 21.21
N THR A 913 -8.18 -3.63 20.91
CA THR A 913 -9.01 -2.64 20.23
C THR A 913 -9.14 -1.38 21.06
N LEU A 914 -9.28 -1.53 22.37
CA LEU A 914 -9.41 -0.37 23.24
C LEU A 914 -8.14 0.46 23.21
N VAL A 915 -6.98 -0.19 23.24
CA VAL A 915 -5.72 0.54 23.14
C VAL A 915 -5.64 1.28 21.82
N LEU A 916 -6.06 0.62 20.73
CA LEU A 916 -6.07 1.30 19.44
C LEU A 916 -6.94 2.54 19.48
N ALA A 917 -8.13 2.42 20.06
CA ALA A 917 -9.03 3.56 20.13
C ALA A 917 -8.42 4.68 20.96
N ILE A 918 -7.77 4.32 22.07
CA ILE A 918 -7.16 5.33 22.92
C ILE A 918 -6.05 6.06 22.19
N ILE A 919 -5.20 5.31 21.49
CA ILE A 919 -4.10 5.93 20.76
C ILE A 919 -4.62 6.85 19.67
N VAL A 920 -5.64 6.40 18.94
CA VAL A 920 -6.21 7.26 17.91
C VAL A 920 -6.79 8.52 18.53
N PHE A 921 -7.46 8.39 19.67
CA PHE A 921 -8.01 9.55 20.34
C PHE A 921 -6.92 10.52 20.73
N ILE A 922 -5.83 10.01 21.32
CA ILE A 922 -4.74 10.85 21.78
C ILE A 922 -4.12 11.59 20.60
N PHE A 923 -3.85 10.88 19.51
CA PHE A 923 -3.26 11.53 18.36
C PHE A 923 -4.18 12.59 17.80
N ALA A 924 -5.49 12.32 17.78
CA ALA A 924 -6.43 13.32 17.30
C ALA A 924 -6.38 14.57 18.18
N VAL A 925 -6.35 14.38 19.49
CA VAL A 925 -6.36 15.52 20.39
C VAL A 925 -5.09 16.35 20.22
N VAL A 926 -3.93 15.69 20.21
CA VAL A 926 -2.69 16.44 20.12
C VAL A 926 -2.59 17.14 18.76
N GLY A 927 -3.06 16.49 17.70
CA GLY A 927 -3.10 17.16 16.42
C GLY A 927 -3.94 18.41 16.46
N MET A 928 -5.11 18.36 17.07
CA MET A 928 -5.92 19.56 17.18
C MET A 928 -5.19 20.67 17.93
N GLN A 929 -4.61 20.36 19.08
CA GLN A 929 -3.98 21.41 19.89
C GLN A 929 -2.78 22.10 19.25
N LEU A 930 -1.84 21.34 18.70
CA LEU A 930 -0.69 21.92 18.01
C LEU A 930 -0.97 22.62 16.69
N PHE A 931 -1.79 22.01 15.84
CA PHE A 931 -1.99 22.55 14.50
C PHE A 931 -3.30 23.27 14.23
N GLY A 932 -4.28 23.18 15.12
CA GLY A 932 -5.58 23.74 14.83
C GLY A 932 -5.67 25.22 14.57
N LYS A 933 -5.00 26.02 15.38
CA LYS A 933 -5.01 27.47 15.19
C LYS A 933 -4.37 27.85 13.89
N SER A 934 -3.30 27.15 13.51
CA SER A 934 -2.57 27.49 12.31
C SER A 934 -3.45 27.43 11.06
N TYR A 935 -4.30 26.42 10.96
CA TYR A 935 -5.16 26.30 9.79
C TYR A 935 -6.08 27.50 9.63
N LYS A 936 -6.63 28.02 10.71
CA LYS A 936 -7.47 29.19 10.60
C LYS A 936 -6.64 30.40 10.21
N GLU A 937 -5.56 30.63 10.94
CA GLU A 937 -4.68 31.78 10.67
C GLU A 937 -3.95 31.75 9.33
N CYS A 938 -3.47 30.58 8.90
CA CYS A 938 -2.67 30.47 7.70
C CYS A 938 -3.45 29.88 6.55
N VAL A 939 -4.77 30.02 6.55
CA VAL A 939 -5.60 29.35 5.55
C VAL A 939 -5.35 29.72 4.08
N CYS A 940 -5.10 31.00 3.78
CA CYS A 940 -4.94 31.40 2.39
C CYS A 940 -3.70 30.74 1.77
N LYS A 941 -2.74 30.33 2.60
CA LYS A 941 -1.53 29.65 2.11
C LYS A 941 -1.75 28.20 1.61
N ILE A 942 -2.92 27.61 1.88
CA ILE A 942 -3.17 26.24 1.47
C ILE A 942 -4.45 26.20 0.67
N ASN A 943 -5.14 27.32 0.59
CA ASN A 943 -6.39 27.40 -0.14
C ASN A 943 -6.52 28.81 -0.71
N ASP A 944 -7.07 28.85 -1.92
CA ASP A 944 -7.25 30.07 -2.72
C ASP A 944 -8.48 30.86 -2.27
N ASP A 945 -9.49 30.23 -1.69
CA ASP A 945 -10.70 30.98 -1.24
C ASP A 945 -10.60 31.38 0.22
N CYS A 946 -9.44 31.26 0.88
CA CYS A 946 -9.27 31.61 2.28
C CYS A 946 -10.36 30.98 3.13
N THR A 947 -10.62 29.71 2.88
CA THR A 947 -11.53 28.89 3.68
C THR A 947 -10.86 27.55 3.94
N LEU A 948 -11.24 26.93 5.05
CA LEU A 948 -10.58 25.71 5.47
C LEU A 948 -10.67 24.64 4.39
N PRO A 949 -9.63 23.88 4.17
CA PRO A 949 -9.68 22.84 3.15
C PRO A 949 -10.60 21.70 3.55
N ARG A 950 -10.66 20.67 2.71
CA ARG A 950 -11.55 19.55 3.01
C ARG A 950 -11.03 18.71 4.16
N TRP A 951 -9.72 18.72 4.38
CA TRP A 951 -9.11 18.00 5.50
C TRP A 951 -8.31 18.99 6.32
N HIS A 952 -8.75 19.24 7.55
CA HIS A 952 -7.99 20.10 8.44
C HIS A 952 -7.92 19.49 9.82
N MET A 953 -7.39 20.23 10.79
CA MET A 953 -7.30 19.79 12.16
C MET A 953 -7.81 20.86 13.09
N ASN A 954 -8.78 21.64 12.64
CA ASN A 954 -9.26 22.77 13.42
C ASN A 954 -10.29 22.38 14.46
N ASP A 955 -10.84 21.17 14.38
CA ASP A 955 -11.74 20.69 15.41
C ASP A 955 -11.53 19.19 15.54
N PHE A 956 -12.15 18.61 16.57
CA PHE A 956 -11.83 17.23 16.93
C PHE A 956 -12.24 16.25 15.85
N PHE A 957 -13.40 16.46 15.23
CA PHE A 957 -13.87 15.49 14.25
C PHE A 957 -12.94 15.42 13.06
N HIS A 958 -12.57 16.58 12.50
CA HIS A 958 -11.71 16.57 11.32
C HIS A 958 -10.32 16.08 11.65
N SER A 959 -9.82 16.41 12.84
CA SER A 959 -8.54 15.87 13.26
C SER A 959 -8.59 14.35 13.31
N PHE A 960 -9.65 13.81 13.89
CA PHE A 960 -9.81 12.37 13.92
C PHE A 960 -9.86 11.79 12.52
N LEU A 961 -10.53 12.48 11.61
CA LEU A 961 -10.58 11.98 10.23
C LEU A 961 -9.21 11.95 9.60
N ILE A 962 -8.39 12.97 9.87
CA ILE A 962 -7.04 12.97 9.31
C ILE A 962 -6.22 11.82 9.87
N VAL A 963 -6.35 11.57 11.16
CA VAL A 963 -5.64 10.44 11.76
C VAL A 963 -6.10 9.14 11.12
N PHE A 964 -7.41 9.02 10.85
CA PHE A 964 -7.91 7.82 10.20
C PHE A 964 -7.32 7.68 8.81
N ARG A 965 -7.25 8.77 8.06
CA ARG A 965 -6.64 8.72 6.74
C ARG A 965 -5.21 8.21 6.81
N VAL A 966 -4.41 8.78 7.72
CA VAL A 966 -3.04 8.32 7.86
C VAL A 966 -2.99 6.84 8.19
N LEU A 967 -3.94 6.37 9.00
CA LEU A 967 -3.99 4.94 9.28
C LEU A 967 -4.29 4.14 8.04
N CYS A 968 -5.14 4.66 7.16
CA CYS A 968 -5.47 3.93 5.94
C CYS A 968 -4.27 3.84 5.01
N GLY A 969 -3.48 4.91 4.91
CA GLY A 969 -2.29 4.88 4.11
C GLY A 969 -1.99 6.17 3.36
N GLU A 970 -2.91 7.12 3.41
CA GLU A 970 -2.77 8.37 2.68
C GLU A 970 -2.33 9.47 3.64
N TRP A 971 -1.08 9.86 3.56
CA TRP A 971 -0.54 10.84 4.48
C TRP A 971 0.23 11.97 3.82
N ILE A 972 0.59 11.87 2.55
CA ILE A 972 1.52 12.84 1.98
C ILE A 972 0.83 14.18 1.77
N GLU A 973 -0.42 14.18 1.33
CA GLU A 973 -1.05 15.43 0.92
C GLU A 973 -1.43 16.27 2.12
N THR A 974 -2.07 15.66 3.11
CA THR A 974 -2.40 16.39 4.31
C THR A 974 -1.12 16.98 4.88
N MET A 975 -0.05 16.20 4.84
CA MET A 975 1.20 16.66 5.40
C MET A 975 1.71 17.88 4.65
N TRP A 976 1.58 17.98 3.34
CA TRP A 976 2.10 19.20 2.70
C TRP A 976 1.40 20.45 3.22
N ASP A 977 0.08 20.40 3.35
CA ASP A 977 -0.68 21.55 3.83
C ASP A 977 -0.26 21.86 5.25
N CYS A 978 -0.07 20.81 6.04
CA CYS A 978 0.40 21.01 7.40
C CYS A 978 1.76 21.68 7.48
N MET A 979 2.70 21.27 6.63
CA MET A 979 4.02 21.89 6.61
C MET A 979 3.90 23.34 6.20
N GLU A 980 3.03 23.62 5.26
CA GLU A 980 2.81 25.01 4.89
C GLU A 980 2.27 25.85 6.04
N VAL A 981 1.34 25.32 6.83
CA VAL A 981 0.77 26.15 7.88
C VAL A 981 1.45 26.09 9.24
N ALA A 982 2.30 25.09 9.49
CA ALA A 982 2.84 24.90 10.83
C ALA A 982 4.30 24.47 10.82
N GLY A 983 5.04 24.76 9.76
CA GLY A 983 6.46 24.47 9.78
C GLY A 983 6.79 23.02 9.57
N GLN A 984 7.98 22.75 9.02
CA GLN A 984 8.32 21.39 8.63
C GLN A 984 8.57 20.51 9.85
N ALA A 985 9.25 21.04 10.86
CA ALA A 985 9.76 20.21 11.95
C ALA A 985 8.64 19.47 12.68
N MET A 986 7.75 20.22 13.32
CA MET A 986 6.71 19.60 14.13
C MET A 986 5.80 18.75 13.28
N CYS A 987 5.43 19.23 12.09
CA CYS A 987 4.55 18.47 11.21
C CYS A 987 5.16 17.12 10.88
N LEU A 988 6.43 17.11 10.50
CA LEU A 988 7.11 15.86 10.20
C LEU A 988 7.11 14.93 11.40
N ILE A 989 7.47 15.46 12.57
CA ILE A 989 7.55 14.62 13.77
C ILE A 989 6.20 13.98 14.05
N VAL A 990 5.14 14.79 14.06
CA VAL A 990 3.82 14.29 14.36
C VAL A 990 3.41 13.21 13.37
N TYR A 991 3.53 13.51 12.08
CA TYR A 991 3.06 12.56 11.08
C TYR A 991 3.86 11.27 11.12
N MET A 992 5.16 11.34 11.39
CA MET A 992 5.95 10.12 11.41
C MET A 992 5.60 9.28 12.63
N MET A 993 5.42 9.91 13.79
CA MET A 993 5.00 9.16 14.97
C MET A 993 3.67 8.47 14.69
N VAL A 994 2.71 9.22 14.15
CA VAL A 994 1.41 8.64 13.82
C VAL A 994 1.59 7.44 12.91
N MET A 995 2.24 7.65 11.76
CA MET A 995 2.48 6.57 10.82
C MET A 995 2.99 5.33 11.53
N VAL A 996 4.15 5.44 12.16
CA VAL A 996 4.83 4.24 12.64
C VAL A 996 4.04 3.59 13.77
N ILE A 997 3.63 4.36 14.78
CA ILE A 997 2.98 3.75 15.93
C ILE A 997 1.61 3.21 15.55
N GLY A 998 0.81 4.02 14.86
CA GLY A 998 -0.50 3.57 14.44
C GLY A 998 -0.44 2.32 13.58
N ASN A 999 0.45 2.31 12.60
CA ASN A 999 0.55 1.12 11.76
C ASN A 999 1.01 -0.08 12.56
N LEU A 1000 1.91 0.13 13.52
CA LEU A 1000 2.32 -0.98 14.38
C LEU A 1000 1.13 -1.57 15.12
N VAL A 1001 0.34 -0.70 15.77
CA VAL A 1001 -0.80 -1.18 16.53
C VAL A 1001 -1.81 -1.87 15.63
N VAL A 1002 -2.02 -1.31 14.44
CA VAL A 1002 -3.01 -1.86 13.52
C VAL A 1002 -2.57 -3.23 13.04
N LEU A 1003 -1.32 -3.37 12.65
CA LEU A 1003 -0.83 -4.68 12.22
C LEU A 1003 -0.90 -5.67 13.36
N ASN A 1004 -0.64 -5.22 14.59
CA ASN A 1004 -0.72 -6.14 15.72
C ASN A 1004 -2.15 -6.64 15.90
N LEU A 1005 -3.12 -5.73 15.87
CA LEU A 1005 -4.52 -6.13 15.96
C LEU A 1005 -4.88 -7.09 14.84
N PHE A 1006 -4.46 -6.76 13.62
CA PHE A 1006 -4.77 -7.59 12.47
C PHE A 1006 -4.25 -9.01 12.64
N LEU A 1007 -2.97 -9.14 12.99
CA LEU A 1007 -2.37 -10.46 13.12
C LEU A 1007 -2.97 -11.21 14.30
N ALA A 1008 -3.32 -10.50 15.37
CA ALA A 1008 -3.97 -11.16 16.49
C ALA A 1008 -5.29 -11.75 16.06
N LEU A 1009 -6.09 -10.99 15.32
CA LEU A 1009 -7.33 -11.52 14.79
C LEU A 1009 -7.08 -12.74 13.93
N LEU A 1010 -6.12 -12.64 13.01
CA LEU A 1010 -5.81 -13.75 12.13
C LEU A 1010 -5.51 -15.01 12.91
N LEU A 1011 -4.55 -14.93 13.84
CA LEU A 1011 -4.12 -16.13 14.55
C LEU A 1011 -5.23 -16.66 15.45
N SER A 1012 -5.83 -15.80 16.26
CA SER A 1012 -6.86 -16.25 17.19
C SER A 1012 -8.02 -16.90 16.44
N SER A 1013 -8.57 -16.20 15.45
CA SER A 1013 -9.78 -16.68 14.79
C SER A 1013 -9.51 -17.94 13.99
N PHE A 1014 -8.46 -17.93 13.16
CA PHE A 1014 -8.17 -19.05 12.28
C PHE A 1014 -7.32 -20.12 12.94
N SER A 1015 -7.37 -20.18 14.27
CA SER A 1015 -6.78 -21.31 14.99
C SER A 1015 -7.81 -22.42 15.17
N SER A 1016 -8.44 -22.81 14.05
CA SER A 1016 -9.55 -23.74 14.11
C SER A 1016 -9.14 -25.04 14.77
N ASP A 1017 -7.94 -25.54 14.44
CA ASP A 1017 -7.43 -26.74 15.09
C ASP A 1017 -7.34 -26.55 16.60
N ASN A 1018 -6.98 -25.34 17.03
CA ASN A 1018 -6.96 -25.02 18.45
C ASN A 1018 -8.34 -24.76 19.02
N LEU A 1019 -9.37 -24.63 18.18
CA LEU A 1019 -10.74 -24.38 18.62
C LEU A 1019 -11.69 -25.48 18.17
N THR A 1020 -11.19 -26.67 17.86
CA THR A 1020 -12.02 -27.81 17.47
C THR A 1020 -12.11 -28.77 18.66
N ALA A 1021 -13.18 -28.63 19.45
CA ALA A 1021 -13.45 -29.54 20.54
C ALA A 1021 -14.92 -29.90 20.64
N ILE A 1022 -15.73 -29.58 19.63
CA ILE A 1022 -17.15 -29.85 19.69
C ILE A 1022 -17.41 -31.35 19.61
N GLU A 1023 -18.45 -31.80 20.31
CA GLU A 1023 -18.86 -33.20 20.28
C GLU A 1023 -19.77 -33.42 19.07
N GLU A 1024 -20.44 -34.58 19.03
CA GLU A 1024 -21.29 -34.91 17.89
C GLU A 1024 -22.40 -33.90 17.72
N ASP A 1025 -22.60 -33.44 16.48
CA ASP A 1025 -23.63 -32.45 16.18
C ASP A 1025 -24.99 -32.95 16.64
N PRO A 1026 -25.61 -32.27 17.61
CA PRO A 1026 -26.93 -32.72 18.08
C PRO A 1026 -27.99 -32.66 16.99
N ASP A 1027 -28.03 -31.55 16.25
CA ASP A 1027 -29.00 -31.35 15.18
C ASP A 1027 -28.26 -30.82 13.95
N ALA A 1028 -28.01 -31.69 12.97
CA ALA A 1028 -27.66 -31.21 11.65
C ALA A 1028 -28.76 -30.27 11.19
N ASN A 1029 -28.37 -29.07 10.73
CA ASN A 1029 -29.30 -27.97 10.59
C ASN A 1029 -30.58 -28.40 9.89
N ASN A 1030 -31.71 -27.87 10.36
CA ASN A 1030 -32.99 -28.24 9.79
C ASN A 1030 -33.03 -28.03 8.28
N LEU A 1031 -32.01 -27.36 7.73
CA LEU A 1031 -31.88 -27.29 6.25
C LEU A 1031 -31.56 -28.73 5.79
N GLN A 1032 -30.62 -29.39 6.48
CA GLN A 1032 -30.28 -30.76 6.09
C GLN A 1032 -31.45 -31.71 6.33
N ILE A 1033 -32.15 -31.55 7.46
CA ILE A 1033 -33.27 -32.43 7.77
C ILE A 1033 -34.36 -32.28 6.73
N ALA A 1034 -34.73 -31.04 6.43
CA ALA A 1034 -35.76 -30.79 5.42
C ALA A 1034 -35.30 -31.26 4.05
N VAL A 1035 -34.01 -31.14 3.75
CA VAL A 1035 -33.50 -31.61 2.47
C VAL A 1035 -33.70 -33.11 2.35
N THR A 1036 -33.39 -33.86 3.42
CA THR A 1036 -33.61 -35.30 3.39
C THR A 1036 -35.09 -35.62 3.28
N ARG A 1037 -35.94 -34.90 4.02
CA ARG A 1037 -37.37 -35.16 3.96
C ARG A 1037 -37.91 -34.93 2.55
N ILE A 1038 -37.52 -33.84 1.91
CA ILE A 1038 -38.03 -33.54 0.58
C ILE A 1038 -37.44 -34.50 -0.45
N LYS A 1039 -36.20 -34.95 -0.26
CA LYS A 1039 -35.65 -35.96 -1.16
C LYS A 1039 -36.43 -37.26 -1.07
N LYS A 1040 -36.76 -37.69 0.16
CA LYS A 1040 -37.60 -38.87 0.33
C LYS A 1040 -38.95 -38.69 -0.36
N GLY A 1041 -39.58 -37.53 -0.12
CA GLY A 1041 -40.87 -37.27 -0.73
C GLY A 1041 -40.82 -37.29 -2.25
N ILE A 1042 -39.81 -36.64 -2.83
CA ILE A 1042 -39.75 -36.56 -4.29
C ILE A 1042 -39.42 -37.93 -4.89
N ASN A 1043 -38.63 -38.74 -4.18
CA ASN A 1043 -38.38 -40.10 -4.67
C ASN A 1043 -39.66 -40.92 -4.63
N TYR A 1044 -40.47 -40.70 -3.59
CA TYR A 1044 -41.79 -41.38 -3.48
C TYR A 1044 -42.57 -41.00 -4.74
N VAL A 1045 -42.71 -39.69 -4.94
CA VAL A 1045 -43.53 -39.18 -6.04
C VAL A 1045 -43.01 -39.69 -7.37
N LYS A 1046 -41.69 -39.74 -7.55
CA LYS A 1046 -41.10 -40.32 -8.75
C LYS A 1046 -41.58 -41.76 -8.94
N GLN A 1047 -41.51 -42.56 -7.87
CA GLN A 1047 -41.91 -43.96 -7.97
C GLN A 1047 -43.37 -44.09 -8.37
N THR A 1048 -44.26 -43.38 -7.68
CA THR A 1048 -45.69 -43.52 -7.98
C THR A 1048 -46.03 -42.96 -9.36
N LEU A 1049 -45.34 -41.89 -9.78
CA LEU A 1049 -45.61 -41.31 -11.08
C LEU A 1049 -45.11 -42.20 -12.20
N ARG A 1050 -43.96 -42.85 -12.02
CA ARG A 1050 -43.49 -43.81 -13.01
C ARG A 1050 -44.40 -45.03 -13.08
N GLU A 1051 -44.94 -45.45 -11.93
CA GLU A 1051 -45.95 -46.51 -11.93
C GLU A 1051 -47.17 -46.10 -12.75
N PHE A 1052 -47.66 -44.87 -12.53
CA PHE A 1052 -48.82 -44.38 -13.28
C PHE A 1052 -48.50 -44.28 -14.77
N ILE A 1053 -47.27 -43.89 -15.11
CA ILE A 1053 -46.87 -43.80 -16.51
C ILE A 1053 -46.87 -45.17 -17.16
N LEU A 1054 -46.28 -46.15 -16.47
CA LEU A 1054 -46.28 -47.52 -16.99
C LEU A 1054 -47.71 -48.04 -17.16
N LYS A 1055 -48.59 -47.70 -16.22
CA LYS A 1055 -49.98 -48.14 -16.32
C LYS A 1055 -50.68 -47.48 -17.51
N ALA A 1056 -50.40 -46.19 -17.74
CA ALA A 1056 -51.11 -45.46 -18.79
C ALA A 1056 -50.72 -45.95 -20.18
N PHE A 1057 -49.43 -46.16 -20.42
CA PHE A 1057 -48.96 -46.60 -21.73
C PHE A 1057 -48.72 -48.11 -21.75
N GLY A 1218 -5.53 -51.97 -42.46
CA GLY A 1218 -5.59 -51.06 -41.33
C GLY A 1218 -4.23 -50.78 -40.73
N LYS A 1219 -3.23 -51.48 -41.29
CA LYS A 1219 -1.79 -51.46 -40.86
C LYS A 1219 -1.06 -50.16 -41.27
N ILE A 1220 -1.60 -49.45 -42.26
CA ILE A 1220 -1.14 -48.13 -42.67
C ILE A 1220 -1.63 -47.06 -41.71
N TRP A 1221 -2.87 -47.18 -41.25
CA TRP A 1221 -3.43 -46.14 -40.40
C TRP A 1221 -2.74 -46.09 -39.05
N TRP A 1222 -2.51 -47.26 -38.44
CA TRP A 1222 -1.80 -47.27 -37.17
C TRP A 1222 -0.38 -46.76 -37.32
N ASN A 1223 0.27 -47.12 -38.44
CA ASN A 1223 1.61 -46.61 -38.67
C ASN A 1223 1.61 -45.09 -38.80
N ILE A 1224 0.61 -44.54 -39.49
CA ILE A 1224 0.50 -43.09 -39.60
C ILE A 1224 0.33 -42.47 -38.22
N ARG A 1225 -0.50 -43.09 -37.39
CA ARG A 1225 -0.71 -42.58 -36.04
C ARG A 1225 0.61 -42.55 -35.27
N LYS A 1226 1.37 -43.64 -35.32
CA LYS A 1226 2.62 -43.68 -34.58
C LYS A 1226 3.62 -42.68 -35.13
N THR A 1227 3.62 -42.48 -36.44
CA THR A 1227 4.52 -41.49 -37.04
C THR A 1227 4.19 -40.10 -36.53
N CYS A 1228 2.92 -39.72 -36.60
CA CYS A 1228 2.52 -38.39 -36.15
C CYS A 1228 2.83 -38.21 -34.67
N TYR A 1229 2.70 -39.28 -33.89
CA TYR A 1229 3.11 -39.21 -32.49
C TYR A 1229 4.59 -38.89 -32.37
N LYS A 1230 5.43 -39.70 -33.00
CA LYS A 1230 6.88 -39.48 -32.97
C LYS A 1230 7.21 -38.05 -33.32
N ILE A 1231 6.54 -37.50 -34.32
CA ILE A 1231 6.82 -36.11 -34.69
C ILE A 1231 6.40 -35.17 -33.58
N VAL A 1232 5.14 -35.22 -33.19
CA VAL A 1232 4.57 -34.15 -32.37
C VAL A 1232 5.06 -34.28 -30.94
N GLU A 1233 5.89 -35.28 -30.66
CA GLU A 1233 6.50 -35.39 -29.34
C GLU A 1233 7.98 -35.01 -29.34
N HIS A 1234 8.53 -34.60 -30.49
CA HIS A 1234 9.95 -34.37 -30.59
C HIS A 1234 10.32 -32.97 -30.15
N SER A 1235 11.51 -32.85 -29.55
CA SER A 1235 11.93 -31.58 -28.96
C SER A 1235 12.06 -30.48 -30.00
N TRP A 1236 12.60 -30.81 -31.18
CA TRP A 1236 12.67 -29.81 -32.24
C TRP A 1236 11.29 -29.23 -32.54
N PHE A 1237 10.28 -30.08 -32.57
CA PHE A 1237 8.94 -29.62 -32.88
C PHE A 1237 8.42 -28.64 -31.83
N GLU A 1238 8.59 -28.98 -30.56
CA GLU A 1238 8.08 -28.11 -29.51
C GLU A 1238 8.84 -26.79 -29.50
N SER A 1239 10.15 -26.83 -29.71
CA SER A 1239 10.90 -25.59 -29.77
C SER A 1239 10.42 -24.73 -30.93
N PHE A 1240 10.16 -25.36 -32.07
CA PHE A 1240 9.68 -24.61 -33.24
C PHE A 1240 8.33 -23.97 -32.96
N ILE A 1241 7.43 -24.71 -32.33
CA ILE A 1241 6.12 -24.16 -32.04
C ILE A 1241 6.22 -23.04 -31.02
N VAL A 1242 7.10 -23.16 -30.03
CA VAL A 1242 7.28 -22.09 -29.07
C VAL A 1242 7.82 -20.84 -29.77
N LEU A 1243 8.75 -21.04 -30.69
CA LEU A 1243 9.26 -19.91 -31.46
C LEU A 1243 8.15 -19.24 -32.25
N MET A 1244 7.30 -20.04 -32.89
CA MET A 1244 6.20 -19.47 -33.64
C MET A 1244 5.22 -18.73 -32.74
N ILE A 1245 5.00 -19.25 -31.53
CA ILE A 1245 4.12 -18.58 -30.58
C ILE A 1245 4.69 -17.21 -30.23
N LEU A 1246 5.98 -17.16 -29.91
CA LEU A 1246 6.60 -15.89 -29.57
C LEU A 1246 6.54 -14.92 -30.73
N LEU A 1247 6.80 -15.41 -31.94
CA LEU A 1247 6.75 -14.53 -33.11
C LEU A 1247 5.35 -13.99 -33.32
N SER A 1248 4.33 -14.85 -33.21
CA SER A 1248 2.95 -14.41 -33.41
C SER A 1248 2.56 -13.38 -32.38
N SER A 1249 2.92 -13.63 -31.11
CA SER A 1249 2.55 -12.71 -30.06
C SER A 1249 3.24 -11.36 -30.23
N GLY A 1250 4.53 -11.38 -30.55
CA GLY A 1250 5.25 -10.14 -30.75
C GLY A 1250 4.72 -9.33 -31.91
N ALA A 1251 4.10 -9.96 -32.89
CA ALA A 1251 3.55 -9.23 -34.02
C ALA A 1251 2.29 -8.47 -33.66
N LEU A 1252 1.74 -8.69 -32.47
CA LEU A 1252 0.58 -7.93 -32.04
C LEU A 1252 0.96 -6.58 -31.47
N ALA A 1253 2.23 -6.38 -31.14
CA ALA A 1253 2.64 -5.14 -30.50
C ALA A 1253 2.78 -3.98 -31.47
N PHE A 1254 2.53 -4.18 -32.76
CA PHE A 1254 2.83 -3.18 -33.75
C PHE A 1254 1.63 -2.40 -34.24
N GLU A 1255 0.41 -2.87 -34.02
CA GLU A 1255 -0.77 -2.18 -34.56
C GLU A 1255 -1.21 -1.07 -33.62
N ASP A 1256 -0.30 -0.14 -33.39
CA ASP A 1256 -0.61 1.05 -32.61
C ASP A 1256 -1.36 2.01 -33.51
N ILE A 1257 -1.55 3.25 -33.05
CA ILE A 1257 -2.15 4.26 -33.91
C ILE A 1257 -1.19 4.79 -34.95
N TYR A 1258 0.07 4.36 -34.91
CA TYR A 1258 1.07 4.80 -35.87
C TYR A 1258 1.30 3.78 -36.97
N ILE A 1259 0.38 2.82 -37.11
CA ILE A 1259 0.58 1.76 -38.07
C ILE A 1259 0.48 2.27 -39.50
N GLU A 1260 -0.13 3.43 -39.69
CA GLU A 1260 -0.22 3.99 -41.04
C GLU A 1260 1.07 4.61 -41.52
N ARG A 1261 2.01 4.88 -40.61
CA ARG A 1261 3.27 5.47 -41.04
C ARG A 1261 4.22 4.43 -41.62
N LYS A 1262 4.08 3.18 -41.22
CA LYS A 1262 4.95 2.10 -41.68
C LYS A 1262 4.09 1.09 -42.44
N LYS A 1263 3.95 1.30 -43.74
CA LYS A 1263 3.05 0.48 -44.53
C LYS A 1263 3.66 -0.86 -44.89
N THR A 1264 4.97 -0.90 -45.13
CA THR A 1264 5.63 -2.15 -45.45
C THR A 1264 5.47 -3.15 -44.32
N ILE A 1265 5.72 -2.71 -43.08
CA ILE A 1265 5.51 -3.58 -41.93
C ILE A 1265 4.07 -4.02 -41.85
N LYS A 1266 3.14 -3.15 -42.23
CA LYS A 1266 1.73 -3.51 -42.23
C LYS A 1266 1.47 -4.71 -43.13
N ILE A 1267 1.95 -4.65 -44.37
CA ILE A 1267 1.74 -5.76 -45.30
C ILE A 1267 2.44 -7.01 -44.80
N ILE A 1268 3.67 -6.85 -44.32
CA ILE A 1268 4.42 -7.98 -43.78
C ILE A 1268 3.63 -8.67 -42.69
N LEU A 1269 2.99 -7.89 -41.82
CA LEU A 1269 2.26 -8.47 -40.71
C LEU A 1269 1.01 -9.19 -41.18
N GLU A 1270 0.34 -8.64 -42.20
CA GLU A 1270 -0.79 -9.37 -42.76
C GLU A 1270 -0.37 -10.76 -43.22
N TYR A 1271 0.66 -10.83 -44.06
CA TYR A 1271 1.03 -12.14 -44.60
C TYR A 1271 1.60 -13.04 -43.52
N ALA A 1272 2.28 -12.47 -42.53
CA ALA A 1272 2.76 -13.29 -41.43
C ALA A 1272 1.61 -13.85 -40.61
N ASP A 1273 0.52 -13.11 -40.46
CA ASP A 1273 -0.65 -13.67 -39.79
C ASP A 1273 -1.20 -14.85 -40.57
N LYS A 1274 -1.27 -14.72 -41.89
CA LYS A 1274 -1.70 -15.86 -42.69
C LYS A 1274 -0.82 -17.08 -42.44
N ILE A 1275 0.51 -16.88 -42.47
CA ILE A 1275 1.42 -18.00 -42.30
C ILE A 1275 1.26 -18.62 -40.91
N PHE A 1276 1.12 -17.79 -39.88
CA PHE A 1276 0.95 -18.30 -38.53
C PHE A 1276 -0.29 -19.14 -38.42
N THR A 1277 -1.41 -18.64 -38.97
CA THR A 1277 -2.64 -19.42 -38.93
C THR A 1277 -2.44 -20.76 -39.61
N TYR A 1278 -1.77 -20.77 -40.76
CA TYR A 1278 -1.56 -22.03 -41.46
C TYR A 1278 -0.74 -23.00 -40.60
N ILE A 1279 0.34 -22.50 -39.99
CA ILE A 1279 1.19 -23.37 -39.17
C ILE A 1279 0.38 -23.95 -38.03
N PHE A 1280 -0.40 -23.12 -37.35
CA PHE A 1280 -1.11 -23.60 -36.17
C PHE A 1280 -2.21 -24.58 -36.56
N ILE A 1281 -2.83 -24.41 -37.72
CA ILE A 1281 -3.81 -25.39 -38.16
C ILE A 1281 -3.13 -26.71 -38.46
N LEU A 1282 -1.99 -26.67 -39.14
CA LEU A 1282 -1.26 -27.91 -39.39
C LEU A 1282 -0.89 -28.60 -38.09
N GLU A 1283 -0.45 -27.83 -37.10
CA GLU A 1283 -0.07 -28.40 -35.82
C GLU A 1283 -1.27 -29.02 -35.12
N MET A 1284 -2.42 -28.36 -35.19
CA MET A 1284 -3.62 -28.93 -34.59
C MET A 1284 -3.98 -30.24 -35.24
N LEU A 1285 -3.95 -30.30 -36.57
CA LEU A 1285 -4.27 -31.55 -37.24
C LEU A 1285 -3.29 -32.64 -36.84
N LEU A 1286 -2.00 -32.31 -36.79
CA LEU A 1286 -1.00 -33.28 -36.37
C LEU A 1286 -1.32 -33.82 -34.97
N LYS A 1287 -1.67 -32.92 -34.05
CA LYS A 1287 -1.97 -33.34 -32.66
C LYS A 1287 -3.13 -34.34 -32.66
N TRP A 1288 -4.18 -34.07 -33.44
CA TRP A 1288 -5.37 -34.97 -33.50
C TRP A 1288 -4.95 -36.35 -34.01
N ILE A 1289 -4.10 -36.39 -35.03
CA ILE A 1289 -3.69 -37.67 -35.66
C ILE A 1289 -2.93 -38.57 -34.68
N ALA A 1290 -2.03 -38.01 -33.88
CA ALA A 1290 -1.23 -38.85 -32.95
C ALA A 1290 -1.93 -39.06 -31.60
N TYR A 1291 -2.38 -37.98 -30.96
CA TYR A 1291 -3.05 -38.07 -29.63
C TYR A 1291 -4.39 -38.81 -29.72
N GLY A 1292 -5.15 -38.56 -30.78
CA GLY A 1292 -6.50 -39.16 -30.94
C GLY A 1292 -7.54 -38.17 -30.47
N TYR A 1293 -8.79 -38.33 -30.93
CA TYR A 1293 -9.87 -37.38 -30.55
C TYR A 1293 -10.19 -37.43 -29.04
N LYS A 1294 -10.28 -38.63 -28.46
CA LYS A 1294 -10.68 -38.69 -27.03
C LYS A 1294 -9.64 -38.00 -26.13
N THR A 1295 -8.35 -38.29 -26.34
CA THR A 1295 -7.27 -37.69 -25.50
C THR A 1295 -7.14 -36.18 -25.74
N TYR A 1296 -7.30 -35.73 -26.99
CA TYR A 1296 -7.14 -34.29 -27.31
C TYR A 1296 -8.20 -33.43 -26.64
N PHE A 1297 -9.46 -33.87 -26.62
CA PHE A 1297 -10.56 -33.04 -26.04
C PHE A 1297 -10.68 -33.20 -24.53
N THR A 1298 -10.00 -34.18 -23.93
CA THR A 1298 -10.08 -34.35 -22.46
C THR A 1298 -8.96 -33.57 -21.76
N ASN A 1299 -8.57 -32.42 -22.31
CA ASN A 1299 -7.57 -31.58 -21.70
C ASN A 1299 -8.11 -30.17 -21.60
N ALA A 1300 -7.50 -29.39 -20.72
CA ALA A 1300 -7.83 -27.98 -20.61
C ALA A 1300 -6.95 -27.11 -21.49
N TRP A 1301 -5.77 -27.59 -21.87
CA TRP A 1301 -4.90 -26.82 -22.72
C TRP A 1301 -5.29 -26.96 -24.18
N CYS A 1302 -5.54 -28.20 -24.61
CA CYS A 1302 -5.91 -28.42 -26.01
C CYS A 1302 -7.20 -27.70 -26.35
N TRP A 1303 -8.13 -27.60 -25.41
CA TRP A 1303 -9.34 -26.85 -25.67
C TRP A 1303 -9.03 -25.37 -25.87
N LEU A 1304 -8.09 -24.84 -25.10
CA LEU A 1304 -7.68 -23.46 -25.29
C LEU A 1304 -7.09 -23.25 -26.68
N ASP A 1305 -6.14 -24.10 -27.06
CA ASP A 1305 -5.53 -23.98 -28.38
C ASP A 1305 -6.58 -24.11 -29.47
N PHE A 1306 -7.50 -25.04 -29.31
CA PHE A 1306 -8.55 -25.25 -30.29
C PHE A 1306 -9.41 -24.01 -30.45
N LEU A 1307 -9.85 -23.43 -29.34
CA LEU A 1307 -10.66 -22.22 -29.42
C LEU A 1307 -9.90 -21.11 -30.13
N ILE A 1308 -8.63 -20.91 -29.76
CA ILE A 1308 -7.88 -19.81 -30.35
C ILE A 1308 -7.74 -20.01 -31.86
N VAL A 1309 -7.37 -21.22 -32.26
CA VAL A 1309 -7.15 -21.44 -33.69
C VAL A 1309 -8.46 -21.35 -34.45
N ASP A 1310 -9.58 -21.73 -33.82
CA ASP A 1310 -10.85 -21.62 -34.53
C ASP A 1310 -11.26 -20.17 -34.70
N VAL A 1311 -11.04 -19.35 -33.68
CA VAL A 1311 -11.32 -17.92 -33.85
C VAL A 1311 -10.48 -17.35 -34.99
N SER A 1312 -9.20 -17.68 -35.02
CA SER A 1312 -8.34 -17.17 -36.08
C SER A 1312 -8.80 -17.67 -37.44
N LEU A 1313 -9.18 -18.95 -37.53
CA LEU A 1313 -9.60 -19.52 -38.80
C LEU A 1313 -10.88 -18.88 -39.28
N VAL A 1314 -11.83 -18.64 -38.36
CA VAL A 1314 -13.07 -17.98 -38.74
C VAL A 1314 -12.78 -16.59 -39.28
N THR A 1315 -11.92 -15.84 -38.61
CA THR A 1315 -11.56 -14.52 -39.10
C THR A 1315 -10.95 -14.61 -40.50
N LEU A 1316 -10.03 -15.55 -40.70
CA LEU A 1316 -9.37 -15.69 -41.99
C LEU A 1316 -10.39 -16.01 -43.08
N VAL A 1317 -11.25 -16.99 -42.84
CA VAL A 1317 -12.18 -17.40 -43.88
C VAL A 1317 -13.20 -16.31 -44.16
N ALA A 1318 -13.57 -15.54 -43.14
CA ALA A 1318 -14.50 -14.45 -43.36
C ALA A 1318 -13.84 -13.24 -44.00
N ASN A 1319 -12.52 -13.18 -44.01
CA ASN A 1319 -11.82 -12.13 -44.73
C ASN A 1319 -11.52 -12.51 -46.18
N THR A 1320 -11.12 -13.75 -46.42
CA THR A 1320 -10.84 -14.17 -47.79
C THR A 1320 -12.13 -14.22 -48.61
N LEU A 1321 -13.22 -14.67 -48.00
CA LEU A 1321 -14.50 -14.67 -48.69
C LEU A 1321 -14.93 -13.25 -49.03
N GLY A 1322 -14.66 -12.31 -48.13
CA GLY A 1322 -14.89 -10.91 -48.43
C GLY A 1322 -15.92 -10.24 -47.57
N TYR A 1323 -16.75 -11.03 -46.88
CA TYR A 1323 -17.80 -10.45 -46.05
C TYR A 1323 -17.24 -9.97 -44.72
N SER A 1324 -16.19 -9.15 -44.77
CA SER A 1324 -15.63 -8.55 -43.58
C SER A 1324 -16.48 -7.35 -43.14
N ASP A 1325 -16.11 -6.81 -41.96
CA ASP A 1325 -16.75 -5.61 -41.34
C ASP A 1325 -18.26 -5.84 -41.21
N LEU A 1326 -18.68 -7.09 -41.09
CA LEU A 1326 -20.12 -7.42 -40.93
C LEU A 1326 -20.48 -7.51 -39.44
N GLY A 1327 -20.75 -6.39 -38.78
CA GLY A 1327 -21.19 -6.46 -37.37
C GLY A 1327 -20.17 -7.12 -36.45
N PRO A 1328 -20.52 -8.27 -35.83
CA PRO A 1328 -19.66 -8.97 -34.87
C PRO A 1328 -18.30 -9.45 -35.39
N ILE A 1329 -18.14 -9.63 -36.70
CA ILE A 1329 -16.84 -10.09 -37.27
C ILE A 1329 -15.73 -9.09 -36.91
N LYS A 1330 -16.01 -7.79 -36.95
CA LYS A 1330 -15.02 -6.74 -36.57
C LYS A 1330 -14.60 -6.91 -35.11
N SER A 1331 -15.54 -7.28 -34.22
CA SER A 1331 -15.23 -7.50 -32.79
C SER A 1331 -14.40 -8.79 -32.62
N LEU A 1332 -14.82 -9.88 -33.27
CA LEU A 1332 -14.07 -11.12 -33.19
C LEU A 1332 -12.61 -10.93 -33.52
N ARG A 1333 -12.28 -9.93 -34.34
CA ARG A 1333 -10.88 -9.70 -34.62
C ARG A 1333 -10.13 -9.20 -33.40
N THR A 1334 -10.81 -8.52 -32.49
CA THR A 1334 -10.16 -8.06 -31.28
C THR A 1334 -9.78 -9.19 -30.35
N LEU A 1335 -10.30 -10.39 -30.57
CA LEU A 1335 -9.91 -11.53 -29.76
C LEU A 1335 -8.56 -12.09 -30.15
N ARG A 1336 -7.88 -11.48 -31.12
CA ARG A 1336 -6.51 -11.86 -31.39
C ARG A 1336 -5.59 -11.59 -30.22
N ALA A 1337 -6.04 -10.82 -29.25
CA ALA A 1337 -5.27 -10.54 -28.05
C ALA A 1337 -5.32 -11.67 -27.06
N LEU A 1338 -5.79 -12.84 -27.48
CA LEU A 1338 -5.70 -14.04 -26.67
C LEU A 1338 -4.63 -14.99 -27.15
N ARG A 1339 -4.03 -14.74 -28.30
CA ARG A 1339 -2.97 -15.61 -28.80
C ARG A 1339 -1.82 -15.79 -27.81
N PRO A 1340 -1.42 -14.82 -27.00
CA PRO A 1340 -0.37 -15.10 -26.01
C PRO A 1340 -0.76 -16.18 -25.04
N LEU A 1341 -2.04 -16.40 -24.80
CA LEU A 1341 -2.45 -17.44 -23.88
C LEU A 1341 -1.97 -18.81 -24.31
N ARG A 1342 -1.59 -18.97 -25.56
CA ARG A 1342 -1.10 -20.25 -26.04
C ARG A 1342 0.26 -20.60 -25.46
N ALA A 1343 0.90 -19.66 -24.77
CA ALA A 1343 2.21 -19.91 -24.17
C ALA A 1343 2.12 -20.54 -22.79
N LEU A 1344 0.95 -20.52 -22.17
CA LEU A 1344 0.82 -21.09 -20.84
C LEU A 1344 1.17 -22.56 -20.83
N SER A 1345 0.71 -23.31 -21.84
CA SER A 1345 0.97 -24.74 -21.84
C SER A 1345 2.42 -25.08 -22.13
N ARG A 1346 3.24 -24.11 -22.52
CA ARG A 1346 4.62 -24.38 -22.91
C ARG A 1346 5.62 -24.17 -21.79
N PHE A 1347 5.50 -23.09 -21.03
CA PHE A 1347 6.46 -22.78 -19.98
C PHE A 1347 6.00 -23.40 -18.67
N GLU A 1348 6.76 -24.38 -18.19
CA GLU A 1348 6.43 -25.01 -16.92
C GLU A 1348 6.37 -24.01 -15.78
N GLY A 1349 7.20 -22.96 -15.85
CA GLY A 1349 7.18 -21.94 -14.82
C GLY A 1349 5.83 -21.28 -14.67
N MET A 1350 5.23 -20.88 -15.80
CA MET A 1350 3.88 -20.33 -15.74
C MET A 1350 2.86 -21.39 -15.35
N ARG A 1351 3.10 -22.63 -15.77
CA ARG A 1351 2.09 -23.66 -15.61
C ARG A 1351 1.91 -24.03 -14.14
N VAL A 1352 3.00 -24.08 -13.38
CA VAL A 1352 2.86 -24.46 -11.97
C VAL A 1352 2.01 -23.45 -11.22
N VAL A 1353 2.29 -22.16 -11.40
CA VAL A 1353 1.52 -21.16 -10.66
C VAL A 1353 0.10 -21.09 -11.19
N VAL A 1354 -0.11 -21.37 -12.48
CA VAL A 1354 -1.47 -21.40 -12.98
C VAL A 1354 -2.27 -22.51 -12.31
N ASN A 1355 -1.68 -23.70 -12.21
CA ASN A 1355 -2.43 -24.79 -11.58
C ASN A 1355 -2.61 -24.54 -10.09
N ALA A 1356 -1.67 -23.82 -9.46
CA ALA A 1356 -1.87 -23.43 -8.08
C ALA A 1356 -3.08 -22.52 -7.93
N LEU A 1357 -3.18 -21.50 -8.77
CA LEU A 1357 -4.32 -20.59 -8.70
C LEU A 1357 -5.68 -21.27 -8.88
N ILE A 1358 -5.77 -22.23 -9.79
CA ILE A 1358 -7.03 -22.97 -9.98
C ILE A 1358 -7.38 -23.75 -8.72
N GLY A 1359 -6.39 -24.28 -8.00
CA GLY A 1359 -6.65 -24.98 -6.77
C GLY A 1359 -7.29 -24.07 -5.75
N ALA A 1360 -6.87 -22.81 -5.69
CA ALA A 1360 -7.45 -21.84 -4.76
C ALA A 1360 -8.83 -21.33 -5.16
N ILE A 1361 -9.25 -21.54 -6.41
CA ILE A 1361 -10.53 -20.97 -6.87
C ILE A 1361 -11.75 -21.42 -6.06
N PRO A 1362 -11.85 -22.71 -5.71
CA PRO A 1362 -13.04 -23.03 -4.92
C PRO A 1362 -13.09 -22.29 -3.58
N SER A 1363 -11.98 -22.25 -2.85
CA SER A 1363 -11.98 -21.60 -1.54
C SER A 1363 -12.25 -20.11 -1.61
N ILE A 1364 -11.62 -19.42 -2.55
CA ILE A 1364 -11.85 -17.97 -2.71
C ILE A 1364 -13.29 -17.71 -3.11
N MET A 1365 -13.87 -18.58 -3.92
CA MET A 1365 -15.21 -18.33 -4.42
C MET A 1365 -16.21 -18.25 -3.26
N ASN A 1366 -16.09 -19.13 -2.29
CA ASN A 1366 -16.99 -19.12 -1.16
C ASN A 1366 -16.86 -17.80 -0.41
N VAL A 1367 -15.63 -17.36 -0.18
CA VAL A 1367 -15.39 -16.08 0.50
C VAL A 1367 -15.85 -14.91 -0.35
N LEU A 1368 -15.61 -14.96 -1.65
CA LEU A 1368 -16.07 -13.90 -2.53
C LEU A 1368 -17.56 -13.75 -2.38
N LEU A 1369 -18.28 -14.87 -2.25
CA LEU A 1369 -19.72 -14.79 -2.01
C LEU A 1369 -20.03 -14.07 -0.72
N VAL A 1370 -19.35 -14.39 0.38
CA VAL A 1370 -19.66 -13.76 1.67
C VAL A 1370 -19.39 -12.27 1.59
N CYS A 1371 -18.29 -11.93 0.92
CA CYS A 1371 -17.94 -10.56 0.78
C CYS A 1371 -19.04 -9.86 0.02
N LEU A 1372 -19.55 -10.48 -1.03
CA LEU A 1372 -20.61 -9.87 -1.81
C LEU A 1372 -21.86 -9.65 -0.97
N ILE A 1373 -22.28 -10.60 -0.15
CA ILE A 1373 -23.44 -10.39 0.71
C ILE A 1373 -23.24 -9.23 1.68
N PHE A 1374 -22.06 -9.16 2.27
CA PHE A 1374 -21.79 -8.08 3.22
C PHE A 1374 -21.83 -6.72 2.51
N TRP A 1375 -21.26 -6.68 1.31
CA TRP A 1375 -21.27 -5.45 0.52
C TRP A 1375 -22.67 -5.08 0.08
N LEU A 1376 -23.53 -6.05 -0.20
CA LEU A 1376 -24.92 -5.80 -0.55
C LEU A 1376 -25.61 -5.19 0.64
N ILE A 1377 -25.33 -5.69 1.84
CA ILE A 1377 -25.91 -5.07 3.02
C ILE A 1377 -25.44 -3.62 3.07
N PHE A 1378 -24.16 -3.35 2.80
CA PHE A 1378 -23.74 -1.93 2.73
C PHE A 1378 -24.23 -1.11 1.53
N SER A 1379 -24.21 -1.67 0.32
CA SER A 1379 -24.65 -0.94 -0.86
C SER A 1379 -26.13 -0.61 -0.80
N ILE A 1380 -26.94 -1.48 -0.22
CA ILE A 1380 -28.36 -1.14 -0.06
C ILE A 1380 -28.51 0.03 0.89
N MET A 1381 -27.73 0.05 1.96
CA MET A 1381 -27.75 1.21 2.84
C MET A 1381 -27.36 2.47 2.07
N GLY A 1382 -26.25 2.41 1.34
CA GLY A 1382 -25.81 3.57 0.58
C GLY A 1382 -26.82 4.00 -0.46
N VAL A 1383 -27.57 3.05 -1.01
CA VAL A 1383 -28.61 3.42 -1.95
C VAL A 1383 -29.74 4.13 -1.24
N ASN A 1384 -30.11 3.67 -0.06
CA ASN A 1384 -31.17 4.34 0.68
C ASN A 1384 -30.75 5.73 1.16
N LEU A 1385 -29.45 5.98 1.27
CA LEU A 1385 -28.99 7.26 1.77
C LEU A 1385 -28.67 8.27 0.68
N PHE A 1386 -28.21 7.83 -0.50
CA PHE A 1386 -27.65 8.75 -1.49
C PHE A 1386 -28.24 8.52 -2.87
N ALA A 1387 -29.46 8.01 -2.96
CA ALA A 1387 -30.04 7.67 -4.25
C ALA A 1387 -30.30 8.95 -5.02
N GLY A 1388 -29.36 9.34 -5.87
CA GLY A 1388 -29.58 10.46 -6.75
C GLY A 1388 -29.42 11.81 -6.13
N LYS A 1389 -28.71 11.92 -5.01
CA LYS A 1389 -28.47 13.20 -4.39
C LYS A 1389 -27.16 13.83 -4.82
N PHE A 1390 -26.50 13.27 -5.82
CA PHE A 1390 -25.17 13.71 -6.22
C PHE A 1390 -25.19 14.71 -7.37
N TYR A 1391 -26.34 15.03 -7.93
CA TYR A 1391 -26.41 15.96 -9.04
C TYR A 1391 -26.08 17.36 -8.57
N GLU A 1392 -25.24 18.06 -9.32
CA GLU A 1392 -24.86 19.42 -8.98
C GLU A 1392 -24.85 20.27 -10.22
N CYS A 1393 -25.07 21.56 -10.04
CA CYS A 1393 -25.20 22.49 -11.16
C CYS A 1393 -23.89 23.22 -11.41
N ILE A 1394 -22.90 22.46 -11.89
CA ILE A 1394 -21.56 23.02 -12.03
C ILE A 1394 -21.48 24.01 -13.18
N ASN A 1395 -20.43 24.84 -13.14
CA ASN A 1395 -20.07 25.72 -14.25
C ASN A 1395 -19.04 24.98 -15.11
N THR A 1396 -19.39 24.62 -16.32
CA THR A 1396 -18.47 23.79 -17.12
C THR A 1396 -17.07 24.38 -17.30
N THR A 1397 -16.94 25.68 -17.52
CA THR A 1397 -15.62 26.28 -17.78
C THR A 1397 -14.67 26.15 -16.61
N ASP A 1398 -15.16 26.46 -15.41
CA ASP A 1398 -14.29 26.42 -14.23
C ASP A 1398 -14.43 25.09 -13.49
N GLY A 1399 -15.39 24.26 -13.88
CA GLY A 1399 -15.64 23.02 -13.17
C GLY A 1399 -15.97 23.27 -11.71
N SER A 1400 -16.73 24.32 -11.43
CA SER A 1400 -17.03 24.69 -10.05
C SER A 1400 -18.51 24.65 -9.70
N ARG A 1401 -18.85 24.01 -8.59
CA ARG A 1401 -20.23 23.93 -8.16
C ARG A 1401 -20.75 25.32 -7.82
N PHE A 1402 -22.01 25.58 -8.13
CA PHE A 1402 -22.57 26.89 -7.92
C PHE A 1402 -22.90 27.11 -6.45
N PRO A 1403 -22.91 28.37 -5.99
CA PRO A 1403 -22.92 28.65 -4.55
C PRO A 1403 -24.05 28.04 -3.73
N ALA A 1404 -25.07 27.50 -4.38
CA ALA A 1404 -26.21 26.87 -3.74
C ALA A 1404 -27.09 27.85 -3.00
N SER A 1405 -26.70 29.11 -2.89
CA SER A 1405 -27.62 30.14 -2.42
C SER A 1405 -28.47 30.63 -3.58
N GLN A 1406 -27.84 30.85 -4.71
CA GLN A 1406 -28.52 30.82 -5.99
C GLN A 1406 -28.49 29.39 -6.51
N VAL A 1407 -29.46 29.05 -7.35
CA VAL A 1407 -29.61 27.70 -7.88
C VAL A 1407 -29.81 26.72 -6.73
N PRO A 1408 -30.93 26.79 -6.01
CA PRO A 1408 -31.13 25.83 -4.91
C PRO A 1408 -31.57 24.44 -5.38
N ASN A 1409 -32.35 24.38 -6.44
CA ASN A 1409 -32.81 23.10 -6.96
C ASN A 1409 -32.59 22.86 -8.47
N ARG A 1410 -33.00 21.69 -8.95
CA ARG A 1410 -32.81 21.33 -10.34
C ARG A 1410 -33.53 22.27 -11.28
N SER A 1411 -34.73 22.69 -10.90
CA SER A 1411 -35.49 23.59 -11.75
C SER A 1411 -34.74 24.89 -11.93
N GLU A 1412 -34.20 25.44 -10.85
CA GLU A 1412 -33.40 26.66 -10.95
C GLU A 1412 -32.15 26.43 -11.77
N CYS A 1413 -31.52 25.27 -11.64
CA CYS A 1413 -30.36 24.99 -12.51
C CYS A 1413 -30.73 24.97 -13.99
N PHE A 1414 -31.85 24.37 -14.35
CA PHE A 1414 -32.25 24.43 -15.77
C PHE A 1414 -32.68 25.82 -16.19
N ALA A 1415 -33.37 26.56 -15.34
CA ALA A 1415 -33.69 27.95 -15.66
C ALA A 1415 -32.43 28.75 -15.93
N LEU A 1416 -31.34 28.39 -15.26
CA LEU A 1416 -30.05 29.02 -15.52
C LEU A 1416 -29.51 28.59 -16.87
N MET A 1417 -29.50 27.28 -17.13
CA MET A 1417 -29.12 26.74 -18.43
C MET A 1417 -29.74 27.52 -19.57
N ASN A 1418 -31.03 27.80 -19.47
CA ASN A 1418 -31.73 28.43 -20.58
C ASN A 1418 -31.17 29.81 -20.89
N VAL A 1419 -30.66 30.52 -19.90
CA VAL A 1419 -30.18 31.89 -20.10
C VAL A 1419 -28.66 31.95 -20.24
N SER A 1420 -27.93 31.22 -19.41
CA SER A 1420 -26.49 31.15 -19.57
C SER A 1420 -26.16 30.05 -20.57
N GLN A 1421 -24.89 29.69 -20.69
CA GLN A 1421 -24.47 28.73 -21.70
C GLN A 1421 -23.60 27.60 -21.19
N ASN A 1422 -22.85 27.80 -20.11
CA ASN A 1422 -21.81 26.86 -19.72
C ASN A 1422 -22.11 26.20 -18.38
N VAL A 1423 -23.38 25.86 -18.14
CA VAL A 1423 -23.77 25.19 -16.91
C VAL A 1423 -24.38 23.85 -17.26
N ARG A 1424 -24.27 22.91 -16.32
CA ARG A 1424 -24.82 21.59 -16.49
C ARG A 1424 -25.42 21.11 -15.17
N TRP A 1425 -26.48 20.33 -15.27
CA TRP A 1425 -27.00 19.59 -14.12
C TRP A 1425 -26.34 18.23 -14.19
N LYS A 1426 -25.12 18.14 -13.68
CA LYS A 1426 -24.24 17.03 -13.95
C LYS A 1426 -24.21 16.08 -12.77
N ASN A 1427 -24.45 14.81 -13.03
CA ASN A 1427 -24.35 13.79 -12.01
C ASN A 1427 -22.93 13.29 -11.92
N LEU A 1428 -22.60 12.68 -10.79
CA LEU A 1428 -21.31 12.05 -10.63
C LEU A 1428 -21.26 10.78 -11.47
N LYS A 1429 -20.05 10.36 -11.82
CA LYS A 1429 -19.90 9.22 -12.71
C LYS A 1429 -20.11 7.90 -11.96
N VAL A 1430 -19.53 7.77 -10.78
CA VAL A 1430 -19.70 6.60 -9.95
C VAL A 1430 -20.46 7.05 -8.71
N ASN A 1431 -21.75 6.76 -8.67
CA ASN A 1431 -22.65 7.20 -7.62
C ASN A 1431 -23.30 6.00 -6.95
N PHE A 1432 -24.32 6.28 -6.14
CA PHE A 1432 -25.07 5.22 -5.47
C PHE A 1432 -26.48 5.16 -5.99
N ASP A 1433 -26.68 5.30 -7.30
CA ASP A 1433 -28.01 5.36 -7.85
C ASP A 1433 -28.68 4.00 -8.01
N ASN A 1434 -27.91 2.92 -7.87
CA ASN A 1434 -28.47 1.58 -7.83
C ASN A 1434 -27.36 0.65 -7.38
N VAL A 1435 -27.75 -0.57 -7.00
CA VAL A 1435 -26.81 -1.47 -6.36
C VAL A 1435 -25.61 -1.78 -7.23
N GLY A 1436 -25.69 -1.60 -8.54
CA GLY A 1436 -24.53 -1.81 -9.38
C GLY A 1436 -23.47 -0.75 -9.16
N LEU A 1437 -23.83 0.50 -9.46
CA LEU A 1437 -22.96 1.60 -9.14
C LEU A 1437 -22.63 1.64 -7.66
N GLY A 1438 -23.50 1.11 -6.82
CA GLY A 1438 -23.15 0.96 -5.41
C GLY A 1438 -21.97 0.04 -5.21
N TYR A 1439 -21.98 -1.12 -5.86
CA TYR A 1439 -20.84 -2.03 -5.77
C TYR A 1439 -19.58 -1.37 -6.29
N LEU A 1440 -19.69 -0.62 -7.37
CA LEU A 1440 -18.52 0.05 -7.93
C LEU A 1440 -17.96 1.07 -6.95
N SER A 1441 -18.83 1.91 -6.40
CA SER A 1441 -18.37 2.92 -5.45
C SER A 1441 -17.77 2.28 -4.22
N LEU A 1442 -18.34 1.17 -3.77
CA LEU A 1442 -17.77 0.49 -2.62
C LEU A 1442 -16.39 -0.05 -2.93
N LEU A 1443 -16.19 -0.56 -4.14
CA LEU A 1443 -14.86 -1.01 -4.52
C LEU A 1443 -13.87 0.13 -4.48
N GLN A 1444 -14.25 1.28 -5.06
CA GLN A 1444 -13.37 2.43 -5.02
C GLN A 1444 -13.05 2.84 -3.59
N VAL A 1445 -14.04 2.81 -2.71
CA VAL A 1445 -13.80 3.19 -1.32
C VAL A 1445 -12.86 2.20 -0.65
N ALA A 1446 -13.10 0.91 -0.85
CA ALA A 1446 -12.30 -0.09 -0.19
C ALA A 1446 -10.87 -0.14 -0.71
N THR A 1447 -10.62 0.43 -1.87
CA THR A 1447 -9.24 0.52 -2.36
C THR A 1447 -8.62 1.90 -2.15
N PHE A 1448 -9.37 2.82 -1.57
CA PHE A 1448 -8.87 4.16 -1.27
C PHE A 1448 -8.45 4.90 -2.52
N LYS A 1449 -8.98 4.51 -3.67
CA LYS A 1449 -8.69 5.21 -4.89
C LYS A 1449 -10.00 5.77 -5.36
N GLY A 1450 -10.12 7.09 -5.41
CA GLY A 1450 -11.37 7.72 -5.81
C GLY A 1450 -12.37 7.81 -4.70
N TRP A 1451 -11.99 7.35 -3.52
CA TRP A 1451 -12.90 7.35 -2.39
C TRP A 1451 -13.24 8.76 -1.98
N THR A 1452 -12.27 9.66 -2.02
CA THR A 1452 -12.50 11.01 -1.54
C THR A 1452 -13.59 11.75 -2.30
N ILE A 1453 -13.61 11.63 -3.62
CA ILE A 1453 -14.60 12.36 -4.42
C ILE A 1453 -16.00 11.91 -4.06
N ILE A 1454 -16.21 10.62 -3.88
CA ILE A 1454 -17.51 10.10 -3.49
C ILE A 1454 -17.88 10.62 -2.11
N MET A 1455 -16.93 10.61 -1.19
CA MET A 1455 -17.19 11.07 0.16
C MET A 1455 -17.54 12.54 0.20
N TYR A 1456 -16.89 13.38 -0.60
CA TYR A 1456 -17.19 14.79 -0.50
C TYR A 1456 -18.62 15.06 -0.89
N ALA A 1457 -19.10 14.42 -1.96
CA ALA A 1457 -20.50 14.56 -2.38
C ALA A 1457 -21.44 13.97 -1.36
N ALA A 1458 -21.08 12.83 -0.81
CA ALA A 1458 -21.91 12.17 0.18
C ALA A 1458 -22.15 13.11 1.33
N VAL A 1459 -21.07 13.68 1.86
CA VAL A 1459 -21.26 14.53 3.03
C VAL A 1459 -21.81 15.89 2.65
N ASP A 1460 -21.91 16.21 1.36
CA ASP A 1460 -22.45 17.48 0.90
C ASP A 1460 -23.91 17.40 0.50
N SER A 1461 -24.53 16.23 0.59
CA SER A 1461 -25.89 16.03 0.04
C SER A 1461 -27.15 16.40 0.80
N VAL A 1462 -27.82 17.48 0.40
CA VAL A 1462 -29.09 17.85 1.01
C VAL A 1462 -30.32 16.98 0.76
N ASN A 1463 -30.65 16.65 -0.51
CA ASN A 1463 -31.88 15.91 -0.90
C ASN A 1463 -31.86 15.48 -2.36
N VAL A 1464 -32.92 14.86 -2.85
CA VAL A 1464 -32.93 14.32 -4.23
C VAL A 1464 -32.77 15.32 -5.41
N ASP A 1465 -33.44 16.46 -5.40
CA ASP A 1465 -33.25 17.45 -6.48
C ASP A 1465 -32.70 18.77 -5.98
N LYS A 1466 -32.35 18.83 -4.70
CA LYS A 1466 -31.81 20.04 -4.14
C LYS A 1466 -30.31 20.10 -4.32
N GLN A 1467 -29.77 21.29 -4.58
CA GLN A 1467 -28.33 21.46 -4.78
C GLN A 1467 -27.53 21.09 -3.55
N PRO A 1468 -26.39 20.43 -3.74
CA PRO A 1468 -25.56 20.06 -2.60
C PRO A 1468 -25.00 21.26 -1.82
N LYS A 1469 -24.93 21.18 -0.50
CA LYS A 1469 -24.43 22.28 0.33
C LYS A 1469 -23.22 21.81 1.11
N TYR A 1470 -22.29 22.70 1.42
CA TYR A 1470 -21.03 22.27 2.04
C TYR A 1470 -21.21 21.66 3.43
N GLU A 1471 -20.76 20.43 3.60
CA GLU A 1471 -20.84 19.71 4.89
C GLU A 1471 -22.22 19.75 5.55
N TYR A 1472 -23.27 19.50 4.79
CA TYR A 1472 -24.61 19.49 5.33
C TYR A 1472 -24.75 18.17 6.05
N SER A 1473 -24.41 17.09 5.39
CA SER A 1473 -24.43 15.80 6.06
C SER A 1473 -23.02 15.46 6.50
N LEU A 1474 -22.46 16.23 7.43
CA LEU A 1474 -21.07 16.05 7.83
C LEU A 1474 -20.82 14.68 8.40
N TYR A 1475 -21.77 14.14 9.13
CA TYR A 1475 -21.53 12.88 9.82
C TYR A 1475 -21.72 11.66 8.95
N MET A 1476 -21.96 11.85 7.66
CA MET A 1476 -22.01 10.70 6.76
C MET A 1476 -20.65 10.03 6.71
N TYR A 1477 -19.57 10.76 6.98
CA TYR A 1477 -18.28 10.11 7.04
C TYR A 1477 -18.34 8.86 7.91
N ILE A 1478 -19.15 8.88 8.96
CA ILE A 1478 -19.30 7.70 9.81
C ILE A 1478 -19.65 6.49 8.96
N TYR A 1479 -20.45 6.70 7.93
CA TYR A 1479 -20.83 5.60 7.05
C TYR A 1479 -19.58 4.97 6.44
N PHE A 1480 -18.72 5.80 5.86
CA PHE A 1480 -17.53 5.27 5.20
C PHE A 1480 -16.54 4.70 6.20
N VAL A 1481 -16.47 5.28 7.40
CA VAL A 1481 -15.59 4.72 8.42
C VAL A 1481 -16.04 3.32 8.79
N VAL A 1482 -17.32 3.17 9.11
CA VAL A 1482 -17.85 1.86 9.46
C VAL A 1482 -17.67 0.89 8.32
N PHE A 1483 -17.83 1.37 7.08
CA PHE A 1483 -17.56 0.51 5.94
C PHE A 1483 -16.11 0.04 5.95
N ILE A 1484 -15.18 0.98 5.79
CA ILE A 1484 -13.77 0.62 5.74
C ILE A 1484 -13.35 -0.29 6.89
N ILE A 1485 -14.05 -0.25 8.00
CA ILE A 1485 -13.72 -1.12 9.12
C ILE A 1485 -14.34 -2.51 8.96
N PHE A 1486 -15.56 -2.61 8.49
CA PHE A 1486 -16.16 -3.93 8.37
C PHE A 1486 -15.98 -4.53 6.98
N GLY A 1487 -15.89 -3.71 5.96
CA GLY A 1487 -15.58 -4.24 4.65
C GLY A 1487 -14.07 -4.43 4.62
N SER A 1488 -13.36 -3.48 4.02
CA SER A 1488 -11.90 -3.62 3.84
C SER A 1488 -11.06 -4.30 4.96
N PHE A 1489 -11.35 -4.05 6.25
CA PHE A 1489 -10.50 -4.62 7.30
C PHE A 1489 -10.90 -6.04 7.68
N PHE A 1490 -12.17 -6.29 7.96
CA PHE A 1490 -12.56 -7.62 8.43
C PHE A 1490 -12.64 -8.63 7.29
N THR A 1491 -13.14 -8.23 6.14
CA THR A 1491 -13.20 -9.12 5.00
C THR A 1491 -11.80 -9.53 4.55
N LEU A 1492 -10.86 -8.58 4.55
CA LEU A 1492 -9.49 -8.91 4.19
C LEU A 1492 -8.89 -9.87 5.20
N ASN A 1493 -9.22 -9.70 6.47
CA ASN A 1493 -8.75 -10.64 7.49
C ASN A 1493 -9.23 -12.05 7.17
N LEU A 1494 -10.54 -12.19 6.95
CA LEU A 1494 -11.10 -13.49 6.62
C LEU A 1494 -10.46 -14.07 5.37
N PHE A 1495 -10.25 -13.22 4.36
CA PHE A 1495 -9.65 -13.64 3.11
C PHE A 1495 -8.27 -14.22 3.32
N ILE A 1496 -7.41 -13.47 4.00
CA ILE A 1496 -6.06 -13.95 4.26
C ILE A 1496 -6.10 -15.26 5.02
N GLY A 1497 -7.01 -15.36 6.00
CA GLY A 1497 -7.07 -16.58 6.77
C GLY A 1497 -7.41 -17.80 5.92
N VAL A 1498 -8.47 -17.70 5.13
CA VAL A 1498 -8.87 -18.85 4.33
C VAL A 1498 -7.78 -19.18 3.31
N ILE A 1499 -7.10 -18.15 2.79
CA ILE A 1499 -6.07 -18.40 1.79
C ILE A 1499 -4.91 -19.16 2.40
N ILE A 1500 -4.44 -18.74 3.58
CA ILE A 1500 -3.30 -19.43 4.17
C ILE A 1500 -3.70 -20.85 4.55
N ASP A 1501 -4.93 -21.03 5.01
CA ASP A 1501 -5.36 -22.39 5.34
C ASP A 1501 -5.37 -23.28 4.10
N ASN A 1502 -5.90 -22.76 3.00
CA ASN A 1502 -5.95 -23.53 1.76
C ASN A 1502 -4.55 -23.86 1.26
N PHE A 1503 -3.63 -22.88 1.33
CA PHE A 1503 -2.28 -23.14 0.84
C PHE A 1503 -1.55 -24.13 1.73
N ASN A 1504 -1.78 -24.09 3.04
CA ASN A 1504 -1.20 -25.12 3.89
C ASN A 1504 -1.73 -26.49 3.51
N GLN A 1505 -3.04 -26.59 3.26
CA GLN A 1505 -3.58 -27.88 2.86
C GLN A 1505 -2.99 -28.35 1.55
N GLN A 1506 -2.80 -27.44 0.60
CA GLN A 1506 -2.19 -27.82 -0.68
C GLN A 1506 -0.78 -28.32 -0.47
N LYS A 1507 0.07 -27.50 0.16
CA LYS A 1507 1.45 -27.89 0.37
C LYS A 1507 1.55 -29.23 1.08
N LYS A 1508 0.62 -29.50 2.01
CA LYS A 1508 0.58 -30.82 2.62
C LYS A 1508 0.17 -31.89 1.63
N LYS A 1509 -0.71 -31.55 0.68
CA LYS A 1509 -1.31 -32.56 -0.17
C LYS A 1509 -0.28 -33.22 -1.08
N LEU A 1510 0.59 -32.44 -1.71
CA LEU A 1510 1.64 -33.03 -2.52
C LEU A 1510 2.85 -33.46 -1.69
N GLY A 1511 2.67 -33.62 -0.39
CA GLY A 1511 3.73 -34.12 0.47
C GLY A 1511 4.76 -33.10 0.86
N GLY A 1512 4.32 -32.03 1.52
CA GLY A 1512 5.21 -31.01 2.07
C GLY A 1512 6.27 -30.39 1.21
N GLN A 1513 5.91 -29.94 0.01
CA GLN A 1513 6.88 -29.47 -0.97
C GLN A 1513 6.47 -28.09 -1.45
N ASP A 1514 7.43 -27.38 -2.04
CA ASP A 1514 7.15 -26.05 -2.55
C ASP A 1514 6.25 -26.13 -3.77
N ILE A 1515 5.33 -25.16 -3.88
CA ILE A 1515 4.32 -25.19 -4.93
C ILE A 1515 4.55 -24.17 -6.02
N PHE A 1516 5.65 -23.41 -5.95
CA PHE A 1516 5.89 -22.34 -6.92
C PHE A 1516 7.14 -22.56 -7.75
N MET A 1517 7.78 -23.71 -7.59
CA MET A 1517 9.02 -23.94 -8.30
C MET A 1517 8.97 -25.19 -9.13
N THR A 1518 9.55 -25.13 -10.32
CA THR A 1518 9.61 -26.29 -11.18
C THR A 1518 10.64 -27.24 -10.64
N GLU A 1519 10.63 -28.48 -11.13
CA GLU A 1519 11.55 -29.49 -10.60
C GLU A 1519 13.01 -29.09 -10.77
N GLU A 1520 13.34 -28.47 -11.90
CA GLU A 1520 14.70 -28.01 -12.11
C GLU A 1520 15.10 -26.94 -11.10
N GLN A 1521 14.20 -26.00 -10.82
CA GLN A 1521 14.50 -24.95 -9.84
C GLN A 1521 14.66 -25.51 -8.44
N LYS A 1522 13.97 -26.60 -8.11
CA LYS A 1522 14.11 -27.23 -6.80
C LYS A 1522 15.56 -27.62 -6.53
N LYS A 1523 16.23 -28.22 -7.52
CA LYS A 1523 17.63 -28.57 -7.34
C LYS A 1523 18.50 -27.33 -7.22
N TYR A 1524 18.25 -26.34 -8.08
CA TYR A 1524 19.00 -25.08 -7.94
C TYR A 1524 18.79 -24.48 -6.57
N TYR A 1525 17.59 -24.58 -6.03
CA TYR A 1525 17.27 -24.02 -4.73
C TYR A 1525 18.01 -24.75 -3.63
N ASN A 1526 18.06 -26.08 -3.70
CA ASN A 1526 18.81 -26.83 -2.68
C ASN A 1526 20.30 -26.51 -2.75
N ALA A 1527 20.84 -26.40 -3.96
CA ALA A 1527 22.25 -26.04 -4.08
C ALA A 1527 22.52 -24.65 -3.51
N MET A 1528 21.65 -23.69 -3.81
CA MET A 1528 21.81 -22.34 -3.26
C MET A 1528 21.60 -22.33 -1.75
N LYS A 1529 20.82 -23.26 -1.22
CA LYS A 1529 20.70 -23.39 0.22
C LYS A 1529 22.00 -23.90 0.84
N LYS A 1530 22.68 -24.79 0.13
CA LYS A 1530 23.96 -25.30 0.63
C LYS A 1530 24.95 -24.17 0.85
N LEU A 1531 24.92 -23.14 0.00
CA LEU A 1531 25.82 -21.99 0.16
C LEU A 1531 25.58 -21.26 1.47
N GLY A 1532 24.47 -21.49 2.14
CA GLY A 1532 24.26 -20.93 3.45
C GLY A 1532 24.88 -21.80 4.52
N SER A 1533 25.82 -21.23 5.29
CA SER A 1533 26.47 -21.93 6.38
C SER A 1533 27.16 -23.21 5.92
N LYS A 1534 28.21 -23.09 5.11
CA LYS A 1534 28.95 -24.28 4.72
C LYS A 1534 29.56 -24.90 5.96
N LYS A 1535 30.50 -24.20 6.63
CA LYS A 1535 31.13 -24.63 7.92
C LYS A 1535 32.47 -25.46 7.94
N PRO A 1536 32.92 -26.05 6.80
CA PRO A 1536 34.24 -26.70 6.90
C PRO A 1536 35.25 -25.66 6.50
N GLN A 1537 36.18 -25.31 7.38
CA GLN A 1537 37.07 -24.20 7.08
C GLN A 1537 38.57 -24.47 7.06
N LYS A 1538 39.20 -24.22 5.92
CA LYS A 1538 40.64 -24.35 5.81
C LYS A 1538 41.31 -23.02 6.14
N PRO A 1539 42.54 -23.04 6.60
CA PRO A 1539 43.22 -21.79 6.91
C PRO A 1539 43.86 -21.17 5.68
N ILE A 1540 43.95 -19.84 5.67
CA ILE A 1540 44.64 -19.14 4.58
C ILE A 1540 46.12 -19.23 4.90
N PRO A 1541 46.95 -19.56 3.90
CA PRO A 1541 48.38 -19.81 4.21
C PRO A 1541 49.19 -18.65 4.78
N ARG A 1542 50.08 -18.98 5.72
CA ARG A 1542 50.96 -17.97 6.32
C ARG A 1542 52.22 -17.84 5.46
N PRO A 1543 52.60 -16.60 5.11
CA PRO A 1543 53.78 -16.39 4.24
C PRO A 1543 55.10 -16.84 4.84
N GLY A 1544 55.92 -17.51 4.05
CA GLY A 1544 57.24 -17.93 4.51
C GLY A 1544 58.18 -16.78 4.79
N ASN A 1545 58.16 -15.76 3.93
CA ASN A 1545 59.07 -14.62 4.09
C ASN A 1545 58.78 -13.88 5.38
N LYS A 1546 59.82 -13.51 6.11
CA LYS A 1546 59.65 -12.79 7.36
C LYS A 1546 59.00 -11.43 7.11
N ILE A 1547 59.46 -10.72 6.08
CA ILE A 1547 58.94 -9.38 5.79
C ILE A 1547 57.50 -9.49 5.33
N GLN A 1548 57.27 -10.22 4.27
CA GLN A 1548 55.89 -10.40 3.73
C GLN A 1548 54.99 -10.93 4.84
N GLY A 1549 55.46 -11.91 5.61
CA GLY A 1549 54.69 -12.53 6.70
C GLY A 1549 54.34 -11.55 7.79
N CYS A 1550 55.30 -10.70 8.19
CA CYS A 1550 54.98 -9.70 9.25
C CYS A 1550 53.90 -8.76 8.71
N ILE A 1551 54.06 -8.31 7.47
CA ILE A 1551 53.02 -7.39 6.92
C ILE A 1551 51.68 -8.11 6.77
N PHE A 1552 51.69 -9.42 6.43
CA PHE A 1552 50.48 -10.26 6.26
C PHE A 1552 49.74 -10.35 7.59
N ASP A 1553 50.53 -10.49 8.66
CA ASP A 1553 49.94 -10.51 10.02
C ASP A 1553 49.25 -9.16 10.19
N LEU A 1554 49.93 -8.05 9.83
CA LEU A 1554 49.35 -6.68 9.96
C LEU A 1554 48.09 -6.52 9.11
N VAL A 1555 48.08 -7.09 7.90
CA VAL A 1555 46.92 -7.03 6.95
C VAL A 1555 45.69 -7.79 7.46
N THR A 1556 45.88 -8.92 8.16
CA THR A 1556 44.70 -9.74 8.57
C THR A 1556 44.17 -9.46 9.99
N ASN A 1557 44.55 -8.34 10.62
CA ASN A 1557 44.03 -7.98 11.93
C ASN A 1557 42.66 -7.32 11.80
N GLN A 1558 41.85 -7.46 12.84
CA GLN A 1558 40.49 -6.93 12.78
C GLN A 1558 40.51 -5.42 12.67
N ALA A 1559 41.60 -4.81 13.16
CA ALA A 1559 41.68 -3.36 13.13
C ALA A 1559 41.64 -2.84 11.70
N PHE A 1560 42.34 -3.51 10.78
CA PHE A 1560 42.37 -3.07 9.40
C PHE A 1560 40.97 -3.11 8.82
N ASP A 1561 40.25 -4.19 9.09
CA ASP A 1561 38.89 -4.32 8.57
C ASP A 1561 37.99 -3.23 9.13
N ILE A 1562 38.12 -2.94 10.42
CA ILE A 1562 37.28 -1.94 11.04
C ILE A 1562 37.56 -0.59 10.39
N SER A 1563 38.83 -0.30 10.15
CA SER A 1563 39.18 0.98 9.55
C SER A 1563 38.59 1.07 8.15
N ILE A 1564 38.66 -0.03 7.40
CA ILE A 1564 38.11 -0.02 6.05
C ILE A 1564 36.60 0.22 6.09
N MET A 1565 35.90 -0.40 7.04
CA MET A 1565 34.46 -0.16 7.17
C MET A 1565 34.17 1.28 7.52
N VAL A 1566 34.96 1.86 8.40
CA VAL A 1566 34.78 3.26 8.75
C VAL A 1566 34.98 4.15 7.53
N LEU A 1567 35.99 3.86 6.71
CA LEU A 1567 36.21 4.63 5.49
C LEU A 1567 35.04 4.50 4.53
N ILE A 1568 34.48 3.30 4.41
CA ILE A 1568 33.32 3.09 3.56
C ILE A 1568 32.15 3.93 4.07
N CYS A 1569 31.96 3.97 5.38
CA CYS A 1569 30.90 4.81 5.94
C CYS A 1569 31.13 6.27 5.65
N LEU A 1570 32.37 6.73 5.75
CA LEU A 1570 32.67 8.12 5.49
C LEU A 1570 32.45 8.42 4.02
N ASN A 1571 32.76 7.48 3.15
CA ASN A 1571 32.57 7.65 1.69
C ASN A 1571 31.11 7.91 1.44
N MET A 1572 30.28 7.16 2.11
CA MET A 1572 28.84 7.37 1.99
C MET A 1572 28.46 8.78 2.44
N VAL A 1573 29.02 9.21 3.56
CA VAL A 1573 28.70 10.54 4.06
C VAL A 1573 29.13 11.61 3.08
N THR A 1574 30.29 11.44 2.44
CA THR A 1574 30.71 12.43 1.45
C THR A 1574 29.80 12.41 0.23
N MET A 1575 29.20 11.27 -0.06
CA MET A 1575 28.24 11.22 -1.15
C MET A 1575 26.93 11.91 -0.79
N MET A 1576 26.57 11.89 0.49
CA MET A 1576 25.28 12.44 0.87
C MET A 1576 25.21 13.95 0.81
N VAL A 1577 26.35 14.65 0.74
CA VAL A 1577 26.32 16.09 0.95
C VAL A 1577 26.20 16.84 -0.37
N GLU A 1578 26.15 16.13 -1.48
CA GLU A 1578 26.03 16.76 -2.77
C GLU A 1578 24.59 17.18 -2.99
N LYS A 1579 24.38 18.47 -3.28
CA LYS A 1579 22.99 18.97 -3.52
C LYS A 1579 22.91 19.55 -4.92
N GLU A 1580 21.89 20.37 -5.18
CA GLU A 1580 21.70 20.98 -6.51
C GLU A 1580 22.06 22.47 -6.40
N GLY A 1581 22.83 23.01 -7.34
CA GLY A 1581 23.24 24.43 -7.27
C GLY A 1581 24.50 24.61 -6.45
N GLN A 1582 25.21 23.51 -6.18
CA GLN A 1582 26.46 23.51 -5.37
C GLN A 1582 27.51 24.38 -6.06
N SER A 1583 28.32 25.10 -5.26
CA SER A 1583 29.39 25.99 -5.78
C SER A 1583 30.55 25.17 -6.36
N GLN A 1584 31.38 25.80 -7.21
CA GLN A 1584 32.46 25.04 -7.82
C GLN A 1584 33.45 24.54 -6.79
N HIS A 1585 33.64 25.30 -5.71
CA HIS A 1585 34.56 24.90 -4.66
C HIS A 1585 34.18 23.53 -4.09
N MET A 1586 32.91 23.40 -3.68
CA MET A 1586 32.46 22.14 -3.12
C MET A 1586 32.57 21.02 -4.14
N THR A 1587 32.30 21.33 -5.41
CA THR A 1587 32.44 20.32 -6.45
C THR A 1587 33.86 19.80 -6.51
N GLU A 1588 34.84 20.71 -6.55
CA GLU A 1588 36.23 20.30 -6.64
C GLU A 1588 36.64 19.48 -5.42
N VAL A 1589 36.27 19.94 -4.22
CA VAL A 1589 36.76 19.26 -3.04
C VAL A 1589 36.13 17.88 -2.92
N LEU A 1590 34.87 17.74 -3.30
CA LEU A 1590 34.27 16.42 -3.30
C LEU A 1590 34.93 15.53 -4.34
N TYR A 1591 35.27 16.08 -5.49
CA TYR A 1591 36.02 15.33 -6.49
C TYR A 1591 37.32 14.78 -5.88
N TRP A 1592 38.06 15.62 -5.17
CA TRP A 1592 39.34 15.18 -4.66
C TRP A 1592 39.18 14.18 -3.52
N ILE A 1593 38.18 14.36 -2.67
CA ILE A 1593 37.94 13.38 -1.62
C ILE A 1593 37.60 12.03 -2.22
N ASN A 1594 36.81 12.04 -3.30
CA ASN A 1594 36.52 10.78 -3.99
C ASN A 1594 37.80 10.17 -4.54
N VAL A 1595 38.69 11.00 -5.09
CA VAL A 1595 39.97 10.51 -5.58
C VAL A 1595 40.72 9.79 -4.46
N VAL A 1596 40.79 10.42 -3.29
CA VAL A 1596 41.56 9.84 -2.19
C VAL A 1596 40.92 8.55 -1.71
N PHE A 1597 39.59 8.51 -1.64
CA PHE A 1597 38.93 7.27 -1.25
C PHE A 1597 39.25 6.16 -2.22
N ILE A 1598 39.18 6.45 -3.53
CA ILE A 1598 39.51 5.46 -4.54
C ILE A 1598 40.93 4.95 -4.34
N ILE A 1599 41.86 5.87 -4.06
CA ILE A 1599 43.25 5.48 -3.91
C ILE A 1599 43.42 4.56 -2.71
N LEU A 1600 42.80 4.91 -1.58
CA LEU A 1600 42.92 4.06 -0.41
C LEU A 1600 42.27 2.69 -0.64
N PHE A 1601 41.18 2.65 -1.41
CA PHE A 1601 40.55 1.36 -1.67
C PHE A 1601 41.45 0.48 -2.54
N THR A 1602 41.93 1.04 -3.65
CA THR A 1602 42.90 0.33 -4.48
C THR A 1602 44.09 -0.13 -3.65
N GLY A 1603 44.52 0.74 -2.76
CA GLY A 1603 45.68 0.46 -1.95
C GLY A 1603 45.38 -0.69 -1.05
N GLU A 1604 44.21 -0.73 -0.44
CA GLU A 1604 43.93 -1.78 0.51
C GLU A 1604 43.96 -3.08 -0.28
N CYS A 1605 43.37 -3.08 -1.48
CA CYS A 1605 43.36 -4.27 -2.31
C CYS A 1605 44.76 -4.69 -2.70
N VAL A 1606 45.61 -3.75 -3.10
CA VAL A 1606 46.94 -4.13 -3.51
C VAL A 1606 47.66 -4.72 -2.31
N LEU A 1607 47.48 -4.14 -1.13
CA LEU A 1607 48.18 -4.63 0.03
C LEU A 1607 47.72 -6.03 0.31
N LYS A 1608 46.43 -6.30 0.26
CA LYS A 1608 46.05 -7.69 0.49
C LYS A 1608 46.60 -8.62 -0.61
N LEU A 1609 46.54 -8.27 -1.88
CA LEU A 1609 47.14 -9.15 -2.90
C LEU A 1609 48.64 -9.38 -2.72
N ILE A 1610 49.35 -8.53 -2.01
CA ILE A 1610 50.78 -8.85 -1.82
C ILE A 1610 50.88 -9.83 -0.64
N SER A 1611 50.21 -9.55 0.47
CA SER A 1611 50.18 -10.47 1.61
C SER A 1611 49.46 -11.81 1.37
N LEU A 1612 48.30 -11.76 0.72
CA LEU A 1612 47.48 -12.97 0.52
C LEU A 1612 47.87 -13.83 -0.69
N ARG A 1613 48.76 -13.35 -1.54
CA ARG A 1613 49.21 -14.09 -2.72
C ARG A 1613 48.01 -14.43 -3.63
N HIS A 1614 47.86 -15.68 -4.07
CA HIS A 1614 46.79 -16.07 -4.99
C HIS A 1614 45.56 -16.65 -4.30
N TYR A 1615 45.57 -16.66 -2.98
CA TYR A 1615 44.45 -17.19 -2.21
C TYR A 1615 43.39 -16.13 -2.04
N TYR A 1616 43.63 -14.94 -2.60
CA TYR A 1616 42.66 -13.84 -2.51
C TYR A 1616 41.34 -14.15 -3.17
N PHE A 1617 41.36 -14.79 -4.34
CA PHE A 1617 40.12 -15.03 -5.07
C PHE A 1617 39.35 -16.26 -4.57
N THR A 1618 39.40 -16.51 -3.26
CA THR A 1618 38.64 -17.60 -2.68
C THR A 1618 37.32 -17.10 -2.07
N VAL A 1619 37.42 -16.11 -1.18
CA VAL A 1619 36.21 -15.54 -0.60
C VAL A 1619 35.47 -14.74 -1.66
N GLY A 1620 34.17 -15.00 -1.79
CA GLY A 1620 33.38 -14.29 -2.77
C GLY A 1620 33.37 -12.79 -2.52
N TRP A 1621 33.38 -12.38 -1.26
CA TRP A 1621 33.40 -10.96 -0.96
C TRP A 1621 34.68 -10.30 -1.45
N ASN A 1622 35.80 -11.02 -1.43
CA ASN A 1622 37.02 -10.48 -2.03
C ASN A 1622 36.84 -10.23 -3.51
N ILE A 1623 36.21 -11.15 -4.21
CA ILE A 1623 35.98 -10.97 -5.64
C ILE A 1623 35.09 -9.77 -5.86
N PHE A 1624 34.06 -9.61 -5.02
CA PHE A 1624 33.21 -8.43 -5.13
C PHE A 1624 34.01 -7.16 -4.91
N ASP A 1625 34.93 -7.19 -3.93
CA ASP A 1625 35.75 -6.01 -3.67
C ASP A 1625 36.60 -5.66 -4.88
N PHE A 1626 37.21 -6.67 -5.49
CA PHE A 1626 38.04 -6.42 -6.67
C PHE A 1626 37.20 -5.84 -7.81
N VAL A 1627 36.02 -6.43 -8.05
CA VAL A 1627 35.16 -5.93 -9.12
C VAL A 1627 34.78 -4.49 -8.86
N VAL A 1628 34.40 -4.16 -7.62
CA VAL A 1628 33.93 -2.81 -7.38
C VAL A 1628 35.09 -1.83 -7.49
N VAL A 1629 36.30 -2.25 -7.13
CA VAL A 1629 37.45 -1.38 -7.31
C VAL A 1629 37.67 -1.10 -8.79
N ILE A 1630 37.64 -2.15 -9.61
CA ILE A 1630 37.84 -1.98 -11.04
C ILE A 1630 36.78 -1.05 -11.63
N ILE A 1631 35.53 -1.28 -11.26
CA ILE A 1631 34.45 -0.48 -11.82
C ILE A 1631 34.60 0.97 -11.38
N SER A 1632 35.02 1.19 -10.14
CA SER A 1632 35.17 2.56 -9.66
C SER A 1632 36.26 3.29 -10.44
N ILE A 1633 37.44 2.67 -10.58
CA ILE A 1633 38.53 3.35 -11.26
C ILE A 1633 38.19 3.59 -12.73
N VAL A 1634 37.59 2.60 -13.39
CA VAL A 1634 37.26 2.79 -14.79
C VAL A 1634 36.18 3.85 -14.93
N GLY A 1635 35.22 3.89 -14.01
CA GLY A 1635 34.24 4.96 -14.04
C GLY A 1635 34.88 6.33 -13.94
N MET A 1636 35.83 6.46 -13.02
CA MET A 1636 36.51 7.75 -12.84
C MET A 1636 37.22 8.17 -14.12
N PHE A 1637 38.08 7.29 -14.65
CA PHE A 1637 38.86 7.67 -15.81
C PHE A 1637 37.99 7.88 -17.04
N LEU A 1638 37.00 7.00 -17.26
CA LEU A 1638 36.14 7.15 -18.41
C LEU A 1638 35.27 8.39 -18.30
N ALA A 1639 34.91 8.80 -17.09
CA ALA A 1639 34.22 10.07 -16.94
C ALA A 1639 35.15 11.22 -17.33
N ASP A 1640 36.38 11.19 -16.83
CA ASP A 1640 37.33 12.24 -17.18
C ASP A 1640 37.61 12.29 -18.68
N LEU A 1641 37.45 11.17 -19.38
CA LEU A 1641 37.61 11.17 -20.83
C LEU A 1641 36.33 11.59 -21.54
N ILE A 1642 35.16 11.24 -21.00
CA ILE A 1642 33.88 11.67 -21.55
C ILE A 1642 33.71 13.17 -21.47
N GLU A 1643 34.31 13.82 -20.47
CA GLU A 1643 34.16 15.26 -20.33
C GLU A 1643 34.86 16.01 -21.47
N THR A 1644 36.15 15.75 -21.65
CA THR A 1644 36.99 16.58 -22.51
C THR A 1644 37.18 15.98 -23.89
N TYR A 1645 36.50 14.88 -24.21
CA TYR A 1645 36.47 14.44 -25.60
C TYR A 1645 35.05 14.41 -26.14
N PHE A 1646 34.16 13.73 -25.42
CA PHE A 1646 32.81 13.50 -25.90
C PHE A 1646 31.83 14.42 -25.19
N VAL A 1647 30.56 14.24 -25.50
CA VAL A 1647 29.48 15.02 -24.90
C VAL A 1647 28.27 14.12 -24.72
N SER A 1648 27.98 13.76 -23.48
CA SER A 1648 26.76 13.04 -23.16
C SER A 1648 26.42 13.24 -21.68
N PRO A 1649 25.36 13.99 -21.37
CA PRO A 1649 24.99 14.17 -19.96
C PRO A 1649 24.38 12.92 -19.36
N THR A 1650 23.49 12.26 -20.10
CA THR A 1650 22.78 11.12 -19.54
C THR A 1650 23.71 9.96 -19.25
N LEU A 1651 24.62 9.64 -20.16
CA LEU A 1651 25.51 8.52 -19.91
C LEU A 1651 26.52 8.83 -18.83
N PHE A 1652 26.89 10.11 -18.69
CA PHE A 1652 27.87 10.49 -17.69
C PHE A 1652 27.41 10.11 -16.28
N ARG A 1653 26.17 10.46 -15.94
CA ARG A 1653 25.67 10.16 -14.61
C ARG A 1653 25.47 8.67 -14.42
N VAL A 1654 24.98 7.98 -15.45
CA VAL A 1654 24.84 6.53 -15.34
C VAL A 1654 26.19 5.90 -15.11
N ILE A 1655 27.25 6.49 -15.64
CA ILE A 1655 28.58 5.96 -15.39
C ILE A 1655 29.00 6.25 -13.96
N ARG A 1656 28.83 7.49 -13.51
CA ARG A 1656 29.19 7.84 -12.14
C ARG A 1656 28.40 7.04 -11.12
N LEU A 1657 27.29 6.43 -11.52
CA LEU A 1657 26.57 5.53 -10.63
C LEU A 1657 27.42 4.38 -10.12
N ALA A 1658 28.62 4.18 -10.68
CA ALA A 1658 29.42 3.05 -10.28
C ALA A 1658 29.94 3.18 -8.86
N ARG A 1659 30.12 4.39 -8.36
CA ARG A 1659 30.74 4.57 -7.06
C ARG A 1659 29.84 4.09 -5.92
N ILE A 1660 28.56 3.88 -6.19
CA ILE A 1660 27.66 3.37 -5.16
C ILE A 1660 27.97 1.89 -4.96
N GLY A 1661 28.83 1.34 -5.80
CA GLY A 1661 29.24 -0.04 -5.61
C GLY A 1661 29.96 -0.24 -4.28
N ARG A 1662 30.86 0.67 -3.94
CA ARG A 1662 31.63 0.52 -2.71
C ARG A 1662 30.72 0.52 -1.49
N ILE A 1663 29.65 1.30 -1.53
CA ILE A 1663 28.73 1.38 -0.39
C ILE A 1663 28.19 0.01 -0.04
N LEU A 1664 27.95 -0.82 -1.05
CA LEU A 1664 27.41 -2.15 -0.78
C LEU A 1664 28.33 -2.98 0.09
N ARG A 1665 29.62 -2.66 0.14
CA ARG A 1665 30.52 -3.43 0.99
C ARG A 1665 30.16 -3.35 2.46
N LEU A 1666 29.27 -2.43 2.84
CA LEU A 1666 28.79 -2.39 4.22
C LEU A 1666 28.03 -3.66 4.58
N VAL A 1667 27.44 -4.34 3.61
CA VAL A 1667 26.75 -5.59 3.90
C VAL A 1667 27.72 -6.61 4.48
N LYS A 1668 28.98 -6.53 4.08
CA LYS A 1668 29.97 -7.49 4.55
C LYS A 1668 30.08 -7.51 6.07
N GLY A 1669 29.63 -6.44 6.74
CA GLY A 1669 29.79 -6.36 8.17
C GLY A 1669 28.66 -6.97 8.98
N ALA A 1670 27.43 -6.54 8.73
CA ALA A 1670 26.31 -6.87 9.58
C ALA A 1670 25.84 -8.29 9.28
N LYS A 1671 26.03 -9.19 10.25
CA LYS A 1671 25.51 -10.55 10.11
C LYS A 1671 23.99 -10.60 10.17
N GLY A 1672 23.34 -9.51 10.53
CA GLY A 1672 21.89 -9.52 10.59
C GLY A 1672 21.27 -9.26 9.24
N ILE A 1673 21.78 -8.24 8.53
CA ILE A 1673 21.24 -7.91 7.23
C ILE A 1673 21.51 -9.03 6.23
N ARG A 1674 22.65 -9.70 6.38
CA ARG A 1674 23.02 -10.75 5.45
C ARG A 1674 21.99 -11.87 5.43
N THR A 1675 21.44 -12.22 6.60
CA THR A 1675 20.41 -13.26 6.62
C THR A 1675 19.18 -12.84 5.83
N LEU A 1676 18.78 -11.58 5.96
CA LEU A 1676 17.60 -11.10 5.25
C LEU A 1676 17.83 -11.10 3.74
N LEU A 1677 18.99 -10.60 3.31
CA LEU A 1677 19.28 -10.61 1.88
C LEU A 1677 19.40 -12.04 1.36
N PHE A 1678 19.92 -12.95 2.17
CA PHE A 1678 20.02 -14.34 1.72
C PHE A 1678 18.64 -14.96 1.57
N ALA A 1679 17.72 -14.64 2.47
CA ALA A 1679 16.34 -15.09 2.31
C ALA A 1679 15.76 -14.57 1.01
N LEU A 1680 15.91 -13.26 0.77
CA LEU A 1680 15.44 -12.69 -0.49
C LEU A 1680 15.99 -13.46 -1.68
N MET A 1681 17.30 -13.68 -1.71
CA MET A 1681 17.90 -14.39 -2.82
C MET A 1681 17.33 -15.79 -2.97
N MET A 1682 17.16 -16.50 -1.86
CA MET A 1682 16.61 -17.85 -1.91
C MET A 1682 15.16 -17.87 -2.34
N SER A 1683 14.46 -16.74 -2.31
CA SER A 1683 13.07 -16.68 -2.75
C SER A 1683 12.94 -16.05 -4.13
N LEU A 1684 13.97 -16.11 -4.95
CA LEU A 1684 13.91 -15.49 -6.26
C LEU A 1684 13.19 -16.33 -7.31
N PRO A 1685 13.48 -17.63 -7.45
CA PRO A 1685 12.85 -18.39 -8.54
C PRO A 1685 11.33 -18.33 -8.51
N ALA A 1686 10.71 -18.53 -7.36
CA ALA A 1686 9.26 -18.44 -7.27
C ALA A 1686 8.77 -17.06 -7.70
N LEU A 1687 9.43 -16.02 -7.20
CA LEU A 1687 9.11 -14.67 -7.66
C LEU A 1687 9.30 -14.54 -9.15
N PHE A 1688 10.27 -15.25 -9.72
CA PHE A 1688 10.50 -15.15 -11.16
C PHE A 1688 9.33 -15.76 -11.93
N ASN A 1689 8.87 -16.94 -11.51
CA ASN A 1689 7.75 -17.56 -12.20
C ASN A 1689 6.50 -16.70 -12.09
N ILE A 1690 6.22 -16.19 -10.89
CA ILE A 1690 5.04 -15.35 -10.75
C ILE A 1690 5.19 -14.09 -11.56
N GLY A 1691 6.40 -13.54 -11.65
CA GLY A 1691 6.60 -12.37 -12.47
C GLY A 1691 6.38 -12.65 -13.94
N LEU A 1692 6.76 -13.85 -14.39
CA LEU A 1692 6.48 -14.24 -15.76
C LEU A 1692 4.99 -14.29 -16.03
N LEU A 1693 4.24 -14.95 -15.14
CA LEU A 1693 2.80 -15.00 -15.33
C LEU A 1693 2.19 -13.61 -15.32
N LEU A 1694 2.65 -12.76 -14.42
CA LEU A 1694 2.13 -11.41 -14.34
C LEU A 1694 2.46 -10.62 -15.59
N PHE A 1695 3.66 -10.81 -16.13
CA PHE A 1695 4.02 -10.11 -17.35
C PHE A 1695 3.19 -10.59 -18.52
N LEU A 1696 2.88 -11.88 -18.56
CA LEU A 1696 2.03 -12.38 -19.63
C LEU A 1696 0.63 -11.76 -19.55
N VAL A 1697 0.07 -11.70 -18.35
CA VAL A 1697 -1.25 -11.08 -18.19
C VAL A 1697 -1.19 -9.61 -18.56
N MET A 1698 -0.13 -8.92 -18.14
CA MET A 1698 0.06 -7.54 -18.53
C MET A 1698 0.07 -7.40 -20.05
N PHE A 1699 0.67 -8.34 -20.77
CA PHE A 1699 0.76 -8.23 -22.22
C PHE A 1699 -0.61 -8.37 -22.90
N ILE A 1700 -1.40 -9.36 -22.49
CA ILE A 1700 -2.72 -9.58 -23.06
C ILE A 1700 -3.64 -8.42 -22.81
N TYR A 1701 -3.66 -7.96 -21.56
CA TYR A 1701 -4.46 -6.80 -21.24
C TYR A 1701 -3.92 -5.65 -22.01
N ALA A 1702 -2.62 -5.49 -22.17
CA ALA A 1702 -2.14 -4.32 -22.88
C ALA A 1702 -2.65 -4.30 -24.30
N ILE A 1703 -2.60 -5.44 -24.99
CA ILE A 1703 -3.13 -5.47 -26.35
C ILE A 1703 -4.65 -5.19 -26.39
N PHE A 1704 -5.43 -5.77 -25.48
CA PHE A 1704 -6.86 -5.44 -25.50
C PHE A 1704 -7.08 -3.98 -25.26
N GLY A 1705 -6.33 -3.42 -24.34
CA GLY A 1705 -6.52 -2.04 -23.99
C GLY A 1705 -6.25 -1.21 -25.18
N MET A 1706 -5.14 -1.46 -25.88
CA MET A 1706 -4.85 -0.59 -26.99
C MET A 1706 -5.99 -0.67 -27.95
N SER A 1707 -6.39 -1.91 -28.29
CA SER A 1707 -7.39 -2.04 -29.34
C SER A 1707 -8.70 -1.33 -29.00
N ASN A 1708 -9.13 -1.43 -27.75
CA ASN A 1708 -10.40 -0.81 -27.36
C ASN A 1708 -10.42 0.66 -26.88
N PHE A 1709 -9.27 1.24 -26.49
CA PHE A 1709 -9.34 2.59 -25.87
C PHE A 1709 -8.45 3.64 -26.50
N ALA A 1710 -7.68 3.22 -27.46
CA ALA A 1710 -6.71 4.08 -28.12
C ALA A 1710 -7.29 5.41 -28.55
N TYR A 1711 -8.60 5.50 -28.70
CA TYR A 1711 -9.21 6.72 -29.17
C TYR A 1711 -10.20 7.28 -28.18
N VAL A 1712 -9.82 7.34 -26.90
CA VAL A 1712 -10.72 7.92 -25.91
C VAL A 1712 -10.24 9.34 -25.64
N LYS A 1713 -11.06 10.11 -24.93
CA LYS A 1713 -10.74 11.51 -24.69
C LYS A 1713 -9.69 11.65 -23.61
N LYS A 1714 -8.74 12.56 -23.83
CA LYS A 1714 -7.69 12.83 -22.86
C LYS A 1714 -8.30 13.68 -21.76
N GLU A 1715 -8.74 13.04 -20.69
CA GLU A 1715 -9.48 13.75 -19.66
C GLU A 1715 -8.75 13.84 -18.32
N ASP A 1716 -8.47 12.71 -17.69
CA ASP A 1716 -7.91 12.74 -16.33
C ASP A 1716 -7.23 11.40 -16.09
N GLY A 1717 -5.92 11.39 -16.16
CA GLY A 1717 -5.16 10.16 -16.12
C GLY A 1717 -4.76 9.67 -17.48
N ILE A 1718 -5.37 10.20 -18.54
CA ILE A 1718 -4.97 9.90 -19.89
C ILE A 1718 -4.43 11.18 -20.52
N ASN A 1719 -3.13 11.39 -20.41
CA ASN A 1719 -2.50 12.60 -20.91
C ASN A 1719 -1.95 12.35 -22.31
N ASP A 1720 -1.14 13.27 -22.81
CA ASP A 1720 -0.35 13.00 -23.99
C ASP A 1720 0.55 11.79 -23.80
N MET A 1721 1.17 11.68 -22.64
CA MET A 1721 1.78 10.44 -22.21
C MET A 1721 0.77 9.68 -21.36
N PHE A 1722 1.10 8.42 -21.06
CA PHE A 1722 0.23 7.56 -20.26
C PHE A 1722 -1.16 7.45 -20.88
N ASN A 1723 -1.18 6.83 -22.05
CA ASN A 1723 -2.43 6.50 -22.74
C ASN A 1723 -2.31 5.06 -23.21
N PHE A 1724 -3.24 4.65 -24.06
CA PHE A 1724 -3.23 3.32 -24.65
C PHE A 1724 -3.02 3.40 -26.15
N GLU A 1725 -2.15 4.31 -26.59
CA GLU A 1725 -1.96 4.51 -28.01
C GLU A 1725 -0.84 3.67 -28.59
N THR A 1726 0.15 3.33 -27.78
CA THR A 1726 1.24 2.48 -28.20
C THR A 1726 1.47 1.45 -27.14
N PHE A 1727 2.17 0.38 -27.50
CA PHE A 1727 2.40 -0.69 -26.56
C PHE A 1727 3.16 -0.21 -25.33
N GLY A 1728 4.19 0.61 -25.52
CA GLY A 1728 4.95 1.07 -24.39
C GLY A 1728 4.09 1.89 -23.45
N ASN A 1729 3.28 2.78 -24.00
CA ASN A 1729 2.41 3.61 -23.16
C ASN A 1729 1.42 2.74 -22.41
N SER A 1730 0.86 1.74 -23.07
CA SER A 1730 -0.11 0.89 -22.42
C SER A 1730 0.55 0.15 -21.29
N MET A 1731 1.76 -0.35 -21.49
CA MET A 1731 2.49 -1.05 -20.43
C MET A 1731 2.78 -0.14 -19.26
N ILE A 1732 3.18 1.09 -19.53
CA ILE A 1732 3.43 2.03 -18.46
C ILE A 1732 2.16 2.25 -17.66
N CYS A 1733 1.02 2.37 -18.33
CA CYS A 1733 -0.25 2.50 -17.60
C CYS A 1733 -0.60 1.28 -16.79
N LEU A 1734 -0.37 0.09 -17.33
CA LEU A 1734 -0.77 -1.13 -16.62
C LEU A 1734 0.14 -1.43 -15.46
N PHE A 1735 1.44 -1.29 -15.65
CA PHE A 1735 2.32 -1.46 -14.50
C PHE A 1735 1.92 -0.54 -13.37
N GLN A 1736 1.53 0.69 -13.70
CA GLN A 1736 1.08 1.62 -12.66
C GLN A 1736 -0.08 1.05 -11.88
N ILE A 1737 -1.14 0.63 -12.58
CA ILE A 1737 -2.34 0.21 -11.88
C ILE A 1737 -2.23 -1.24 -11.42
N THR A 1738 -1.10 -1.87 -11.69
CA THR A 1738 -0.86 -3.16 -11.06
C THR A 1738 -0.84 -3.04 -9.54
N THR A 1739 -0.45 -1.90 -9.01
CA THR A 1739 -0.51 -1.62 -7.59
C THR A 1739 -1.83 -0.99 -7.21
N SER A 1740 -2.81 -1.01 -8.11
CA SER A 1740 -4.14 -0.43 -7.97
C SER A 1740 -4.10 1.08 -7.86
N ALA A 1741 -2.94 1.70 -7.96
CA ALA A 1741 -2.85 3.15 -7.88
C ALA A 1741 -3.45 3.78 -9.13
N GLY A 1742 -4.43 4.64 -8.94
CA GLY A 1742 -4.92 5.48 -10.00
C GLY A 1742 -5.88 4.83 -10.97
N TRP A 1743 -6.32 3.59 -10.72
CA TRP A 1743 -7.21 2.93 -11.67
C TRP A 1743 -8.51 3.70 -11.81
N ASP A 1744 -8.96 4.35 -10.74
CA ASP A 1744 -10.12 5.23 -10.84
C ASP A 1744 -9.89 6.31 -11.88
N GLY A 1745 -8.65 6.80 -11.98
CA GLY A 1745 -8.37 7.86 -12.93
C GLY A 1745 -8.49 7.38 -14.36
N LEU A 1746 -7.96 6.20 -14.65
CA LEU A 1746 -8.04 5.67 -16.01
C LEU A 1746 -9.46 5.27 -16.36
N LEU A 1747 -10.21 4.73 -15.40
CA LEU A 1747 -11.55 4.29 -15.71
C LEU A 1747 -12.48 5.46 -16.02
N ALA A 1748 -12.23 6.62 -15.41
CA ALA A 1748 -13.17 7.73 -15.55
C ALA A 1748 -13.42 8.13 -17.00
N PRO A 1749 -12.40 8.42 -17.81
CA PRO A 1749 -12.69 8.86 -19.18
C PRO A 1749 -13.33 7.80 -20.05
N ILE A 1750 -13.29 6.53 -19.63
CA ILE A 1750 -13.91 5.47 -20.39
C ILE A 1750 -15.40 5.35 -20.11
N LEU A 1751 -15.91 6.09 -19.13
CA LEU A 1751 -17.33 6.04 -18.83
C LEU A 1751 -18.13 7.06 -19.61
N ASN A 1752 -17.49 8.03 -20.26
CA ASN A 1752 -18.21 8.90 -21.17
C ASN A 1752 -18.70 8.07 -22.34
N SER A 1753 -20.00 8.09 -22.57
CA SER A 1753 -20.55 7.36 -23.70
C SER A 1753 -21.63 8.11 -24.45
N LYS A 1754 -22.01 9.31 -24.01
CA LYS A 1754 -23.05 10.09 -24.65
C LYS A 1754 -22.64 11.54 -24.64
N PRO A 1755 -23.13 12.34 -25.56
CA PRO A 1755 -22.91 13.78 -25.49
C PRO A 1755 -23.59 14.34 -24.27
N PRO A 1756 -23.11 15.47 -23.74
CA PRO A 1756 -21.92 16.18 -24.21
C PRO A 1756 -20.65 15.69 -23.55
N ASP A 1757 -20.67 14.49 -22.98
CA ASP A 1757 -19.47 13.90 -22.40
C ASP A 1757 -18.51 13.36 -23.44
N CYS A 1758 -18.95 13.14 -24.68
CA CYS A 1758 -18.06 12.68 -25.73
C CYS A 1758 -18.64 13.08 -27.07
N ASP A 1759 -17.88 12.83 -28.13
CA ASP A 1759 -18.37 13.00 -29.49
C ASP A 1759 -18.24 11.68 -30.23
N PRO A 1760 -19.33 11.04 -30.63
CA PRO A 1760 -19.24 9.78 -31.35
C PRO A 1760 -18.96 9.94 -32.84
N LYS A 1761 -18.85 11.17 -33.33
CA LYS A 1761 -18.60 11.45 -34.73
C LYS A 1761 -17.36 12.31 -34.90
N LYS A 1762 -16.32 12.03 -34.13
CA LYS A 1762 -15.09 12.79 -34.18
C LYS A 1762 -14.13 12.14 -35.16
N VAL A 1763 -13.61 12.92 -36.09
CA VAL A 1763 -12.71 12.43 -37.11
C VAL A 1763 -11.29 12.56 -36.60
N HIS A 1764 -10.53 11.46 -36.62
CA HIS A 1764 -9.15 11.48 -36.17
C HIS A 1764 -8.23 11.68 -37.36
N PRO A 1765 -7.48 12.78 -37.42
CA PRO A 1765 -6.63 13.04 -38.58
C PRO A 1765 -5.64 11.91 -38.78
N GLY A 1766 -5.66 11.32 -39.96
CA GLY A 1766 -4.77 10.23 -40.28
C GLY A 1766 -5.31 8.86 -39.99
N SER A 1767 -6.60 8.73 -39.69
CA SER A 1767 -7.20 7.43 -39.46
C SER A 1767 -8.64 7.47 -39.94
N SER A 1768 -9.31 6.33 -39.83
CA SER A 1768 -10.69 6.21 -40.24
C SER A 1768 -11.62 5.90 -39.09
N VAL A 1769 -11.09 5.69 -37.89
CA VAL A 1769 -11.92 5.46 -36.72
C VAL A 1769 -12.58 6.77 -36.32
N GLU A 1770 -13.80 6.70 -35.80
CA GLU A 1770 -14.54 7.93 -35.46
C GLU A 1770 -14.72 8.27 -33.98
N GLY A 1771 -15.65 7.64 -33.29
CA GLY A 1771 -15.94 8.07 -31.93
C GLY A 1771 -14.82 8.15 -30.92
N ASP A 1772 -14.86 9.19 -30.09
CA ASP A 1772 -13.82 9.39 -29.09
C ASP A 1772 -14.23 8.89 -27.70
N CYS A 1773 -15.32 8.15 -27.61
CA CYS A 1773 -15.71 7.59 -26.32
C CYS A 1773 -15.80 6.10 -26.20
N GLY A 1774 -15.49 5.60 -25.00
CA GLY A 1774 -15.47 4.17 -24.79
C GLY A 1774 -16.72 3.51 -24.30
N ASN A 1775 -16.86 2.23 -24.60
CA ASN A 1775 -18.00 1.44 -24.15
C ASN A 1775 -17.89 1.20 -22.66
N PRO A 1776 -18.77 1.76 -21.84
CA PRO A 1776 -18.61 1.64 -20.38
C PRO A 1776 -18.56 0.21 -19.86
N SER A 1777 -19.34 -0.71 -20.43
CA SER A 1777 -19.40 -2.06 -19.90
C SER A 1777 -18.05 -2.76 -20.01
N VAL A 1778 -17.46 -2.74 -21.21
CA VAL A 1778 -16.18 -3.41 -21.39
C VAL A 1778 -15.10 -2.72 -20.58
N GLY A 1779 -15.18 -1.39 -20.47
CA GLY A 1779 -14.20 -0.67 -19.66
C GLY A 1779 -14.23 -1.11 -18.21
N ILE A 1780 -15.42 -1.11 -17.62
CA ILE A 1780 -15.58 -1.60 -16.26
C ILE A 1780 -15.00 -2.99 -16.13
N PHE A 1781 -15.58 -3.94 -16.87
CA PHE A 1781 -15.12 -5.32 -16.81
C PHE A 1781 -13.60 -5.40 -16.86
N TYR A 1782 -13.01 -4.74 -17.85
CA TYR A 1782 -11.57 -4.67 -18.01
C TYR A 1782 -10.88 -4.31 -16.70
N PHE A 1783 -11.18 -3.13 -16.18
CA PHE A 1783 -10.40 -2.63 -15.06
C PHE A 1783 -10.64 -3.42 -13.78
N VAL A 1784 -11.90 -3.75 -13.48
CA VAL A 1784 -12.17 -4.47 -12.24
C VAL A 1784 -11.54 -5.86 -12.29
N SER A 1785 -11.70 -6.56 -13.41
CA SER A 1785 -11.08 -7.88 -13.51
C SER A 1785 -9.57 -7.79 -13.39
N TYR A 1786 -8.97 -6.74 -13.98
CA TYR A 1786 -7.52 -6.64 -13.93
C TYR A 1786 -7.04 -6.43 -12.50
N ILE A 1787 -7.68 -5.52 -11.77
CA ILE A 1787 -7.21 -5.27 -10.42
C ILE A 1787 -7.42 -6.49 -9.55
N ILE A 1788 -8.49 -7.25 -9.80
CA ILE A 1788 -8.73 -8.46 -9.02
C ILE A 1788 -7.63 -9.48 -9.29
N ILE A 1789 -7.30 -9.70 -10.56
CA ILE A 1789 -6.28 -10.69 -10.89
C ILE A 1789 -4.93 -10.26 -10.34
N SER A 1790 -4.60 -8.99 -10.47
CA SER A 1790 -3.34 -8.50 -9.93
C SER A 1790 -3.28 -8.68 -8.42
N PHE A 1791 -4.40 -8.43 -7.75
CA PHE A 1791 -4.46 -8.65 -6.32
C PHE A 1791 -4.16 -10.10 -5.98
N LEU A 1792 -4.78 -11.03 -6.70
CA LEU A 1792 -4.50 -12.44 -6.48
C LEU A 1792 -3.01 -12.74 -6.64
N VAL A 1793 -2.42 -12.22 -7.71
CA VAL A 1793 -1.03 -12.52 -7.99
C VAL A 1793 -0.12 -11.99 -6.89
N VAL A 1794 -0.37 -10.76 -6.45
CA VAL A 1794 0.52 -10.21 -5.44
C VAL A 1794 0.28 -10.87 -4.09
N VAL A 1795 -0.92 -11.37 -3.83
CA VAL A 1795 -1.10 -12.18 -2.63
C VAL A 1795 -0.25 -13.43 -2.72
N ASN A 1796 -0.21 -14.07 -3.89
CA ASN A 1796 0.66 -15.22 -4.06
C ASN A 1796 2.11 -14.86 -3.77
N MET A 1797 2.55 -13.72 -4.28
CA MET A 1797 3.93 -13.30 -4.04
C MET A 1797 4.20 -13.10 -2.56
N TYR A 1798 3.27 -12.42 -1.87
CA TYR A 1798 3.42 -12.21 -0.43
C TYR A 1798 3.57 -13.54 0.30
N ILE A 1799 2.73 -14.51 -0.06
CA ILE A 1799 2.79 -15.80 0.61
C ILE A 1799 4.13 -16.47 0.35
N ALA A 1800 4.61 -16.40 -0.89
CA ALA A 1800 5.91 -16.99 -1.22
C ALA A 1800 7.00 -16.41 -0.33
N VAL A 1801 7.08 -15.08 -0.27
CA VAL A 1801 8.13 -14.44 0.50
C VAL A 1801 8.01 -14.78 1.97
N ILE A 1802 6.79 -14.77 2.51
CA ILE A 1802 6.61 -15.04 3.92
C ILE A 1802 7.04 -16.46 4.25
N LEU A 1803 6.67 -17.42 3.41
CA LEU A 1803 7.09 -18.80 3.66
C LEU A 1803 8.61 -18.92 3.63
N GLU A 1804 9.24 -18.32 2.63
CA GLU A 1804 10.69 -18.45 2.52
C GLU A 1804 11.40 -17.81 3.70
N ASN A 1805 10.86 -16.70 4.19
CA ASN A 1805 11.46 -16.06 5.36
C ASN A 1805 11.28 -16.93 6.60
N PHE A 1806 10.06 -17.45 6.82
CA PHE A 1806 9.83 -18.33 7.96
C PHE A 1806 10.80 -19.50 7.92
N SER A 1807 11.04 -20.05 6.73
CA SER A 1807 12.00 -21.14 6.60
C SER A 1807 13.39 -20.67 6.99
N VAL A 1808 13.93 -19.67 6.28
CA VAL A 1808 15.32 -19.28 6.45
C VAL A 1808 15.60 -18.92 7.91
N ALA A 1809 14.74 -18.13 8.53
CA ALA A 1809 15.00 -17.72 9.90
C ALA A 1809 15.14 -18.94 10.82
N THR A 1810 14.43 -20.01 10.52
CA THR A 1810 14.45 -21.20 11.38
C THR A 1810 15.34 -22.37 10.94
N GLU A 1811 16.09 -22.24 9.86
CA GLU A 1811 16.88 -23.39 9.34
C GLU A 1811 17.95 -23.96 10.27
N GLU A 1812 18.79 -23.09 10.82
CA GLU A 1812 19.99 -23.57 11.53
C GLU A 1812 19.99 -23.89 13.02
N SER A 1813 20.88 -24.80 13.43
CA SER A 1813 21.03 -25.15 14.83
C SER A 1813 22.53 -25.06 15.14
N THR A 1814 22.90 -25.01 16.42
CA THR A 1814 24.31 -24.78 16.78
C THR A 1814 25.34 -25.83 16.28
N GLU A 1815 25.01 -27.12 16.32
CA GLU A 1815 25.97 -28.17 15.93
C GLU A 1815 27.29 -28.00 16.68
N PRO A 1816 27.22 -27.96 18.03
CA PRO A 1816 28.44 -27.68 18.78
C PRO A 1816 29.41 -28.85 18.86
N LEU A 1817 29.15 -29.95 18.14
CA LEU A 1817 30.11 -31.05 18.14
C LEU A 1817 31.40 -30.61 17.45
N SER A 1818 32.49 -30.54 18.20
CA SER A 1818 33.79 -30.20 17.64
C SER A 1818 34.48 -31.44 17.11
N GLU A 1819 35.55 -31.23 16.34
CA GLU A 1819 36.24 -32.34 15.71
C GLU A 1819 36.81 -33.32 16.73
N ASP A 1820 37.18 -32.84 17.92
CA ASP A 1820 37.69 -33.73 18.95
C ASP A 1820 36.64 -34.72 19.41
N ASP A 1821 35.35 -34.35 19.31
CA ASP A 1821 34.29 -35.30 19.62
C ASP A 1821 34.14 -36.35 18.53
N PHE A 1822 34.60 -36.05 17.31
CA PHE A 1822 34.67 -37.08 16.28
C PHE A 1822 35.84 -38.03 16.51
N GLU A 1823 36.95 -37.52 17.05
CA GLU A 1823 38.11 -38.38 17.29
C GLU A 1823 37.85 -39.36 18.43
N MET A 1824 37.23 -38.88 19.52
CA MET A 1824 36.95 -39.78 20.65
C MET A 1824 35.95 -40.86 20.26
N PHE A 1825 35.07 -40.58 19.29
CA PHE A 1825 34.20 -41.62 18.77
C PHE A 1825 35.02 -42.73 18.12
N TYR A 1826 36.11 -42.37 17.44
CA TYR A 1826 36.95 -43.38 16.80
C TYR A 1826 37.86 -44.08 17.80
N GLU A 1827 38.39 -43.34 18.79
CA GLU A 1827 39.30 -43.97 19.74
C GLU A 1827 38.58 -45.01 20.58
N VAL A 1828 37.28 -44.84 20.80
CA VAL A 1828 36.50 -45.89 21.45
C VAL A 1828 36.13 -46.97 20.45
N TRP A 1829 35.97 -46.59 19.17
CA TRP A 1829 35.68 -47.58 18.14
C TRP A 1829 36.84 -48.54 17.95
N GLU A 1830 38.07 -48.05 18.05
CA GLU A 1830 39.24 -48.90 17.83
C GLU A 1830 39.45 -49.91 18.94
N LYS A 1831 38.88 -49.69 20.13
CA LYS A 1831 39.04 -50.65 21.22
C LYS A 1831 38.15 -51.87 21.05
N PHE A 1832 37.05 -51.77 20.30
CA PHE A 1832 36.17 -52.90 20.05
C PHE A 1832 36.35 -53.53 18.68
N ASP A 1833 36.91 -52.79 17.72
CA ASP A 1833 37.17 -53.30 16.37
C ASP A 1833 38.65 -53.08 16.04
N PRO A 1834 39.54 -53.88 16.62
CA PRO A 1834 40.97 -53.72 16.31
C PRO A 1834 41.33 -54.09 14.88
N ASP A 1835 40.46 -54.82 14.17
CA ASP A 1835 40.72 -55.20 12.80
C ASP A 1835 40.30 -54.13 11.79
N ALA A 1836 39.68 -53.04 12.25
CA ALA A 1836 39.22 -51.95 11.40
C ALA A 1836 38.25 -52.47 10.33
N THR A 1837 37.39 -53.41 10.73
CA THR A 1837 36.38 -53.95 9.84
C THR A 1837 35.14 -53.07 9.73
N GLN A 1838 35.06 -52.00 10.53
CA GLN A 1838 33.99 -51.02 10.51
C GLN A 1838 32.62 -51.62 10.86
N PHE A 1839 32.59 -52.86 11.32
CA PHE A 1839 31.34 -53.55 11.66
C PHE A 1839 31.43 -54.06 13.09
N ILE A 1840 30.43 -53.70 13.91
CA ILE A 1840 30.41 -54.07 15.31
C ILE A 1840 29.14 -54.86 15.58
N GLU A 1841 29.23 -55.79 16.53
CA GLU A 1841 28.07 -56.60 16.90
C GLU A 1841 27.09 -55.79 17.72
N PHE A 1842 25.80 -56.11 17.55
CA PHE A 1842 24.76 -55.48 18.35
C PHE A 1842 24.98 -55.73 19.85
N SER A 1843 25.54 -56.88 20.20
CA SER A 1843 25.83 -57.16 21.60
C SER A 1843 26.86 -56.19 22.16
N LYS A 1844 27.82 -55.77 21.34
CA LYS A 1844 28.82 -54.80 21.77
C LYS A 1844 28.30 -53.37 21.76
N LEU A 1845 27.17 -53.11 21.10
CA LEU A 1845 26.62 -51.77 21.09
C LEU A 1845 26.21 -51.30 22.49
N SER A 1846 25.73 -52.22 23.33
CA SER A 1846 25.26 -51.85 24.66
C SER A 1846 26.39 -51.29 25.53
N ASP A 1847 27.63 -51.65 25.24
CA ASP A 1847 28.79 -51.17 25.98
C ASP A 1847 29.54 -50.07 25.27
N PHE A 1848 29.53 -50.08 23.92
CA PHE A 1848 30.20 -49.03 23.17
C PHE A 1848 29.57 -47.66 23.46
N ALA A 1849 28.24 -47.62 23.53
CA ALA A 1849 27.54 -46.39 23.90
C ALA A 1849 27.76 -46.01 25.35
N ALA A 1850 28.27 -46.94 26.18
CA ALA A 1850 28.54 -46.66 27.58
C ALA A 1850 30.00 -46.32 27.84
N ALA A 1851 30.86 -46.37 26.82
CA ALA A 1851 32.26 -46.01 26.95
C ALA A 1851 32.57 -44.65 26.34
N LEU A 1852 31.58 -43.98 25.79
CA LEU A 1852 31.79 -42.67 25.17
C LEU A 1852 31.64 -41.55 26.20
N ASP A 1853 32.43 -40.51 26.04
CA ASP A 1853 32.36 -39.33 26.89
C ASP A 1853 31.22 -38.44 26.41
N PRO A 1854 30.66 -37.61 27.30
CA PRO A 1854 29.64 -36.67 26.86
C PRO A 1854 30.16 -35.75 25.78
N PRO A 1855 29.29 -35.23 24.91
CA PRO A 1855 27.83 -35.41 24.92
C PRO A 1855 27.35 -36.71 24.28
N LEU A 1856 28.24 -37.44 23.59
CA LEU A 1856 27.88 -38.69 22.96
C LEU A 1856 27.68 -39.83 23.95
N LEU A 1857 27.83 -39.57 25.25
CA LEU A 1857 27.62 -40.59 26.26
C LEU A 1857 26.16 -41.04 26.29
N ILE A 1858 25.96 -42.34 26.49
CA ILE A 1858 24.63 -42.92 26.70
C ILE A 1858 24.76 -43.87 27.89
N ALA A 1859 24.07 -43.54 28.98
CA ALA A 1859 24.27 -44.26 30.24
C ALA A 1859 23.40 -45.51 30.31
N LYS A 1860 23.89 -46.49 31.07
CA LYS A 1860 23.14 -47.73 31.30
C LYS A 1860 21.99 -47.46 32.27
N PRO A 1861 20.79 -47.97 32.01
CA PRO A 1861 20.41 -48.81 30.86
C PRO A 1861 20.32 -48.04 29.55
N ASN A 1862 21.23 -48.35 28.63
CA ASN A 1862 21.24 -47.69 27.33
C ASN A 1862 20.26 -48.33 26.36
N LYS A 1863 19.96 -49.61 26.55
CA LYS A 1863 19.25 -50.38 25.54
C LYS A 1863 17.87 -49.80 25.23
N VAL A 1864 17.23 -49.15 26.21
CA VAL A 1864 15.91 -48.58 25.97
C VAL A 1864 15.98 -47.52 24.89
N GLN A 1865 17.06 -46.72 24.87
CA GLN A 1865 17.21 -45.71 23.84
C GLN A 1865 17.82 -46.28 22.56
N LEU A 1866 18.75 -47.24 22.69
CA LEU A 1866 19.43 -47.77 21.51
C LEU A 1866 18.48 -48.47 20.56
N ILE A 1867 17.39 -49.05 21.09
CA ILE A 1867 16.39 -49.63 20.20
C ILE A 1867 15.58 -48.53 19.50
N ALA A 1868 15.27 -47.45 20.21
CA ALA A 1868 14.43 -46.39 19.68
C ALA A 1868 15.12 -45.54 18.63
N MET A 1869 16.44 -45.68 18.45
CA MET A 1869 17.14 -44.89 17.45
C MET A 1869 17.04 -45.47 16.05
N ASP A 1870 16.50 -46.67 15.90
CA ASP A 1870 16.23 -47.29 14.59
C ASP A 1870 17.52 -47.46 13.79
N LEU A 1871 18.48 -48.17 14.38
CA LEU A 1871 19.69 -48.51 13.66
C LEU A 1871 19.43 -49.69 12.72
N PRO A 1872 19.94 -49.64 11.49
CA PRO A 1872 19.85 -50.81 10.61
C PRO A 1872 20.90 -51.84 10.96
N MET A 1873 20.61 -53.09 10.58
CA MET A 1873 21.48 -54.22 10.89
C MET A 1873 21.81 -54.97 9.61
N VAL A 1874 23.10 -55.15 9.35
CA VAL A 1874 23.57 -55.88 8.19
C VAL A 1874 23.64 -57.36 8.53
N SER A 1875 23.76 -58.20 7.49
CA SER A 1875 23.82 -59.64 7.65
C SER A 1875 24.82 -60.04 8.73
N GLY A 1876 24.40 -60.95 9.61
CA GLY A 1876 25.20 -61.35 10.74
C GLY A 1876 24.92 -60.59 12.02
N ASP A 1877 23.83 -59.81 12.06
CA ASP A 1877 23.48 -58.98 13.22
C ASP A 1877 24.60 -58.02 13.57
N ARG A 1878 25.18 -57.38 12.55
CA ARG A 1878 26.22 -56.39 12.71
C ARG A 1878 25.73 -55.03 12.23
N ILE A 1879 26.35 -53.97 12.74
CA ILE A 1879 25.95 -52.59 12.44
C ILE A 1879 27.18 -51.82 11.97
N HIS A 1880 26.96 -50.89 11.05
CA HIS A 1880 28.03 -50.11 10.45
C HIS A 1880 28.39 -48.92 11.35
N CYS A 1881 29.60 -48.38 11.13
CA CYS A 1881 30.08 -47.27 11.95
C CYS A 1881 29.26 -46.01 11.72
N LEU A 1882 29.11 -45.60 10.46
CA LEU A 1882 28.38 -44.36 10.17
C LEU A 1882 26.92 -44.45 10.56
N ASP A 1883 26.38 -45.67 10.64
CA ASP A 1883 25.02 -45.83 11.16
C ASP A 1883 24.97 -45.45 12.64
N ILE A 1884 25.97 -45.87 13.40
CA ILE A 1884 26.03 -45.54 14.83
C ILE A 1884 26.34 -44.06 15.02
N LEU A 1885 27.28 -43.55 14.22
CA LEU A 1885 27.66 -42.14 14.33
C LEU A 1885 26.50 -41.22 14.01
N PHE A 1886 25.78 -41.50 12.93
CA PHE A 1886 24.67 -40.65 12.54
C PHE A 1886 23.56 -40.66 13.58
N ALA A 1887 23.30 -41.82 14.20
CA ALA A 1887 22.26 -41.90 15.21
C ALA A 1887 22.62 -41.11 16.46
N PHE A 1888 23.91 -40.99 16.76
CA PHE A 1888 24.32 -40.29 17.98
C PHE A 1888 24.34 -38.77 17.77
N THR A 1889 24.88 -38.32 16.63
CA THR A 1889 24.83 -36.89 16.34
C THR A 1889 23.39 -36.41 16.15
N LYS A 1890 22.51 -37.29 15.68
CA LYS A 1890 21.10 -36.96 15.61
C LYS A 1890 20.49 -36.78 16.99
N ARG A 1891 20.99 -37.53 17.98
CA ARG A 1891 20.44 -37.44 19.33
C ARG A 1891 20.82 -36.12 20.00
N VAL A 1892 22.01 -35.60 19.72
CA VAL A 1892 22.46 -34.37 20.36
C VAL A 1892 22.03 -33.15 19.57
N LEU A 1893 21.93 -33.25 18.24
CA LEU A 1893 21.56 -32.09 17.42
C LEU A 1893 20.07 -32.04 17.10
N GLY A 1894 19.45 -33.17 16.81
CA GLY A 1894 18.05 -33.18 16.45
C GLY A 1894 17.84 -33.19 14.94
N GLU A 1895 16.63 -32.83 14.55
CA GLU A 1895 16.22 -32.83 13.14
C GLU A 1895 16.25 -31.42 12.59
N SER A 1896 17.42 -31.01 12.10
CA SER A 1896 17.60 -29.73 11.45
C SER A 1896 17.77 -29.91 9.95
N GLY A 1897 17.81 -28.78 9.24
CA GLY A 1897 17.94 -28.82 7.79
C GLY A 1897 19.30 -29.32 7.33
N GLU A 1898 20.35 -29.08 8.13
CA GLU A 1898 21.68 -29.56 7.77
C GLU A 1898 21.83 -31.05 8.02
N MET A 1899 20.96 -31.63 8.87
CA MET A 1899 21.10 -33.04 9.23
C MET A 1899 20.95 -33.95 8.02
N ASP A 1900 19.97 -33.69 7.16
CA ASP A 1900 19.86 -34.45 5.93
C ASP A 1900 20.98 -34.09 4.96
N SER A 1901 21.55 -32.89 5.08
CA SER A 1901 22.66 -32.50 4.22
C SER A 1901 23.96 -33.15 4.69
N LEU A 1902 24.17 -33.25 6.00
CA LEU A 1902 25.38 -33.88 6.50
C LEU A 1902 25.37 -35.38 6.21
N ARG A 1903 24.23 -36.03 6.40
CA ARG A 1903 24.11 -37.44 6.04
C ARG A 1903 24.44 -37.66 4.58
N SER A 1904 24.09 -36.68 3.73
CA SER A 1904 24.41 -36.78 2.31
C SER A 1904 25.92 -36.75 2.08
N GLN A 1905 26.60 -35.74 2.63
CA GLN A 1905 28.02 -35.57 2.33
C GLN A 1905 28.87 -36.68 2.95
N MET A 1906 28.51 -37.13 4.15
CA MET A 1906 29.26 -38.23 4.76
C MET A 1906 29.09 -39.52 3.98
N GLU A 1907 27.89 -39.77 3.44
CA GLU A 1907 27.69 -40.98 2.63
C GLU A 1907 28.49 -40.93 1.34
N GLU A 1908 28.40 -39.84 0.58
CA GLU A 1908 29.09 -39.77 -0.70
C GLU A 1908 30.60 -39.84 -0.50
N ARG A 1909 31.11 -39.27 0.59
CA ARG A 1909 32.52 -39.44 0.92
C ARG A 1909 32.84 -40.89 1.27
N PHE A 1910 31.84 -41.65 1.72
CA PHE A 1910 32.05 -43.07 2.00
C PHE A 1910 31.90 -43.91 0.73
N MET A 1911 30.97 -43.53 -0.16
CA MET A 1911 30.81 -44.27 -1.40
C MET A 1911 32.04 -44.17 -2.29
N SER A 1912 32.72 -43.02 -2.28
CA SER A 1912 33.91 -42.84 -3.10
C SER A 1912 35.12 -43.55 -2.51
N ALA A 1913 35.06 -43.95 -1.24
CA ALA A 1913 36.20 -44.59 -0.58
C ALA A 1913 36.13 -46.11 -0.61
N ASN A 1914 34.93 -46.68 -0.52
CA ASN A 1914 34.74 -48.14 -0.46
C ASN A 1914 33.74 -48.56 -1.53
N PRO A 1915 34.22 -48.94 -2.72
CA PRO A 1915 33.30 -49.39 -3.76
C PRO A 1915 32.67 -50.75 -3.50
N SER A 1916 32.97 -51.40 -2.38
CA SER A 1916 32.41 -52.71 -2.04
C SER A 1916 31.00 -52.51 -1.49
N LYS A 1917 30.03 -52.37 -2.41
CA LYS A 1917 28.62 -52.11 -1.99
C LYS A 1917 27.90 -53.41 -1.63
N VAL A 1918 28.53 -54.57 -1.86
CA VAL A 1918 27.83 -55.83 -1.62
C VAL A 1918 27.66 -56.13 -0.13
N SER A 1919 28.48 -55.50 0.73
CA SER A 1919 28.45 -55.78 2.16
C SER A 1919 27.71 -54.72 2.96
N TYR A 1920 26.94 -53.85 2.32
CA TYR A 1920 26.24 -52.77 3.01
C TYR A 1920 24.73 -52.96 3.05
N GLU A 1921 24.20 -54.03 2.47
CA GLU A 1921 22.76 -54.20 2.42
C GLU A 1921 22.18 -54.47 3.81
N PRO A 1922 21.23 -53.68 4.29
CA PRO A 1922 20.64 -53.95 5.62
C PRO A 1922 19.50 -54.96 5.53
N ILE A 1923 19.49 -55.93 6.44
CA ILE A 1923 18.49 -56.99 6.40
C ILE A 1923 17.35 -56.67 7.37
N THR A 1924 17.66 -55.94 8.45
CA THR A 1924 16.67 -55.61 9.46
C THR A 1924 17.12 -54.34 10.18
N THR A 1925 16.25 -53.82 11.05
CA THR A 1925 16.57 -52.69 11.91
C THR A 1925 16.31 -53.07 13.36
N THR A 1926 16.91 -52.30 14.28
CA THR A 1926 16.87 -52.68 15.69
C THR A 1926 15.46 -52.62 16.25
N LEU A 1927 14.65 -51.65 15.80
CA LEU A 1927 13.27 -51.59 16.25
C LEU A 1927 12.46 -52.74 15.65
N LYS A 1928 12.71 -53.05 14.37
CA LYS A 1928 12.05 -54.20 13.75
C LYS A 1928 12.56 -55.50 14.34
N ARG A 1929 13.85 -55.55 14.70
CA ARG A 1929 14.43 -56.78 15.24
C ARG A 1929 13.81 -57.15 16.58
N LYS A 1930 13.65 -56.18 17.47
CA LYS A 1930 13.05 -56.47 18.77
C LYS A 1930 11.59 -56.87 18.63
N GLN A 1931 10.90 -56.33 17.63
CA GLN A 1931 9.52 -56.75 17.38
C GLN A 1931 9.49 -58.20 16.92
N GLU A 1932 10.46 -58.61 16.11
CA GLU A 1932 10.62 -60.02 15.80
C GLU A 1932 10.98 -60.82 17.04
N ASP A 1933 11.78 -60.23 17.94
CA ASP A 1933 12.14 -60.90 19.17
C ASP A 1933 10.92 -61.14 20.07
N VAL A 1934 10.07 -60.15 20.21
CA VAL A 1934 8.86 -60.30 21.02
C VAL A 1934 7.74 -60.87 20.16
N GLY B 20 -5.15 9.52 -31.60
CA GLY B 20 -4.96 10.94 -31.80
C GLY B 20 -4.41 11.28 -33.17
N CYS B 21 -3.96 12.51 -33.34
CA CYS B 21 -3.44 12.95 -34.62
C CYS B 21 -2.14 12.21 -34.94
N VAL B 22 -2.06 11.67 -36.15
CA VAL B 22 -0.87 10.98 -36.62
C VAL B 22 -0.48 11.56 -37.98
N GLU B 23 0.79 11.89 -38.14
CA GLU B 23 1.29 12.41 -39.41
C GLU B 23 1.59 11.24 -40.33
N VAL B 24 0.88 11.17 -41.44
CA VAL B 24 1.05 10.11 -42.43
C VAL B 24 1.43 10.75 -43.75
N ASP B 25 2.29 10.06 -44.50
CA ASP B 25 2.77 10.57 -45.78
C ASP B 25 1.82 10.17 -46.90
N SER B 26 1.68 11.07 -47.86
CA SER B 26 0.76 10.84 -48.96
C SER B 26 1.33 9.83 -49.94
N GLU B 27 0.45 9.21 -50.71
CA GLU B 27 0.89 8.35 -51.78
C GLU B 27 1.52 9.18 -52.89
N THR B 28 2.24 8.50 -53.77
CA THR B 28 2.99 9.18 -54.82
C THR B 28 2.58 8.79 -56.22
N GLU B 29 1.67 7.83 -56.39
CA GLU B 29 1.29 7.33 -57.70
C GLU B 29 -0.18 7.59 -57.93
N ALA B 30 -0.50 8.31 -59.01
CA ALA B 30 -1.87 8.64 -59.35
C ALA B 30 -2.25 7.93 -60.64
N VAL B 31 -3.28 7.10 -60.57
CA VAL B 31 -3.74 6.39 -61.75
C VAL B 31 -4.44 7.37 -62.68
N TYR B 32 -3.93 7.50 -63.90
CA TYR B 32 -4.48 8.46 -64.85
C TYR B 32 -5.96 8.19 -65.07
N GLY B 33 -6.73 9.26 -65.17
CA GLY B 33 -8.16 9.16 -65.41
C GLY B 33 -9.00 8.87 -64.18
N MET B 34 -8.38 8.78 -63.01
CA MET B 34 -9.07 8.43 -61.78
C MET B 34 -8.96 9.59 -60.79
N THR B 35 -9.36 9.32 -59.55
CA THR B 35 -9.23 10.29 -58.46
C THR B 35 -8.05 9.95 -57.58
N PHE B 36 -7.60 10.94 -56.81
CA PHE B 36 -6.46 10.76 -55.94
C PHE B 36 -6.51 11.76 -54.79
N LYS B 37 -6.21 11.30 -53.59
CA LYS B 37 -6.23 12.13 -52.39
C LYS B 37 -4.79 12.38 -51.94
N ILE B 38 -4.44 13.66 -51.81
CA ILE B 38 -3.11 14.06 -51.39
C ILE B 38 -3.16 14.37 -49.90
N LEU B 39 -2.34 13.68 -49.12
CA LEU B 39 -2.34 13.85 -47.67
C LEU B 39 -1.31 14.88 -47.24
N CYS B 40 -1.70 15.74 -46.31
CA CYS B 40 -0.78 16.67 -45.65
C CYS B 40 -1.30 16.88 -44.23
N ILE B 41 -0.74 16.14 -43.28
CA ILE B 41 -1.17 16.17 -41.89
C ILE B 41 -0.07 16.80 -41.07
N SER B 42 -0.43 17.73 -40.18
CA SER B 42 0.54 18.44 -39.36
C SER B 42 -0.03 18.56 -37.95
N CYS B 43 0.30 17.59 -37.10
CA CYS B 43 -0.21 17.60 -35.74
C CYS B 43 0.50 18.64 -34.90
N LYS B 44 -0.23 19.20 -33.95
CA LYS B 44 0.37 20.11 -33.00
C LYS B 44 1.19 19.34 -31.97
N ARG B 45 2.07 20.06 -31.26
CA ARG B 45 2.88 19.40 -30.25
C ARG B 45 2.03 18.93 -29.08
N ARG B 46 1.21 19.81 -28.54
CA ARG B 46 0.29 19.47 -27.46
C ARG B 46 -1.14 19.63 -27.96
N SER B 47 -1.94 18.59 -27.78
CA SER B 47 -3.29 18.59 -28.31
C SER B 47 -4.23 19.53 -27.58
N GLU B 48 -3.96 19.82 -26.31
CA GLU B 48 -4.90 20.62 -25.54
C GLU B 48 -4.86 22.09 -25.91
N THR B 49 -3.80 22.55 -26.56
CA THR B 49 -3.76 23.93 -26.99
C THR B 49 -4.74 24.16 -28.13
N ASN B 50 -5.08 25.42 -28.34
CA ASN B 50 -6.01 25.79 -29.40
C ASN B 50 -5.39 26.86 -30.28
N ALA B 51 -5.59 26.74 -31.59
CA ALA B 51 -4.94 27.62 -32.54
C ALA B 51 -5.91 27.98 -33.65
N GLU B 52 -5.46 28.83 -34.56
CA GLU B 52 -6.22 29.21 -35.74
C GLU B 52 -5.33 28.97 -36.95
N THR B 53 -5.60 27.90 -37.68
CA THR B 53 -4.75 27.46 -38.77
C THR B 53 -5.32 27.91 -40.11
N PHE B 54 -4.43 28.11 -41.07
CA PHE B 54 -4.82 28.21 -42.47
C PHE B 54 -3.63 27.77 -43.28
N THR B 55 -3.87 27.46 -44.56
CA THR B 55 -2.84 26.80 -45.33
C THR B 55 -2.86 27.26 -46.77
N GLU B 56 -1.75 27.02 -47.45
CA GLU B 56 -1.62 27.24 -48.87
C GLU B 56 -0.98 26.01 -49.49
N TRP B 57 -1.30 25.77 -50.75
CA TRP B 57 -0.72 24.68 -51.51
C TRP B 57 -0.06 25.24 -52.75
N THR B 58 1.09 24.68 -53.09
CA THR B 58 1.84 25.16 -54.23
C THR B 58 2.47 23.98 -54.94
N PHE B 59 2.47 24.04 -56.28
CA PHE B 59 2.82 22.90 -57.11
C PHE B 59 3.56 23.38 -58.34
N ARG B 60 4.72 22.79 -58.60
CA ARG B 60 5.46 22.98 -59.83
C ARG B 60 5.36 21.72 -60.67
N GLN B 61 5.23 21.91 -61.98
CA GLN B 61 5.03 20.78 -62.88
C GLN B 61 6.35 20.07 -63.13
N LYS B 62 6.28 18.74 -63.24
CA LYS B 62 7.48 17.95 -63.44
C LYS B 62 8.13 18.32 -64.77
N GLY B 63 9.34 18.87 -64.70
CA GLY B 63 10.02 19.38 -65.88
C GLY B 63 10.21 20.88 -65.90
N THR B 64 9.72 21.58 -64.88
CA THR B 64 9.88 23.02 -64.78
C THR B 64 10.31 23.34 -63.36
N GLU B 65 10.90 24.53 -63.18
CA GLU B 65 11.42 24.94 -61.87
C GLU B 65 10.81 26.29 -61.49
N GLU B 66 9.59 26.24 -60.96
CA GLU B 66 8.95 27.39 -60.34
C GLU B 66 7.71 26.93 -59.58
N PHE B 67 7.64 27.25 -58.30
CA PHE B 67 6.55 26.81 -57.45
C PHE B 67 5.44 27.85 -57.48
N VAL B 68 4.27 27.48 -57.99
CA VAL B 68 3.15 28.39 -58.15
C VAL B 68 2.02 27.96 -57.23
N LYS B 69 1.39 28.92 -56.58
CA LYS B 69 0.27 28.64 -55.70
C LYS B 69 -0.94 28.16 -56.50
N ILE B 70 -1.72 27.25 -55.91
CA ILE B 70 -2.91 26.74 -56.57
C ILE B 70 -4.17 26.95 -55.70
N LEU B 71 -4.02 27.01 -54.38
CA LEU B 71 -5.17 27.17 -53.48
C LEU B 71 -4.85 27.76 -52.11
N ARG B 72 -5.88 28.12 -51.34
CA ARG B 72 -5.69 28.66 -49.99
C ARG B 72 -6.93 28.41 -49.16
N TYR B 73 -6.81 27.74 -48.02
CA TYR B 73 -7.99 27.42 -47.22
C TYR B 73 -8.01 28.13 -45.87
N GLU B 74 -9.04 28.94 -45.62
CA GLU B 74 -9.20 29.64 -44.35
C GLU B 74 -10.68 29.95 -44.11
N ASN B 75 -11.12 30.07 -42.84
CA ASN B 75 -12.52 30.39 -42.52
C ASN B 75 -13.41 29.53 -43.38
N GLU B 76 -13.36 28.23 -43.15
CA GLU B 76 -14.18 27.24 -43.88
C GLU B 76 -14.46 27.52 -45.37
N VAL B 77 -13.59 28.26 -46.04
CA VAL B 77 -13.77 28.47 -47.49
C VAL B 77 -12.49 28.11 -48.22
N LEU B 78 -12.60 27.40 -49.33
CA LEU B 78 -11.42 27.10 -50.11
C LEU B 78 -11.45 28.06 -51.26
N GLN B 79 -10.43 28.87 -51.37
CA GLN B 79 -10.36 29.81 -52.47
C GLN B 79 -9.38 29.20 -53.41
N LEU B 80 -9.84 28.94 -54.63
CA LEU B 80 -8.98 28.25 -55.58
C LEU B 80 -8.47 29.21 -56.60
N GLU B 81 -7.16 29.21 -56.83
CA GLU B 81 -6.63 30.04 -57.90
C GLU B 81 -7.20 29.58 -59.23
N GLU B 82 -7.06 30.42 -60.24
CA GLU B 82 -7.68 30.20 -61.53
C GLU B 82 -6.85 29.33 -62.47
N ASP B 83 -5.87 28.60 -61.94
CA ASP B 83 -5.02 27.79 -62.80
C ASP B 83 -5.84 26.69 -63.47
N GLU B 84 -5.85 26.70 -64.79
CA GLU B 84 -6.70 25.79 -65.55
C GLU B 84 -6.33 24.32 -65.34
N ARG B 85 -5.08 24.04 -64.99
CA ARG B 85 -4.71 22.66 -64.71
C ARG B 85 -5.51 22.08 -63.56
N PHE B 86 -5.94 22.93 -62.63
CA PHE B 86 -6.71 22.50 -61.47
C PHE B 86 -8.09 23.14 -61.44
N GLU B 87 -8.62 23.53 -62.59
CA GLU B 87 -9.97 24.05 -62.63
C GLU B 87 -10.95 22.91 -62.38
N GLY B 88 -11.72 23.02 -61.31
CA GLY B 88 -12.41 21.83 -60.88
C GLY B 88 -11.36 20.81 -60.45
N ARG B 89 -11.77 19.55 -60.47
CA ARG B 89 -10.85 18.43 -60.25
C ARG B 89 -10.25 18.43 -58.86
N VAL B 90 -10.54 19.45 -58.05
CA VAL B 90 -9.92 19.61 -56.74
C VAL B 90 -11.01 19.99 -55.74
N VAL B 91 -11.01 19.30 -54.59
CA VAL B 91 -11.95 19.59 -53.52
C VAL B 91 -11.23 19.42 -52.18
N TRP B 92 -11.78 19.99 -51.10
CA TRP B 92 -11.12 19.94 -49.78
C TRP B 92 -11.38 18.65 -49.01
N ASN B 93 -10.37 18.20 -48.26
CA ASN B 93 -10.51 16.94 -47.52
C ASN B 93 -10.10 17.00 -46.07
N GLY B 94 -9.72 18.15 -45.57
CA GLY B 94 -9.22 18.23 -44.21
C GLY B 94 -10.25 18.29 -43.12
N SER B 95 -10.09 19.25 -42.22
CA SER B 95 -11.02 19.38 -41.12
C SER B 95 -12.21 20.25 -41.49
N ARG B 96 -13.38 19.90 -40.97
CA ARG B 96 -14.58 20.65 -41.31
C ARG B 96 -15.10 21.43 -40.11
N GLY B 97 -15.34 22.72 -40.30
CA GLY B 97 -15.86 23.57 -39.22
C GLY B 97 -15.10 23.51 -37.91
N THR B 98 -13.79 23.71 -37.95
CA THR B 98 -12.98 23.59 -36.74
C THR B 98 -12.06 24.78 -36.51
N LYS B 99 -11.62 25.44 -37.58
CA LYS B 99 -10.66 26.57 -37.48
C LYS B 99 -9.33 26.06 -36.92
N ASP B 100 -9.31 24.85 -36.36
CA ASP B 100 -8.10 24.24 -35.83
C ASP B 100 -7.87 22.99 -36.67
N LEU B 101 -7.21 23.17 -37.82
CA LEU B 101 -7.36 22.20 -38.90
C LEU B 101 -6.68 20.87 -38.57
N GLN B 102 -5.37 20.89 -38.38
CA GLN B 102 -4.58 19.68 -38.14
C GLN B 102 -4.63 18.68 -39.29
N ASP B 103 -5.22 19.03 -40.42
CA ASP B 103 -5.31 18.10 -41.55
C ASP B 103 -5.60 18.91 -42.79
N LEU B 104 -4.65 18.95 -43.71
CA LEU B 104 -4.74 19.84 -44.87
C LEU B 104 -4.83 19.06 -46.17
N SER B 105 -5.36 17.84 -46.12
CA SER B 105 -5.42 17.02 -47.31
C SER B 105 -6.36 17.63 -48.34
N ILE B 106 -6.07 17.40 -49.61
CA ILE B 106 -6.98 17.76 -50.68
C ILE B 106 -7.21 16.53 -51.54
N PHE B 107 -8.28 16.60 -52.34
CA PHE B 107 -8.75 15.46 -53.12
C PHE B 107 -8.77 15.87 -54.58
N ILE B 108 -8.16 15.05 -55.42
CA ILE B 108 -8.16 15.28 -56.86
C ILE B 108 -9.19 14.36 -57.49
N THR B 109 -10.02 14.91 -58.37
CA THR B 109 -10.95 14.12 -59.16
C THR B 109 -10.54 14.20 -60.63
N ASN B 110 -10.60 13.06 -61.31
CA ASN B 110 -10.25 12.98 -62.73
C ASN B 110 -8.80 13.43 -62.95
N VAL B 111 -7.87 12.66 -62.39
CA VAL B 111 -6.46 12.96 -62.54
C VAL B 111 -6.07 12.91 -64.00
N THR B 112 -5.28 13.88 -64.44
CA THR B 112 -4.73 13.90 -65.78
C THR B 112 -3.22 13.76 -65.71
N TYR B 113 -2.57 13.88 -66.86
CA TYR B 113 -1.12 13.80 -66.92
C TYR B 113 -0.43 15.11 -66.57
N ASN B 114 -1.17 16.20 -66.49
CA ASN B 114 -0.56 17.48 -66.14
C ASN B 114 -0.27 17.59 -64.65
N HIS B 115 -0.86 16.75 -63.83
CA HIS B 115 -0.73 16.87 -62.39
C HIS B 115 0.54 16.26 -61.85
N SER B 116 1.56 16.03 -62.66
CA SER B 116 2.77 15.37 -62.19
C SER B 116 3.82 16.42 -61.84
N GLY B 117 4.32 16.37 -60.61
CA GLY B 117 5.32 17.33 -60.19
C GLY B 117 5.54 17.28 -58.69
N ASP B 118 5.92 18.43 -58.15
CA ASP B 118 6.19 18.58 -56.73
C ASP B 118 5.12 19.45 -56.08
N TYR B 119 4.70 19.08 -54.88
CA TYR B 119 3.64 19.77 -54.17
C TYR B 119 4.15 20.34 -52.86
N GLU B 120 3.71 21.54 -52.52
CA GLU B 120 4.14 22.23 -51.31
C GLU B 120 2.93 22.59 -50.47
N CYS B 121 2.93 22.16 -49.22
CA CYS B 121 1.82 22.32 -48.29
C CYS B 121 2.27 23.21 -47.14
N HIS B 122 2.12 24.52 -47.31
CA HIS B 122 2.49 25.48 -46.28
C HIS B 122 1.38 25.60 -45.25
N VAL B 123 1.69 25.34 -44.00
CA VAL B 123 0.78 25.56 -42.88
C VAL B 123 1.17 26.85 -42.20
N TYR B 124 0.20 27.59 -41.70
CA TYR B 124 0.46 28.80 -40.93
C TYR B 124 -0.39 28.79 -39.67
N ARG B 125 0.09 28.13 -38.62
CA ARG B 125 -0.65 28.01 -37.38
C ARG B 125 -0.45 29.26 -36.55
N LEU B 126 -1.36 29.47 -35.61
CA LEU B 126 -1.28 30.62 -34.69
C LEU B 126 -1.81 30.16 -33.34
N LEU B 127 -0.90 29.73 -32.47
CA LEU B 127 -1.29 29.23 -31.16
C LEU B 127 -1.78 30.39 -30.30
N PHE B 128 -2.69 30.08 -29.38
CA PHE B 128 -3.22 31.05 -28.44
C PHE B 128 -2.87 30.61 -27.02
N PHE B 129 -2.17 31.46 -26.30
CA PHE B 129 -1.70 31.15 -24.96
C PHE B 129 -2.24 32.18 -23.97
N GLU B 130 -1.71 32.12 -22.73
CA GLU B 130 -2.19 33.00 -21.67
C GLU B 130 -2.08 34.46 -22.08
N ASN B 131 -0.87 34.94 -22.31
CA ASN B 131 -0.64 36.30 -22.78
C ASN B 131 0.37 36.28 -23.92
N TYR B 132 0.14 35.40 -24.88
CA TYR B 132 1.18 34.99 -25.80
C TYR B 132 0.52 34.44 -27.06
N GLU B 133 1.05 34.81 -28.22
CA GLU B 133 0.54 34.35 -29.50
C GLU B 133 1.71 34.06 -30.42
N HIS B 134 1.87 32.79 -30.80
CA HIS B 134 3.05 32.32 -31.52
C HIS B 134 2.66 31.93 -32.94
N ASN B 135 2.90 32.83 -33.89
CA ASN B 135 2.56 32.60 -35.30
C ASN B 135 3.61 31.67 -35.88
N THR B 136 3.26 30.39 -36.02
CA THR B 136 4.19 29.37 -36.51
C THR B 136 4.01 29.19 -38.01
N SER B 137 4.76 28.25 -38.58
CA SER B 137 4.67 27.90 -39.99
C SER B 137 5.43 26.60 -40.22
N VAL B 138 4.85 25.72 -41.02
CA VAL B 138 5.46 24.45 -41.40
C VAL B 138 5.39 24.33 -42.91
N VAL B 139 6.27 23.52 -43.47
CA VAL B 139 6.29 23.26 -44.91
C VAL B 139 6.35 21.76 -45.14
N LYS B 140 5.47 21.27 -45.98
CA LYS B 140 5.48 19.87 -46.39
C LYS B 140 5.55 19.80 -47.90
N LYS B 141 6.41 18.91 -48.41
CA LYS B 141 6.61 18.74 -49.83
C LYS B 141 6.20 17.32 -50.25
N ILE B 142 5.65 17.21 -51.45
CA ILE B 142 5.18 15.93 -51.97
C ILE B 142 5.58 15.84 -53.44
N HIS B 143 5.97 14.64 -53.86
CA HIS B 143 6.27 14.35 -55.26
C HIS B 143 5.18 13.47 -55.84
N ILE B 144 4.62 13.87 -56.98
CA ILE B 144 3.49 13.18 -57.58
C ILE B 144 3.86 12.80 -59.01
N GLU B 145 3.84 11.50 -59.30
CA GLU B 145 4.05 10.98 -60.64
C GLU B 145 2.78 10.29 -61.11
N VAL B 146 2.32 10.65 -62.30
CA VAL B 146 1.08 10.12 -62.86
C VAL B 146 1.44 8.94 -63.75
N VAL B 147 0.91 7.76 -63.43
CA VAL B 147 1.15 6.57 -64.21
C VAL B 147 -0.11 6.25 -65.01
N ASP B 148 0.01 5.28 -65.90
CA ASP B 148 -1.14 4.86 -66.69
C ASP B 148 -1.91 3.73 -66.03
N LYS B 149 -1.26 2.95 -65.16
CA LYS B 149 -1.93 1.87 -64.47
C LYS B 149 -1.24 1.63 -63.15
N ALA B 150 -2.01 1.39 -62.10
CA ALA B 150 -1.45 1.20 -60.76
C ALA B 150 -0.52 0.01 -60.75
N ASN B 151 0.76 0.27 -60.51
CA ASN B 151 1.76 -0.80 -60.41
C ASN B 151 1.78 -1.31 -58.97
N ARG B 152 1.51 -2.59 -58.79
CA ARG B 152 1.48 -3.16 -57.45
C ARG B 152 2.84 -3.02 -56.78
N ASP B 153 2.82 -2.78 -55.48
CA ASP B 153 4.05 -2.46 -54.76
C ASP B 153 5.04 -3.60 -54.83
N MET B 154 6.32 -3.23 -54.83
CA MET B 154 7.38 -4.24 -54.75
C MET B 154 7.30 -5.00 -53.43
N ALA B 155 7.11 -4.29 -52.33
CA ALA B 155 7.03 -4.95 -51.03
C ALA B 155 5.87 -5.92 -50.98
N SER B 156 4.74 -5.55 -51.56
CA SER B 156 3.57 -6.44 -51.56
C SER B 156 3.88 -7.74 -52.29
N ILE B 157 4.42 -7.64 -53.50
CA ILE B 157 4.63 -8.85 -54.30
C ILE B 157 5.74 -9.70 -53.68
N VAL B 158 6.79 -9.08 -53.18
CA VAL B 158 7.86 -9.89 -52.59
C VAL B 158 7.37 -10.55 -51.32
N SER B 159 6.52 -9.88 -50.56
CA SER B 159 5.98 -10.49 -49.35
C SER B 159 5.05 -11.65 -49.70
N GLU B 160 4.24 -11.50 -50.74
CA GLU B 160 3.38 -12.59 -51.16
C GLU B 160 4.20 -13.79 -51.61
N ILE B 161 5.24 -13.54 -52.40
CA ILE B 161 6.09 -14.63 -52.87
C ILE B 161 6.79 -15.30 -51.70
N MET B 162 7.27 -14.51 -50.74
CA MET B 162 7.92 -15.08 -49.58
C MET B 162 6.95 -15.92 -48.77
N MET B 163 5.72 -15.44 -48.61
CA MET B 163 4.69 -16.23 -47.93
C MET B 163 4.53 -17.58 -48.61
N TYR B 164 4.39 -17.57 -49.94
CA TYR B 164 4.17 -18.82 -50.64
C TYR B 164 5.36 -19.76 -50.51
N VAL B 165 6.58 -19.24 -50.69
CA VAL B 165 7.73 -20.13 -50.67
C VAL B 165 8.00 -20.64 -49.28
N LEU B 166 7.73 -19.83 -48.25
CA LEU B 166 7.86 -20.32 -46.89
C LEU B 166 6.86 -21.44 -46.63
N ILE B 167 5.61 -21.24 -47.03
CA ILE B 167 4.62 -22.30 -46.89
C ILE B 167 5.14 -23.57 -47.55
N VAL B 168 5.65 -23.45 -48.78
CA VAL B 168 6.05 -24.63 -49.52
C VAL B 168 7.23 -25.32 -48.87
N VAL B 169 8.22 -24.56 -48.38
CA VAL B 169 9.42 -25.18 -47.84
C VAL B 169 9.11 -25.84 -46.50
N LEU B 170 8.30 -25.19 -45.66
CA LEU B 170 7.95 -25.83 -44.40
C LEU B 170 7.13 -27.09 -44.65
N THR B 171 6.22 -27.04 -45.63
CA THR B 171 5.43 -28.22 -45.96
C THR B 171 6.33 -29.34 -46.48
N ILE B 172 7.34 -28.99 -47.28
CA ILE B 172 8.23 -30.01 -47.84
C ILE B 172 9.07 -30.64 -46.73
N TRP B 173 9.62 -29.81 -45.84
CA TRP B 173 10.37 -30.36 -44.71
C TRP B 173 9.49 -31.26 -43.88
N LEU B 174 8.24 -30.84 -43.65
CA LEU B 174 7.29 -31.66 -42.92
C LEU B 174 7.13 -33.02 -43.58
N VAL B 175 6.82 -33.04 -44.88
CA VAL B 175 6.55 -34.30 -45.55
C VAL B 175 7.81 -35.16 -45.61
N ALA B 176 8.98 -34.54 -45.73
CA ALA B 176 10.22 -35.30 -45.77
C ALA B 176 10.46 -36.00 -44.44
N GLU B 177 10.41 -35.25 -43.35
CA GLU B 177 10.54 -35.88 -42.05
C GLU B 177 9.47 -36.93 -41.85
N MET B 178 8.27 -36.69 -42.40
CA MET B 178 7.18 -37.64 -42.23
C MET B 178 7.50 -38.96 -42.92
N ILE B 179 7.92 -38.92 -44.17
CA ILE B 179 8.19 -40.16 -44.89
C ILE B 179 9.38 -40.87 -44.27
N TYR B 180 10.40 -40.11 -43.85
CA TYR B 180 11.56 -40.75 -43.23
C TYR B 180 11.17 -41.48 -41.95
N CYS B 181 10.49 -40.78 -41.04
CA CYS B 181 10.06 -41.42 -39.80
C CYS B 181 9.10 -42.57 -40.06
N TYR B 182 8.24 -42.46 -41.08
CA TYR B 182 7.31 -43.53 -41.36
C TYR B 182 8.04 -44.79 -41.80
N LYS B 183 8.96 -44.66 -42.75
CA LYS B 183 9.76 -45.80 -43.16
C LYS B 183 10.49 -46.38 -41.97
N LYS B 184 11.06 -45.53 -41.12
CA LYS B 184 11.81 -46.01 -39.96
C LYS B 184 10.93 -46.83 -39.04
N ILE B 185 9.74 -46.31 -38.70
CA ILE B 185 8.89 -47.00 -37.74
C ILE B 185 8.32 -48.28 -38.34
N ALA B 186 7.97 -48.26 -39.64
CA ALA B 186 7.45 -49.47 -40.24
C ALA B 186 8.52 -50.55 -40.35
N ALA B 187 9.77 -50.16 -40.53
CA ALA B 187 10.84 -51.14 -40.53
C ALA B 187 11.11 -51.68 -39.14
N ALA B 188 11.06 -50.80 -38.13
CA ALA B 188 11.38 -51.23 -36.77
C ALA B 188 10.30 -52.11 -36.19
N THR B 189 9.03 -51.82 -36.47
CA THR B 189 7.95 -52.67 -35.97
C THR B 189 8.00 -54.05 -36.59
N GLU B 190 8.38 -54.13 -37.87
CA GLU B 190 8.57 -55.43 -38.51
C GLU B 190 9.84 -56.11 -38.03
N THR B 191 10.80 -55.35 -37.52
CA THR B 191 12.00 -55.95 -36.94
C THR B 191 11.67 -56.81 -35.72
N ALA B 192 10.60 -56.50 -35.01
CA ALA B 192 10.17 -57.31 -33.88
C ALA B 192 9.11 -58.31 -34.32
N MET C 30 -6.06 39.43 14.60
CA MET C 30 -4.62 39.59 14.53
C MET C 30 -4.10 40.02 15.90
N GLU C 31 -3.14 39.27 16.42
CA GLU C 31 -2.53 39.61 17.69
C GLU C 31 -1.57 40.78 17.49
N VAL C 32 -1.81 41.86 18.22
CA VAL C 32 -0.96 43.05 18.21
C VAL C 32 -0.50 43.29 19.64
N THR C 33 0.81 43.39 19.82
CA THR C 33 1.41 43.52 21.14
C THR C 33 1.87 44.95 21.33
N VAL C 34 1.28 45.64 22.29
CA VAL C 34 1.67 46.99 22.69
C VAL C 34 1.54 47.09 24.20
N PRO C 35 2.22 48.06 24.81
CA PRO C 35 1.97 48.37 26.22
C PRO C 35 0.67 49.15 26.34
N ALA C 36 -0.22 48.68 27.21
CA ALA C 36 -1.49 49.40 27.38
C ALA C 36 -1.26 50.80 27.93
N THR C 37 -0.27 50.96 28.82
CA THR C 37 0.11 52.25 29.37
C THR C 37 1.60 52.41 29.17
N LEU C 38 2.02 53.58 28.73
CA LEU C 38 3.43 53.89 28.55
C LEU C 38 3.69 55.22 29.23
N ASN C 39 4.55 55.20 30.25
CA ASN C 39 4.87 56.36 31.06
C ASN C 39 6.25 56.84 30.70
N VAL C 40 6.36 58.09 30.27
CA VAL C 40 7.60 58.64 29.76
C VAL C 40 7.85 60.01 30.39
N LEU C 41 9.10 60.29 30.74
CA LEU C 41 9.45 61.57 31.31
C LEU C 41 9.41 62.66 30.25
N ASN C 42 8.90 63.80 30.63
CA ASN C 42 8.94 64.97 29.78
C ASN C 42 10.36 65.24 29.29
N GLY C 43 10.52 65.41 27.99
CA GLY C 43 11.82 65.69 27.40
C GLY C 43 12.57 64.47 26.92
N SER C 44 12.20 63.27 27.37
CA SER C 44 12.85 62.06 26.91
CA SER C 44 12.86 62.07 26.90
C SER C 44 12.23 61.60 25.59
N ASP C 45 12.85 60.60 24.99
CA ASP C 45 12.32 59.99 23.77
C ASP C 45 11.41 58.84 24.17
N ALA C 46 10.26 58.75 23.50
CA ALA C 46 9.28 57.70 23.79
C ALA C 46 9.18 56.81 22.57
N ARG C 47 9.65 55.57 22.69
CA ARG C 47 9.38 54.57 21.67
C ARG C 47 8.04 53.93 21.99
N LEU C 48 7.13 53.99 21.04
CA LEU C 48 5.84 53.34 21.16
C LEU C 48 5.97 51.97 20.50
N PRO C 49 6.17 50.91 21.29
CA PRO C 49 6.41 49.60 20.68
C PRO C 49 5.13 48.99 20.15
N CYS C 50 5.22 48.37 18.97
CA CYS C 50 4.09 47.66 18.41
C CYS C 50 4.61 46.58 17.47
N THR C 51 4.35 45.33 17.81
CA THR C 51 4.63 44.20 16.93
C THR C 51 3.33 43.44 16.69
N PHE C 52 3.25 42.65 15.62
CA PHE C 52 1.99 41.93 15.30
C PHE C 52 2.28 40.52 14.78
N ASN C 53 1.54 39.52 15.24
CA ASN C 53 1.84 38.16 14.83
C ASN C 53 1.01 37.74 13.62
N SER C 54 1.46 38.13 12.43
CA SER C 54 0.77 37.70 11.21
C SER C 54 1.64 36.71 10.50
N CYS C 55 1.13 35.52 10.26
CA CYS C 55 1.91 34.46 9.64
C CYS C 55 2.35 34.78 8.21
N TYR C 56 1.48 35.42 7.43
CA TYR C 56 1.81 35.73 6.05
C TYR C 56 2.96 36.72 5.97
N THR C 57 3.84 36.53 4.99
CA THR C 57 4.98 37.43 4.82
C THR C 57 4.54 38.84 4.48
N VAL C 58 5.27 39.83 5.00
CA VAL C 58 4.89 41.22 4.78
C VAL C 58 5.24 41.69 3.37
N ASN C 59 4.23 41.89 2.55
CA ASN C 59 4.44 42.37 1.18
C ASN C 59 4.33 43.89 1.21
N HIS C 60 5.46 44.58 1.00
CA HIS C 60 5.44 46.03 1.08
C HIS C 60 4.51 46.67 0.06
N LYS C 61 4.16 45.96 -1.01
CA LYS C 61 3.24 46.53 -2.00
C LYS C 61 1.78 46.46 -1.58
N GLN C 62 1.47 45.71 -0.52
CA GLN C 62 0.10 45.56 -0.05
C GLN C 62 -0.06 45.86 1.43
N PHE C 63 1.00 45.78 2.23
CA PHE C 63 0.91 46.02 3.66
C PHE C 63 0.39 47.42 3.95
N SER C 64 -0.43 47.54 4.99
CA SER C 64 -1.02 48.81 5.37
C SER C 64 -0.83 49.03 6.86
N LEU C 65 -0.38 50.24 7.22
CA LEU C 65 -0.24 50.65 8.61
C LEU C 65 -0.74 52.08 8.74
N ASN C 66 -1.57 52.33 9.75
CA ASN C 66 -1.98 53.69 10.09
C ASN C 66 -1.74 53.88 11.58
N TRP C 67 -1.01 54.94 11.92
CA TRP C 67 -0.74 55.25 13.31
C TRP C 67 -1.51 56.52 13.61
N THR C 68 -2.59 56.39 14.36
CA THR C 68 -3.43 57.56 14.66
C THR C 68 -3.29 57.99 16.11
N TYR C 69 -3.83 59.16 16.42
CA TYR C 69 -3.77 59.67 17.80
C TYR C 69 -5.02 60.42 18.22
N GLN C 70 -5.61 60.03 19.34
CA GLN C 70 -6.77 60.75 19.87
C GLN C 70 -6.47 61.22 21.28
N GLU C 71 -7.26 62.16 21.77
CA GLU C 71 -7.03 62.70 23.11
C GLU C 71 -7.81 61.91 24.15
N CYS C 72 -8.90 61.28 23.73
CA CYS C 72 -9.72 60.50 24.64
C CYS C 72 -10.45 59.43 23.83
N ASN C 73 -10.99 58.44 24.54
CA ASN C 73 -11.63 57.31 23.85
C ASN C 73 -12.79 57.75 22.97
N ASN C 74 -13.42 58.87 23.31
CA ASN C 74 -14.58 59.36 22.57
C ASN C 74 -14.26 60.66 21.84
N CYS C 75 -12.99 60.88 21.51
CA CYS C 75 -12.48 62.07 20.86
C CYS C 75 -12.03 61.75 19.43
N SER C 76 -11.69 62.79 18.67
CA SER C 76 -11.32 62.58 17.28
C SER C 76 -9.92 62.03 17.08
N GLU C 77 -9.77 61.09 16.14
CA GLU C 77 -8.47 60.52 15.83
C GLU C 77 -7.80 61.34 14.73
N GLU C 78 -6.50 61.59 14.90
CA GLU C 78 -5.68 62.31 13.94
C GLU C 78 -4.59 61.37 13.44
N MET C 79 -4.65 60.99 12.15
CA MET C 79 -3.61 60.14 11.58
C MET C 79 -2.32 60.94 11.49
N PHE C 80 -1.22 60.35 11.96
CA PHE C 80 0.06 61.05 11.89
C PHE C 80 1.14 60.32 11.13
N LEU C 81 0.99 59.03 10.86
CA LEU C 81 1.95 58.29 10.07
C LEU C 81 1.22 57.15 9.40
N GLN C 82 1.59 56.85 8.15
CA GLN C 82 0.90 55.80 7.40
C GLN C 82 1.83 55.08 6.43
N PHE C 83 1.78 53.75 6.40
CA PHE C 83 2.57 53.00 5.43
C PHE C 83 1.79 52.70 4.17
N ARG C 84 2.00 53.49 3.12
CA ARG C 84 1.37 53.20 1.84
C ARG C 84 2.51 53.18 0.85
N MET C 85 2.91 52.00 0.38
CA MET C 85 4.08 51.84 -0.50
C MET C 85 5.34 52.18 0.32
N LYS C 86 5.43 53.39 0.85
CA LYS C 86 6.54 53.74 1.72
C LYS C 86 6.06 54.53 2.94
N ILE C 87 6.89 54.62 3.97
CA ILE C 87 6.53 55.42 5.15
C ILE C 87 6.12 56.85 4.81
N ILE C 88 4.90 57.22 5.15
CA ILE C 88 4.41 58.58 4.91
C ILE C 88 4.24 59.21 6.29
N ASN C 89 5.05 60.22 6.59
CA ASN C 89 4.92 60.98 7.82
C ASN C 89 4.09 62.22 7.50
N LEU C 90 2.92 62.34 8.14
CA LEU C 90 2.02 63.44 7.80
C LEU C 90 2.46 64.77 8.38
N LYS C 91 3.45 64.77 9.28
CA LYS C 91 4.02 66.00 9.80
C LYS C 91 2.94 66.89 10.44
N LEU C 92 2.10 66.29 11.29
CA LEU C 92 1.07 67.05 11.96
C LEU C 92 1.68 68.17 12.78
N GLU C 93 1.04 69.34 12.75
CA GLU C 93 1.56 70.48 13.49
C GLU C 93 1.70 70.15 14.97
N ARG C 94 0.80 69.34 15.53
CA ARG C 94 0.84 69.08 16.96
C ARG C 94 2.10 68.34 17.39
N PHE C 95 2.78 67.66 16.47
CA PHE C 95 4.00 66.94 16.82
C PHE C 95 5.27 67.63 16.34
N GLN C 96 5.15 68.73 15.60
CA GLN C 96 6.31 69.37 14.97
C GLN C 96 6.96 68.33 14.07
N ASP C 97 8.26 68.11 14.18
CA ASP C 97 8.96 67.08 13.42
C ASP C 97 9.53 66.03 14.37
N ARG C 98 8.80 65.75 15.44
CA ARG C 98 9.28 64.85 16.48
C ARG C 98 8.89 63.40 16.27
N VAL C 99 7.97 63.11 15.32
CA VAL C 99 7.58 61.74 15.02
C VAL C 99 8.59 61.11 14.06
N GLU C 100 8.97 59.87 14.35
CA GLU C 100 9.77 59.06 13.44
C GLU C 100 9.22 57.64 13.44
N PHE C 101 9.29 56.99 12.29
CA PHE C 101 9.08 55.55 12.29
C PHE C 101 10.27 54.88 12.95
N SER C 102 10.01 53.82 13.69
CA SER C 102 11.05 53.13 14.42
C SER C 102 10.87 51.62 14.36
N GLY C 103 10.28 51.14 13.27
CA GLY C 103 10.02 49.73 13.11
C GLY C 103 10.69 49.13 11.90
N ASN C 104 10.17 48.00 11.47
CA ASN C 104 10.69 47.21 10.37
C ASN C 104 9.56 46.28 9.97
N PRO C 105 8.74 46.67 8.99
CA PRO C 105 7.53 45.87 8.71
C PRO C 105 7.82 44.42 8.38
N SER C 106 8.89 44.14 7.64
CA SER C 106 9.19 42.76 7.27
CA SER C 106 9.20 42.76 7.27
C SER C 106 9.49 41.90 8.50
N LYS C 107 9.93 42.52 9.59
CA LYS C 107 10.15 41.84 10.85
C LYS C 107 8.95 42.01 11.80
N TYR C 108 7.80 42.42 11.27
CA TYR C 108 6.55 42.46 12.04
C TYR C 108 6.60 43.50 13.14
N ASP C 109 7.38 44.56 12.95
CA ASP C 109 7.53 45.63 13.93
C ASP C 109 7.11 46.93 13.27
N VAL C 110 6.12 47.59 13.86
CA VAL C 110 5.59 48.85 13.31
C VAL C 110 5.70 49.98 14.32
N SER C 111 6.69 49.91 15.21
CA SER C 111 6.85 50.88 16.27
CA SER C 111 6.84 50.88 16.27
C SER C 111 7.14 52.27 15.72
N VAL C 112 6.79 53.27 16.53
CA VAL C 112 7.11 54.66 16.21
C VAL C 112 7.88 55.25 17.39
N MET C 113 8.54 56.36 17.12
CA MET C 113 9.34 57.09 18.08
C MET C 113 8.82 58.51 18.15
N LEU C 114 8.62 59.01 19.36
CA LEU C 114 8.27 60.40 19.56
C LEU C 114 9.43 61.04 20.33
N ARG C 115 10.22 61.84 19.64
CA ARG C 115 11.39 62.44 20.26
C ARG C 115 10.98 63.58 21.19
N ASN C 116 11.77 63.75 22.26
CA ASN C 116 11.69 64.92 23.12
C ASN C 116 10.23 65.20 23.52
N VAL C 117 9.65 64.20 24.22
CA VAL C 117 8.23 64.20 24.52
C VAL C 117 7.84 65.46 25.28
N GLN C 118 6.68 66.01 24.93
CA GLN C 118 6.11 67.19 25.57
C GLN C 118 4.83 66.83 26.31
N PRO C 119 4.41 67.64 27.29
CA PRO C 119 3.18 67.29 28.03
C PRO C 119 1.96 67.14 27.15
N GLU C 120 1.86 67.91 26.06
CA GLU C 120 0.69 67.82 25.19
C GLU C 120 0.63 66.51 24.41
N ASP C 121 1.72 65.73 24.41
CA ASP C 121 1.71 64.43 23.72
C ASP C 121 0.91 63.39 24.49
N GLU C 122 0.58 63.64 25.76
CA GLU C 122 -0.25 62.71 26.49
C GLU C 122 -1.54 62.43 25.73
N GLY C 123 -1.92 61.16 25.68
CA GLY C 123 -3.15 60.77 25.01
C GLY C 123 -3.09 59.32 24.56
N ILE C 124 -3.92 59.01 23.56
CA ILE C 124 -4.09 57.64 23.07
C ILE C 124 -3.49 57.54 21.68
N TYR C 125 -2.65 56.53 21.46
CA TYR C 125 -2.06 56.29 20.15
C TYR C 125 -2.47 54.92 19.63
N ASN C 126 -2.87 54.83 18.36
CA ASN C 126 -3.37 53.56 17.82
C ASN C 126 -2.59 52.98 16.64
N CYS C 127 -2.11 51.74 16.75
CA CYS C 127 -1.45 51.09 15.59
C CYS C 127 -2.43 50.18 14.82
N TYR C 128 -2.87 50.61 13.63
CA TYR C 128 -3.78 49.80 12.79
C TYR C 128 -2.94 49.05 11.79
N ILE C 129 -3.30 47.79 11.51
CA ILE C 129 -2.41 46.97 10.68
C ILE C 129 -3.25 46.07 9.79
N MET C 130 -2.93 46.07 8.49
CA MET C 130 -3.49 45.09 7.57
C MET C 130 -2.33 44.46 6.81
N ASN C 131 -2.32 43.13 6.74
CA ASN C 131 -1.27 42.37 6.09
C ASN C 131 -1.94 41.40 5.11
N PRO C 132 -2.42 41.91 3.96
CA PRO C 132 -3.06 41.04 2.98
C PRO C 132 -2.15 39.88 2.57
N PRO C 133 -2.71 38.68 2.34
CA PRO C 133 -4.14 38.34 2.31
C PRO C 133 -4.70 37.93 3.66
N ASP C 134 -3.97 38.16 4.75
CA ASP C 134 -4.52 37.92 6.08
C ASP C 134 -5.81 38.72 6.21
N ARG C 135 -6.87 38.05 6.65
CA ARG C 135 -8.19 38.66 6.62
C ARG C 135 -8.36 39.72 7.71
N HIS C 136 -7.88 39.44 8.91
CA HIS C 136 -8.20 40.27 10.07
C HIS C 136 -7.26 41.46 10.20
N ARG C 137 -7.85 42.62 10.50
CA ARG C 137 -7.13 43.85 10.75
C ARG C 137 -6.72 43.89 12.22
N GLY C 138 -5.50 44.34 12.48
CA GLY C 138 -5.00 44.45 13.83
C GLY C 138 -5.14 45.87 14.37
N HIS C 139 -5.25 45.97 15.69
CA HIS C 139 -5.38 47.27 16.34
C HIS C 139 -4.68 47.22 17.69
N GLY C 140 -3.66 48.06 17.87
CA GLY C 140 -3.03 48.25 19.17
C GLY C 140 -3.34 49.64 19.67
N LYS C 141 -3.52 49.77 20.98
CA LYS C 141 -3.85 51.04 21.60
C LYS C 141 -2.94 51.27 22.80
N ILE C 142 -2.22 52.39 22.79
CA ILE C 142 -1.30 52.76 23.86
C ILE C 142 -1.78 54.05 24.51
N HIS C 143 -1.84 54.07 25.83
CA HIS C 143 -2.10 55.29 26.57
C HIS C 143 -0.76 55.84 27.03
N LEU C 144 -0.35 56.95 26.41
CA LEU C 144 0.93 57.58 26.73
C LEU C 144 0.69 58.62 27.80
N GLN C 145 1.42 58.52 28.91
CA GLN C 145 1.35 59.48 30.00
C GLN C 145 2.71 60.16 30.14
N VAL C 146 2.70 61.48 30.35
CA VAL C 146 3.92 62.26 30.40
C VAL C 146 4.18 62.66 31.85
N LEU C 147 5.30 62.22 32.38
CA LEU C 147 5.69 62.47 33.76
C LEU C 147 6.53 63.74 33.84
N MET C 148 6.55 64.34 35.04
CA MET C 148 7.30 65.56 35.29
C MET C 148 8.78 65.34 35.07
#